data_8JF2
#
_entry.id   8JF2
#
_cell.length_a   1.00
_cell.length_b   1.00
_cell.length_c   1.00
_cell.angle_alpha   90.00
_cell.angle_beta   90.00
_cell.angle_gamma   90.00
#
_symmetry.space_group_name_H-M   'P 1'
#
loop_
_entity.id
_entity.type
_entity.pdbx_description
1 polymer 'Teichoic acid D-alanyltransferase'
2 polymer 'D-alanyl carrier protein'
3 non-polymer '(1S)-2-{[{[(2R)-2,3-DIHYDROXYPROPYL]OXY}(HYDROXY)PHOSPHORYL]OXY}-1-[(PALMITOYLOXY)METHYL]ETHYL STEARATE'
4 non-polymer DODECYL-BETA-D-MALTOSIDE
5 non-polymer 'DIACYL GLYCEROL'
#
loop_
_entity_poly.entity_id
_entity_poly.type
_entity_poly.pdbx_seq_one_letter_code
_entity_poly.pdbx_strand_id
1 'polypeptide(L)'
;MGSSHHHHHHNYDIPTTENLYFQGSMIDFLKQLPHLEPYGNPFYFIYLGIALLPIFIGLFFKKRFAIYECLVSITFIVLA
LTGTHASQILALLFYIVWQIIWVYSYKRYRSQRDNKWVFYLHSFLVVLPLILVKVEPTINGTQSLLNFLGISYLTFRAVG
MIIEMRDGVLKEFTLGEFLRFMLFMPTFTSGPIDRFKRFNEDYQSIPNRDELLNMLEQAVKYIMLGFLYKFVLAQIFGSM
LLPPLKAQALSQGGIFNLPTLGVMYVYGFDLFFDFAGYSMFALAVSNLMGIKSPINFDKPFISRDMKEFWNRWHMSLSFW
FRDFVFMRLVIVLMRNKVFKNRNTTSNVAYIINMMVMGFWHGITWYYIAYGIFHGIGLVINDAWLRKKKTINKDRKKAGL
KPLPENKWTKALGIFITFNTVMLSFLIFSGFLNDLWFTKK
;
A,B,C,D
2 'polypeptide(L)' MDVKAEVIEIIDELFMEDVSDMMDEDLFDAGVLDSMGTVELIVELESRFDIRVPVSEFGRDDWNTANKIVEGVTELRNA F,G,H,I
#
# COMPACT_ATOMS: atom_id res chain seq x y z
N GLY A 24 0.93 -24.79 29.36
CA GLY A 24 1.52 -24.53 30.66
C GLY A 24 2.28 -23.22 30.72
N SER A 25 2.33 -22.62 31.91
CA SER A 25 3.03 -21.36 32.14
C SER A 25 4.34 -21.65 32.84
N MET A 26 5.44 -21.62 32.09
CA MET A 26 6.77 -21.88 32.62
C MET A 26 7.79 -21.35 31.63
N ILE A 27 9.06 -21.74 31.81
CA ILE A 27 10.09 -21.42 30.83
C ILE A 27 9.75 -22.01 29.48
N ASP A 28 8.99 -23.11 29.47
CA ASP A 28 8.53 -23.69 28.20
C ASP A 28 7.70 -22.68 27.41
N PHE A 29 6.92 -21.85 28.11
CA PHE A 29 6.16 -20.81 27.41
C PHE A 29 7.08 -19.85 26.69
N LEU A 30 8.17 -19.43 27.35
CA LEU A 30 9.14 -18.56 26.68
C LEU A 30 9.78 -19.28 25.49
N LYS A 31 10.12 -20.56 25.67
CA LYS A 31 10.77 -21.30 24.59
C LYS A 31 9.85 -21.50 23.40
N GLN A 32 8.53 -21.50 23.63
CA GLN A 32 7.58 -21.64 22.53
C GLN A 32 7.61 -20.43 21.59
N LEU A 33 8.14 -19.30 22.05
CA LEU A 33 8.13 -18.09 21.25
C LEU A 33 9.02 -18.25 20.01
N PRO A 34 8.75 -17.49 18.95
CA PRO A 34 9.61 -17.54 17.77
C PRO A 34 11.02 -17.07 18.09
N HIS A 35 11.99 -17.65 17.39
CA HIS A 35 13.40 -17.36 17.59
C HIS A 35 14.02 -16.91 16.27
N LEU A 36 14.66 -15.74 16.29
CA LEU A 36 15.36 -15.21 15.13
C LEU A 36 16.82 -15.00 15.49
N GLU A 37 17.71 -15.69 14.80
CA GLU A 37 19.13 -15.46 15.00
C GLU A 37 19.47 -14.04 14.57
N PRO A 38 20.20 -13.27 15.38
CA PRO A 38 20.49 -11.89 14.99
C PRO A 38 21.41 -11.81 13.79
N TYR A 39 20.86 -11.36 12.66
CA TYR A 39 21.57 -11.31 11.38
C TYR A 39 22.07 -12.70 10.99
N GLY A 40 21.12 -13.61 10.82
CA GLY A 40 21.44 -14.98 10.47
C GLY A 40 21.03 -15.37 9.07
N ASN A 41 19.95 -14.77 8.57
CA ASN A 41 19.44 -15.06 7.24
C ASN A 41 18.95 -13.78 6.59
N PRO A 42 18.96 -13.69 5.26
CA PRO A 42 18.43 -12.49 4.60
C PRO A 42 16.97 -12.20 4.90
N PHE A 43 16.17 -13.23 5.18
CA PHE A 43 14.78 -12.98 5.53
C PHE A 43 14.67 -12.20 6.83
N TYR A 44 15.59 -12.44 7.76
CA TYR A 44 15.70 -11.56 8.92
C TYR A 44 15.89 -10.13 8.46
N PHE A 45 16.65 -9.92 7.38
CA PHE A 45 16.90 -8.56 6.92
C PHE A 45 15.68 -7.95 6.28
N ILE A 46 14.87 -8.72 5.56
CA ILE A 46 13.65 -8.14 5.01
C ILE A 46 12.67 -7.81 6.13
N TYR A 47 12.60 -8.66 7.16
CA TYR A 47 11.78 -8.33 8.32
C TYR A 47 12.24 -7.02 8.95
N LEU A 48 13.55 -6.89 9.16
CA LEU A 48 14.09 -5.70 9.81
C LEU A 48 13.88 -4.46 8.95
N GLY A 49 14.04 -4.59 7.63
CA GLY A 49 13.81 -3.46 6.75
C GLY A 49 12.37 -2.99 6.76
N ILE A 50 11.43 -3.95 6.72
CA ILE A 50 10.02 -3.58 6.81
C ILE A 50 9.72 -2.91 8.14
N ALA A 51 10.30 -3.42 9.22
CA ALA A 51 10.06 -2.83 10.54
C ALA A 51 10.63 -1.43 10.63
N LEU A 52 11.81 -1.19 10.09
CA LEU A 52 12.52 0.07 10.27
C LEU A 52 12.24 1.09 9.19
N LEU A 53 11.48 0.75 8.15
CA LEU A 53 11.13 1.77 7.15
C LEU A 53 10.35 2.93 7.75
N PRO A 54 9.29 2.72 8.54
CA PRO A 54 8.54 3.88 9.06
C PRO A 54 9.37 4.82 9.91
N ILE A 55 10.25 4.29 10.77
CA ILE A 55 11.04 5.17 11.62
C ILE A 55 12.04 5.97 10.79
N PHE A 56 12.63 5.35 9.77
CA PHE A 56 13.54 6.08 8.91
C PHE A 56 12.83 7.19 8.15
N ILE A 57 11.65 6.89 7.60
CA ILE A 57 10.90 7.90 6.86
C ILE A 57 10.51 9.04 7.80
N GLY A 58 10.08 8.71 9.02
CA GLY A 58 9.74 9.76 9.98
C GLY A 58 10.94 10.61 10.35
N LEU A 59 12.09 9.97 10.57
CA LEU A 59 13.31 10.70 10.86
C LEU A 59 13.72 11.59 9.69
N PHE A 60 13.31 11.25 8.48
CA PHE A 60 13.61 12.08 7.33
C PHE A 60 13.10 13.51 7.52
N PHE A 61 11.92 13.67 8.10
CA PHE A 61 11.31 14.97 8.32
C PHE A 61 11.64 15.54 9.69
N LYS A 62 12.73 15.09 10.30
CA LYS A 62 13.23 15.65 11.56
C LYS A 62 12.22 15.49 12.68
N LYS A 63 11.70 14.28 12.84
CA LYS A 63 10.85 13.94 13.97
C LYS A 63 11.11 12.50 14.38
N ARG A 64 10.87 12.20 15.64
CA ARG A 64 11.14 10.88 16.22
C ARG A 64 9.88 10.34 16.88
N PHE A 65 9.74 9.02 16.85
CA PHE A 65 8.55 8.35 17.34
C PHE A 65 8.67 7.83 18.76
N ALA A 66 9.88 7.46 19.18
CA ALA A 66 10.14 7.02 20.55
C ALA A 66 9.39 5.74 20.89
N ILE A 67 8.06 5.82 20.98
CA ILE A 67 7.28 4.65 21.40
C ILE A 67 7.41 3.52 20.39
N TYR A 68 7.34 3.84 19.09
CA TYR A 68 7.53 2.82 18.07
C TYR A 68 8.93 2.22 18.14
N GLU A 69 9.94 3.07 18.36
CA GLU A 69 11.31 2.59 18.48
C GLU A 69 11.45 1.61 19.63
N CYS A 70 10.84 1.93 20.78
CA CYS A 70 10.94 1.05 21.93
C CYS A 70 10.29 -0.30 21.65
N LEU A 71 9.12 -0.29 21.02
CA LEU A 71 8.45 -1.55 20.71
C LEU A 71 9.28 -2.39 19.73
N VAL A 72 9.81 -1.76 18.67
CA VAL A 72 10.60 -2.51 17.69
C VAL A 72 11.86 -3.07 18.36
N SER A 73 12.54 -2.26 19.15
CA SER A 73 13.75 -2.73 19.80
C SER A 73 13.46 -3.90 20.73
N ILE A 74 12.39 -3.80 21.53
CA ILE A 74 12.10 -4.87 22.48
C ILE A 74 11.66 -6.13 21.76
N THR A 75 10.86 -6.01 20.70
CA THR A 75 10.41 -7.21 20.01
C THR A 75 11.58 -7.92 19.33
N PHE A 76 12.51 -7.16 18.74
CA PHE A 76 13.65 -7.83 18.11
C PHE A 76 14.61 -8.39 19.15
N ILE A 77 14.75 -7.71 20.29
CA ILE A 77 15.59 -8.24 21.36
C ILE A 77 15.03 -9.57 21.85
N VAL A 78 13.74 -9.62 22.15
CA VAL A 78 13.17 -10.87 22.67
C VAL A 78 13.16 -11.94 21.61
N LEU A 79 12.98 -11.57 20.34
CA LEU A 79 13.06 -12.57 19.27
C LEU A 79 14.45 -13.16 19.18
N ALA A 80 15.48 -12.33 19.32
CA ALA A 80 16.85 -12.85 19.32
C ALA A 80 17.18 -13.62 20.58
N LEU A 81 16.43 -13.41 21.67
CA LEU A 81 16.76 -14.02 22.94
C LEU A 81 15.94 -15.26 23.25
N THR A 82 14.75 -15.42 22.67
CA THR A 82 13.87 -16.55 22.97
C THR A 82 14.29 -17.76 22.11
N GLY A 83 15.40 -18.35 22.49
CA GLY A 83 15.94 -19.51 21.81
C GLY A 83 15.68 -20.79 22.56
N THR A 84 16.58 -21.76 22.38
CA THR A 84 16.48 -23.00 23.14
C THR A 84 16.59 -22.75 24.63
N HIS A 85 17.52 -21.88 25.04
CA HIS A 85 17.61 -21.45 26.43
C HIS A 85 17.11 -20.01 26.51
N ALA A 86 15.80 -19.87 26.67
CA ALA A 86 15.18 -18.57 26.79
C ALA A 86 15.14 -18.06 28.22
N SER A 87 15.52 -18.88 29.19
CA SER A 87 15.55 -18.43 30.58
C SER A 87 16.44 -17.22 30.75
N GLN A 88 17.42 -17.04 29.86
CA GLN A 88 18.29 -15.88 29.91
C GLN A 88 17.48 -14.58 29.92
N ILE A 89 16.34 -14.56 29.24
CA ILE A 89 15.52 -13.34 29.21
C ILE A 89 15.22 -12.89 30.62
N LEU A 90 14.78 -13.83 31.47
CA LEU A 90 14.53 -13.50 32.86
C LEU A 90 15.78 -12.88 33.49
N ALA A 91 16.92 -13.58 33.34
CA ALA A 91 18.18 -13.03 33.82
C ALA A 91 18.42 -11.65 33.25
N LEU A 92 18.17 -11.47 31.95
CA LEU A 92 18.36 -10.16 31.33
C LEU A 92 17.63 -9.09 32.12
N LEU A 93 16.36 -9.34 32.44
CA LEU A 93 15.59 -8.35 33.18
C LEU A 93 16.30 -7.98 34.46
N PHE A 94 16.69 -8.98 35.25
CA PHE A 94 17.41 -8.71 36.49
C PHE A 94 18.58 -7.79 36.20
N TYR A 95 19.37 -8.14 35.18
CA TYR A 95 20.56 -7.34 34.87
C TYR A 95 20.19 -5.87 34.71
N ILE A 96 19.20 -5.57 33.86
CA ILE A 96 18.91 -4.16 33.61
C ILE A 96 18.49 -3.50 34.92
N VAL A 97 17.62 -4.16 35.68
CA VAL A 97 17.23 -3.61 36.97
C VAL A 97 18.46 -3.38 37.83
N TRP A 98 19.34 -4.40 37.88
CA TRP A 98 20.57 -4.27 38.64
C TRP A 98 21.31 -3.01 38.26
N GLN A 99 21.52 -2.81 36.96
CA GLN A 99 22.28 -1.63 36.53
C GLN A 99 21.62 -0.37 37.04
N ILE A 100 20.30 -0.26 36.88
CA ILE A 100 19.61 0.92 37.35
C ILE A 100 19.84 1.09 38.84
N ILE A 101 19.65 0.01 39.60
CA ILE A 101 19.76 0.06 41.06
C ILE A 101 21.09 0.67 41.46
N TRP A 102 22.09 0.58 40.60
CA TRP A 102 23.37 1.20 40.92
C TRP A 102 23.69 2.44 40.11
N VAL A 103 23.23 2.53 38.85
CA VAL A 103 23.62 3.68 38.04
C VAL A 103 23.10 4.96 38.66
N TYR A 104 21.79 5.00 38.94
CA TYR A 104 21.25 6.14 39.66
C TYR A 104 21.82 6.23 41.06
N SER A 105 22.17 5.09 41.66
CA SER A 105 22.79 5.12 42.97
C SER A 105 24.11 5.86 42.94
N TYR A 106 24.70 6.05 41.76
CA TYR A 106 25.85 6.93 41.66
C TYR A 106 25.44 8.34 41.27
N LYS A 107 24.42 8.49 40.42
CA LYS A 107 24.03 9.82 39.97
C LYS A 107 23.58 10.68 41.14
N ARG A 108 22.66 10.17 41.96
CA ARG A 108 22.24 10.89 43.15
C ARG A 108 23.39 11.07 44.13
N TYR A 109 24.46 10.28 44.00
CA TYR A 109 25.65 10.51 44.82
C TYR A 109 26.66 11.43 44.13
N ARG A 110 26.58 11.58 42.82
CA ARG A 110 27.56 12.41 42.12
C ARG A 110 27.46 13.86 42.57
N SER A 111 26.24 14.36 42.74
CA SER A 111 26.05 15.78 43.04
C SER A 111 26.64 16.17 44.39
N GLN A 112 26.82 15.21 45.31
CA GLN A 112 27.32 15.56 46.63
C GLN A 112 28.84 15.73 46.63
N ARG A 113 29.56 14.65 46.34
CA ARG A 113 31.02 14.68 46.37
C ARG A 113 31.54 13.37 45.82
N ASP A 114 32.63 13.42 45.05
CA ASP A 114 33.30 12.23 44.56
C ASP A 114 34.41 11.86 45.54
N ASN A 115 34.29 10.70 46.18
CA ASN A 115 35.21 10.29 47.21
C ASN A 115 36.42 9.53 46.65
N LYS A 116 36.45 9.28 45.35
CA LYS A 116 37.47 8.50 44.65
C LYS A 116 37.45 7.04 45.07
N TRP A 117 36.56 6.64 45.97
CA TRP A 117 36.39 5.25 46.35
C TRP A 117 34.98 4.74 46.19
N VAL A 118 33.98 5.61 46.31
CA VAL A 118 32.62 5.21 45.95
C VAL A 118 32.54 4.89 44.47
N PHE A 119 33.34 5.60 43.66
CA PHE A 119 33.37 5.33 42.22
C PHE A 119 33.85 3.91 41.95
N TYR A 120 34.88 3.47 42.68
CA TYR A 120 35.38 2.11 42.50
C TYR A 120 34.32 1.08 42.86
N LEU A 121 33.63 1.28 43.98
CA LEU A 121 32.60 0.33 44.39
C LEU A 121 31.46 0.29 43.37
N HIS A 122 31.06 1.45 42.86
CA HIS A 122 30.01 1.46 41.84
C HIS A 122 30.46 0.76 40.57
N SER A 123 31.69 1.01 40.12
CA SER A 123 32.18 0.34 38.92
C SER A 123 32.24 -1.17 39.12
N PHE A 124 32.72 -1.61 40.29
CA PHE A 124 32.78 -3.04 40.56
C PHE A 124 31.39 -3.65 40.57
N LEU A 125 30.42 -2.98 41.21
CA LEU A 125 29.07 -3.52 41.25
C LEU A 125 28.42 -3.52 39.87
N VAL A 126 28.80 -2.58 39.01
CA VAL A 126 28.24 -2.55 37.66
C VAL A 126 28.83 -3.68 36.81
N VAL A 127 30.13 -3.95 36.95
CA VAL A 127 30.72 -5.07 36.22
C VAL A 127 30.47 -6.41 36.88
N LEU A 128 29.85 -6.43 38.06
CA LEU A 128 29.62 -7.69 38.77
C LEU A 128 28.89 -8.75 37.93
N PRO A 129 27.81 -8.44 37.22
CA PRO A 129 27.24 -9.48 36.35
C PRO A 129 28.24 -10.05 35.36
N LEU A 130 29.08 -9.20 34.77
CA LEU A 130 30.04 -9.69 33.79
C LEU A 130 31.10 -10.56 34.43
N ILE A 131 31.64 -10.13 35.58
CA ILE A 131 32.69 -10.94 36.19
C ILE A 131 32.12 -12.26 36.68
N LEU A 132 30.88 -12.27 37.14
CA LEU A 132 30.25 -13.54 37.50
C LEU A 132 30.10 -14.43 36.27
N VAL A 133 29.65 -13.88 35.15
CA VAL A 133 29.46 -14.70 33.97
C VAL A 133 30.79 -15.21 33.41
N LYS A 134 31.86 -14.46 33.61
CA LYS A 134 33.17 -14.92 33.13
C LYS A 134 33.92 -15.78 34.14
N VAL A 135 33.46 -15.85 35.39
CA VAL A 135 34.11 -16.69 36.40
C VAL A 135 33.37 -18.00 36.61
N GLU A 136 32.04 -17.98 36.59
CA GLU A 136 31.27 -19.19 36.90
C GLU A 136 31.61 -20.37 35.99
N PRO A 137 31.71 -20.24 34.67
CA PRO A 137 32.07 -21.41 33.87
C PRO A 137 33.41 -22.01 34.23
N THR A 138 34.36 -21.21 34.72
CA THR A 138 35.70 -21.70 34.98
C THR A 138 35.99 -21.88 36.46
N ILE A 139 34.96 -22.04 37.30
CA ILE A 139 35.16 -22.40 38.70
C ILE A 139 34.72 -23.84 38.98
N ASN A 140 33.45 -24.16 38.72
CA ASN A 140 32.98 -25.52 38.99
C ASN A 140 32.56 -26.27 37.74
N GLY A 141 31.47 -25.90 37.08
CA GLY A 141 31.08 -26.67 35.91
C GLY A 141 30.26 -25.99 34.82
N THR A 142 29.87 -24.74 35.01
CA THR A 142 28.85 -24.17 34.13
C THR A 142 28.75 -22.67 34.36
N GLN A 143 28.11 -22.00 33.41
CA GLN A 143 27.87 -20.57 33.48
C GLN A 143 26.75 -20.26 34.47
N SER A 144 26.81 -19.06 35.04
CA SER A 144 25.78 -18.62 35.97
C SER A 144 24.49 -18.30 35.23
N LEU A 145 23.40 -18.23 35.98
CA LEU A 145 22.10 -17.95 35.40
C LEU A 145 22.05 -16.57 34.77
N LEU A 146 22.67 -15.58 35.43
CA LEU A 146 22.57 -14.18 34.99
C LEU A 146 23.16 -13.94 33.61
N ASN A 147 23.77 -14.95 33.00
CA ASN A 147 24.31 -14.80 31.65
C ASN A 147 23.19 -14.71 30.63
N PHE A 148 23.44 -13.93 29.58
CA PHE A 148 22.55 -13.87 28.43
C PHE A 148 23.39 -13.59 27.20
N LEU A 149 22.73 -13.21 26.10
CA LEU A 149 23.41 -13.16 24.82
C LEU A 149 24.49 -12.09 24.79
N GLY A 150 24.10 -10.83 24.95
CA GLY A 150 25.03 -9.74 24.76
C GLY A 150 25.54 -9.08 26.03
N ILE A 151 25.73 -9.85 27.10
CA ILE A 151 26.23 -9.23 28.33
C ILE A 151 27.66 -8.76 28.14
N SER A 152 28.44 -9.44 27.30
CA SER A 152 29.82 -9.02 27.11
C SER A 152 29.92 -7.65 26.46
N TYR A 153 28.90 -7.26 25.68
CA TYR A 153 28.87 -5.98 25.00
C TYR A 153 27.82 -5.04 25.55
N LEU A 154 27.32 -5.30 26.75
CA LEU A 154 26.39 -4.40 27.41
C LEU A 154 26.91 -3.86 28.73
N THR A 155 27.77 -4.59 29.43
CA THR A 155 28.43 -4.02 30.59
C THR A 155 29.27 -2.81 30.21
N PHE A 156 29.80 -2.79 28.99
CA PHE A 156 30.67 -1.71 28.57
C PHE A 156 29.94 -0.38 28.57
N ARG A 157 28.70 -0.35 28.10
CA ARG A 157 27.96 0.90 28.09
C ARG A 157 27.73 1.42 29.50
N ALA A 158 27.37 0.54 30.44
CA ALA A 158 27.14 0.97 31.81
C ALA A 158 28.43 1.45 32.47
N VAL A 159 29.53 0.75 32.27
CA VAL A 159 30.79 1.20 32.85
C VAL A 159 31.21 2.53 32.24
N GLY A 160 30.98 2.70 30.95
CA GLY A 160 31.25 3.99 30.33
C GLY A 160 30.41 5.10 30.94
N MET A 161 29.15 4.80 31.23
CA MET A 161 28.30 5.78 31.91
C MET A 161 28.87 6.16 33.26
N ILE A 162 29.30 5.17 34.04
CA ILE A 162 29.82 5.48 35.37
C ILE A 162 31.14 6.25 35.28
N ILE A 163 31.98 5.92 34.29
CA ILE A 163 33.22 6.67 34.11
C ILE A 163 32.90 8.11 33.75
N GLU A 164 31.93 8.32 32.87
CA GLU A 164 31.54 9.69 32.51
C GLU A 164 31.04 10.44 33.74
N MET A 165 30.29 9.75 34.62
CA MET A 165 29.87 10.39 35.86
C MET A 165 31.07 10.80 36.69
N ARG A 166 32.07 9.91 36.82
CA ARG A 166 33.21 10.19 37.67
C ARG A 166 33.99 11.40 37.18
N ASP A 167 34.19 11.52 35.86
CA ASP A 167 34.90 12.66 35.33
C ASP A 167 34.07 13.93 35.30
N GLY A 168 32.76 13.82 35.52
CA GLY A 168 31.90 14.98 35.49
C GLY A 168 31.49 15.44 34.12
N VAL A 169 31.83 14.69 33.07
CA VAL A 169 31.44 15.08 31.71
C VAL A 169 29.92 15.00 31.56
N LEU A 170 29.29 14.01 32.18
CA LEU A 170 27.86 13.84 32.13
C LEU A 170 27.27 14.22 33.47
N LYS A 171 26.16 14.96 33.45
CA LYS A 171 25.53 15.42 34.68
C LYS A 171 24.07 15.02 34.80
N GLU A 172 23.28 15.14 33.73
CA GLU A 172 21.86 14.86 33.81
C GLU A 172 21.42 14.04 32.61
N PHE A 173 20.40 13.21 32.84
CA PHE A 173 19.83 12.34 31.82
C PHE A 173 18.59 11.67 32.41
N THR A 174 17.59 11.47 31.56
CA THR A 174 16.36 10.80 31.99
C THR A 174 16.51 9.29 31.83
N LEU A 175 15.53 8.56 32.36
CA LEU A 175 15.54 7.11 32.22
C LEU A 175 15.33 6.68 30.78
N GLY A 176 14.54 7.44 30.03
CA GLY A 176 14.33 7.09 28.64
C GLY A 176 15.63 7.06 27.86
N GLU A 177 16.45 8.09 28.02
CA GLU A 177 17.73 8.13 27.32
C GLU A 177 18.64 6.99 27.77
N PHE A 178 18.69 6.73 29.09
CA PHE A 178 19.58 5.70 29.61
C PHE A 178 19.20 4.32 29.09
N LEU A 179 17.94 3.96 29.23
CA LEU A 179 17.49 2.63 28.80
C LEU A 179 17.23 2.53 27.31
N ARG A 180 17.34 3.64 26.58
CA ARG A 180 17.38 3.56 25.13
C ARG A 180 18.81 3.37 24.63
N PHE A 181 19.78 3.96 25.34
CA PHE A 181 21.17 3.80 24.96
C PHE A 181 21.70 2.43 25.33
N MET A 182 21.36 1.95 26.54
CA MET A 182 21.95 0.69 27.00
C MET A 182 21.40 -0.50 26.24
N LEU A 183 20.10 -0.50 25.96
CA LEU A 183 19.46 -1.62 25.27
C LEU A 183 19.29 -1.35 23.80
N PHE A 184 20.23 -0.65 23.18
CA PHE A 184 20.12 -0.33 21.77
C PHE A 184 20.06 -1.61 20.96
N MET A 185 18.99 -1.78 20.18
CA MET A 185 18.76 -3.05 19.50
C MET A 185 19.84 -3.39 18.47
N PRO A 186 20.23 -2.51 17.54
CA PRO A 186 21.16 -2.94 16.50
C PRO A 186 22.49 -3.44 17.03
N THR A 187 22.99 -2.88 18.13
CA THR A 187 24.26 -3.29 18.71
C THR A 187 24.05 -3.95 20.06
N PHE A 188 22.97 -4.73 20.21
CA PHE A 188 22.70 -5.38 21.48
C PHE A 188 23.43 -6.72 21.61
N THR A 189 23.34 -7.56 20.57
CA THR A 189 23.93 -8.89 20.63
C THR A 189 25.44 -8.83 20.81
N SER A 190 26.16 -8.28 19.84
CA SER A 190 27.59 -8.10 19.98
C SER A 190 28.10 -6.87 19.23
N GLY A 191 27.23 -5.92 18.90
CA GLY A 191 27.56 -4.83 18.02
C GLY A 191 28.63 -3.91 18.55
N PRO A 192 28.90 -2.83 17.81
CA PRO A 192 29.96 -1.91 18.22
C PRO A 192 29.65 -1.30 19.58
N ILE A 193 30.70 -1.12 20.37
CA ILE A 193 30.56 -0.63 21.73
C ILE A 193 30.63 0.89 21.70
N ASP A 194 29.60 1.54 22.24
CA ASP A 194 29.44 2.98 22.16
C ASP A 194 29.77 3.62 23.50
N ARG A 195 29.61 4.95 23.54
CA ARG A 195 29.72 5.73 24.76
C ARG A 195 28.47 6.59 24.86
N PHE A 196 28.10 6.97 26.09
CA PHE A 196 26.82 7.65 26.23
C PHE A 196 26.85 9.04 25.64
N LYS A 197 27.93 9.80 25.85
CA LYS A 197 27.91 11.20 25.44
C LYS A 197 27.70 11.31 23.92
N ARG A 198 28.52 10.60 23.15
CA ARG A 198 28.39 10.66 21.70
C ARG A 198 27.04 10.14 21.24
N PHE A 199 26.59 9.03 21.81
CA PHE A 199 25.33 8.44 21.37
C PHE A 199 24.16 9.36 21.65
N ASN A 200 24.14 9.98 22.83
CA ASN A 200 23.05 10.88 23.17
C ASN A 200 23.07 12.11 22.27
N GLU A 201 24.25 12.70 22.05
CA GLU A 201 24.32 13.86 21.18
C GLU A 201 23.90 13.52 19.76
N ASP A 202 24.18 12.31 19.31
CA ASP A 202 23.76 11.91 17.97
C ASP A 202 22.28 11.57 17.91
N TYR A 203 21.71 11.06 19.00
CA TYR A 203 20.29 10.71 18.99
C TYR A 203 19.42 11.94 19.05
N GLN A 204 19.84 12.96 19.81
CA GLN A 204 19.02 14.17 19.92
C GLN A 204 18.93 14.92 18.59
N SER A 205 20.06 15.09 17.91
CA SER A 205 20.13 15.96 16.74
C SER A 205 19.94 15.11 15.48
N ILE A 206 18.81 15.28 14.83
CA ILE A 206 18.56 14.59 13.56
C ILE A 206 19.46 15.20 12.48
N PRO A 207 20.10 14.40 11.64
CA PRO A 207 20.93 14.97 10.57
C PRO A 207 20.11 15.64 9.48
N ASN A 208 20.78 16.14 8.44
CA ASN A 208 20.12 16.87 7.37
C ASN A 208 19.44 15.89 6.42
N ARG A 209 19.08 16.36 5.23
CA ARG A 209 18.46 15.50 4.22
C ARG A 209 19.50 14.83 3.33
N ASP A 210 20.45 15.60 2.79
CA ASP A 210 21.50 15.00 1.98
C ASP A 210 22.37 14.07 2.81
N GLU A 211 22.67 14.46 4.05
CA GLU A 211 23.41 13.58 4.94
C GLU A 211 22.66 12.28 5.17
N LEU A 212 21.33 12.37 5.32
CA LEU A 212 20.53 11.16 5.51
C LEU A 212 20.54 10.29 4.26
N LEU A 213 20.53 10.92 3.08
CA LEU A 213 20.64 10.14 1.84
C LEU A 213 21.97 9.40 1.77
N ASN A 214 23.05 10.09 2.12
CA ASN A 214 24.36 9.44 2.14
C ASN A 214 24.38 8.29 3.15
N MET A 215 23.75 8.50 4.30
CA MET A 215 23.68 7.43 5.30
C MET A 215 22.89 6.23 4.77
N LEU A 216 21.79 6.48 4.07
CA LEU A 216 21.02 5.36 3.51
C LEU A 216 21.83 4.60 2.46
N GLU A 217 22.52 5.32 1.58
CA GLU A 217 23.34 4.67 0.58
C GLU A 217 24.45 3.84 1.23
N GLN A 218 25.07 4.40 2.28
CA GLN A 218 26.09 3.65 3.00
C GLN A 218 25.49 2.42 3.69
N ALA A 219 24.25 2.54 4.18
CA ALA A 219 23.60 1.39 4.80
C ALA A 219 23.36 0.28 3.80
N VAL A 220 22.92 0.63 2.59
CA VAL A 220 22.71 -0.39 1.56
C VAL A 220 24.03 -1.03 1.16
N LYS A 221 25.08 -0.21 1.01
CA LYS A 221 26.39 -0.76 0.71
C LYS A 221 26.86 -1.70 1.81
N TYR A 222 26.61 -1.34 3.06
CA TYR A 222 27.00 -2.19 4.18
C TYR A 222 26.22 -3.48 4.18
N ILE A 223 24.94 -3.44 3.83
CA ILE A 223 24.15 -4.67 3.75
C ILE A 223 24.71 -5.59 2.67
N MET A 224 25.03 -5.03 1.50
CA MET A 224 25.60 -5.84 0.43
C MET A 224 26.93 -6.46 0.85
N LEU A 225 27.84 -5.63 1.35
CA LEU A 225 29.15 -6.14 1.75
C LEU A 225 29.02 -7.14 2.87
N GLY A 226 28.07 -6.94 3.78
CA GLY A 226 27.85 -7.90 4.84
C GLY A 226 27.35 -9.23 4.32
N PHE A 227 26.43 -9.19 3.34
CA PHE A 227 26.01 -10.43 2.69
C PHE A 227 27.21 -11.18 2.14
N LEU A 228 28.04 -10.48 1.36
CA LEU A 228 29.22 -11.12 0.79
C LEU A 228 30.16 -11.63 1.88
N TYR A 229 30.31 -10.86 2.96
CA TYR A 229 31.30 -11.18 3.98
C TYR A 229 30.89 -12.37 4.84
N LYS A 230 29.63 -12.40 5.28
CA LYS A 230 29.19 -13.38 6.26
C LYS A 230 28.41 -14.54 5.66
N PHE A 231 27.59 -14.30 4.64
CA PHE A 231 26.80 -15.39 4.10
C PHE A 231 27.48 -16.10 2.94
N VAL A 232 28.63 -15.63 2.49
CA VAL A 232 29.35 -16.29 1.40
C VAL A 232 30.76 -16.64 1.86
N LEU A 233 31.58 -15.61 2.12
CA LEU A 233 32.98 -15.86 2.45
C LEU A 233 33.12 -16.55 3.80
N ALA A 234 32.34 -16.13 4.79
CA ALA A 234 32.38 -16.80 6.09
C ALA A 234 31.94 -18.24 5.96
N GLN A 235 30.89 -18.50 5.17
CA GLN A 235 30.43 -19.87 4.97
C GLN A 235 31.53 -20.71 4.31
N ILE A 236 32.18 -20.18 3.29
CA ILE A 236 33.24 -20.92 2.61
C ILE A 236 34.38 -21.21 3.56
N PHE A 237 34.80 -20.21 4.34
CA PHE A 237 35.96 -20.41 5.20
C PHE A 237 35.63 -21.10 6.52
N GLY A 238 34.37 -21.34 6.83
CA GLY A 238 34.06 -21.95 8.10
C GLY A 238 33.32 -23.27 8.05
N SER A 239 32.56 -23.51 6.97
CA SER A 239 31.77 -24.72 6.85
C SER A 239 32.28 -25.68 5.79
N MET A 240 33.08 -25.19 4.84
CA MET A 240 33.56 -26.03 3.74
C MET A 240 35.06 -26.31 3.81
N LEU A 241 35.81 -25.56 4.59
CA LEU A 241 37.24 -25.81 4.73
C LEU A 241 37.66 -26.08 6.17
N LEU A 242 37.06 -25.43 7.15
CA LEU A 242 37.51 -25.58 8.53
C LEU A 242 37.33 -26.98 9.08
N PRO A 243 36.17 -27.63 8.97
CA PRO A 243 35.99 -28.95 9.61
C PRO A 243 36.98 -29.98 9.10
N PRO A 244 37.17 -30.15 7.78
CA PRO A 244 38.12 -31.19 7.34
C PRO A 244 39.55 -30.91 7.75
N LEU A 245 39.97 -29.64 7.69
CA LEU A 245 41.33 -29.31 8.12
C LEU A 245 41.51 -29.56 9.61
N LYS A 246 40.50 -29.21 10.42
CA LYS A 246 40.57 -29.51 11.84
C LYS A 246 40.67 -31.00 12.09
N ALA A 247 39.88 -31.79 11.36
CA ALA A 247 39.93 -33.24 11.53
C ALA A 247 41.30 -33.79 11.13
N GLN A 248 41.85 -33.29 10.03
CA GLN A 248 43.17 -33.75 9.59
C GLN A 248 44.24 -33.42 10.62
N ALA A 249 44.20 -32.20 11.17
CA ALA A 249 45.17 -31.82 12.19
C ALA A 249 45.00 -32.65 13.46
N LEU A 250 43.75 -32.91 13.85
CA LEU A 250 43.49 -33.72 15.03
C LEU A 250 44.06 -35.13 14.85
N SER A 251 43.80 -35.74 13.70
CA SER A 251 44.30 -37.09 13.45
C SER A 251 45.82 -37.10 13.38
N GLN A 252 46.42 -36.11 12.74
CA GLN A 252 47.87 -36.09 12.58
C GLN A 252 48.57 -35.98 13.94
N GLY A 253 48.07 -35.12 14.81
CA GLY A 253 48.70 -34.97 16.11
C GLY A 253 50.04 -34.25 16.04
N GLY A 254 50.84 -34.48 17.06
CA GLY A 254 52.16 -33.85 17.14
C GLY A 254 52.08 -32.43 17.65
N ILE A 255 53.26 -31.83 17.83
CA ILE A 255 53.33 -30.46 18.31
C ILE A 255 52.85 -29.50 17.23
N PHE A 256 53.27 -29.72 15.98
CA PHE A 256 52.89 -28.83 14.88
C PHE A 256 52.91 -29.61 13.58
N ASN A 257 52.21 -29.07 12.59
CA ASN A 257 52.06 -29.73 11.29
C ASN A 257 51.50 -28.73 10.29
N LEU A 258 51.59 -29.08 9.01
CA LEU A 258 50.97 -28.27 7.97
C LEU A 258 49.46 -28.10 8.14
N PRO A 259 48.69 -29.13 8.53
CA PRO A 259 47.27 -28.89 8.82
C PRO A 259 47.04 -27.85 9.91
N THR A 260 47.97 -27.70 10.85
CA THR A 260 47.85 -26.64 11.84
C THR A 260 47.93 -25.26 11.17
N LEU A 261 48.86 -25.09 10.25
CA LEU A 261 48.93 -23.82 9.52
C LEU A 261 47.65 -23.60 8.71
N GLY A 262 47.16 -24.65 8.07
CA GLY A 262 45.92 -24.52 7.31
C GLY A 262 44.77 -24.08 8.17
N VAL A 263 44.60 -24.70 9.34
CA VAL A 263 43.50 -24.33 10.22
C VAL A 263 43.73 -22.92 10.78
N MET A 264 44.97 -22.55 11.05
CA MET A 264 45.24 -21.19 11.50
C MET A 264 44.71 -20.17 10.51
N TYR A 265 45.17 -20.25 9.26
CA TYR A 265 44.76 -19.27 8.27
C TYR A 265 43.26 -19.32 8.01
N VAL A 266 42.70 -20.53 7.89
CA VAL A 266 41.29 -20.66 7.58
C VAL A 266 40.44 -20.09 8.70
N TYR A 267 40.77 -20.42 9.95
CA TYR A 267 39.99 -19.90 11.07
C TYR A 267 40.10 -18.40 11.19
N GLY A 268 41.32 -17.85 11.05
CA GLY A 268 41.47 -16.42 11.17
C GLY A 268 40.67 -15.66 10.14
N PHE A 269 40.75 -16.12 8.88
CA PHE A 269 39.94 -15.48 7.85
C PHE A 269 38.46 -15.69 8.13
N ASP A 270 38.08 -16.84 8.65
CA ASP A 270 36.67 -17.03 8.98
C ASP A 270 36.21 -16.04 10.03
N LEU A 271 37.04 -15.84 11.06
CA LEU A 271 36.66 -14.94 12.15
C LEU A 271 36.53 -13.51 11.65
N PHE A 272 37.48 -13.06 10.84
CA PHE A 272 37.36 -11.70 10.31
C PHE A 272 36.14 -11.59 9.40
N PHE A 273 35.95 -12.55 8.51
CA PHE A 273 34.85 -12.45 7.55
C PHE A 273 33.50 -12.65 8.20
N ASP A 274 33.45 -13.14 9.44
CA ASP A 274 32.18 -13.22 10.15
C ASP A 274 31.94 -11.98 11.00
N PHE A 275 32.94 -11.55 11.77
CA PHE A 275 32.77 -10.39 12.61
C PHE A 275 32.56 -9.13 11.78
N ALA A 276 33.27 -9.00 10.66
CA ALA A 276 33.06 -7.87 9.77
C ALA A 276 31.65 -7.90 9.20
N GLY A 277 31.16 -9.08 8.85
CA GLY A 277 29.80 -9.17 8.36
C GLY A 277 28.79 -8.72 9.38
N TYR A 278 28.95 -9.18 10.62
CA TYR A 278 28.01 -8.79 11.66
C TYR A 278 28.11 -7.30 11.97
N SER A 279 29.33 -6.76 12.01
CA SER A 279 29.49 -5.34 12.29
C SER A 279 28.90 -4.48 11.18
N MET A 280 29.08 -4.89 9.92
CA MET A 280 28.49 -4.13 8.82
C MET A 280 26.97 -4.22 8.86
N PHE A 281 26.43 -5.38 9.22
CA PHE A 281 24.99 -5.48 9.41
C PHE A 281 24.52 -4.51 10.49
N ALA A 282 25.22 -4.48 11.62
CA ALA A 282 24.83 -3.60 12.72
C ALA A 282 24.92 -2.15 12.32
N LEU A 283 25.97 -1.77 11.60
CA LEU A 283 26.11 -0.39 11.15
C LEU A 283 25.02 -0.01 10.17
N ALA A 284 24.64 -0.94 9.28
CA ALA A 284 23.56 -0.66 8.35
C ALA A 284 22.24 -0.45 9.08
N VAL A 285 21.93 -1.31 10.04
CA VAL A 285 20.69 -1.15 10.79
C VAL A 285 20.71 0.15 11.60
N SER A 286 21.84 0.45 12.22
CA SER A 286 21.96 1.68 12.99
C SER A 286 21.77 2.91 12.11
N ASN A 287 22.35 2.90 10.91
CA ASN A 287 22.14 4.00 9.98
C ASN A 287 20.68 4.11 9.59
N LEU A 288 20.01 2.98 9.41
CA LEU A 288 18.57 3.02 9.14
C LEU A 288 17.81 3.61 10.33
N MET A 289 18.35 3.50 11.53
CA MET A 289 17.75 4.13 12.70
C MET A 289 18.23 5.56 12.92
N GLY A 290 19.05 6.09 12.02
CA GLY A 290 19.49 7.46 12.10
C GLY A 290 20.69 7.71 12.99
N ILE A 291 21.32 6.67 13.52
CA ILE A 291 22.48 6.80 14.40
C ILE A 291 23.66 6.11 13.74
N LYS A 292 24.79 6.81 13.62
CA LYS A 292 25.99 6.22 13.05
C LYS A 292 26.83 5.66 14.19
N SER A 293 26.70 4.36 14.43
CA SER A 293 27.50 3.70 15.45
C SER A 293 28.95 3.63 14.99
N PRO A 294 29.89 3.53 15.93
CA PRO A 294 31.30 3.50 15.53
C PRO A 294 31.60 2.33 14.62
N ILE A 295 32.45 2.58 13.63
CA ILE A 295 32.88 1.52 12.73
C ILE A 295 33.69 0.49 13.52
N ASN A 296 33.68 -0.74 13.03
CA ASN A 296 34.29 -1.85 13.75
C ASN A 296 35.46 -2.50 13.03
N PHE A 297 35.58 -2.35 11.70
CA PHE A 297 36.69 -2.92 10.96
C PHE A 297 37.05 -2.01 9.79
N ASP A 298 38.34 -1.67 9.68
CA ASP A 298 38.86 -0.92 8.55
C ASP A 298 40.08 -1.66 8.02
N LYS A 299 39.82 -2.71 7.24
CA LYS A 299 40.81 -3.55 6.55
C LYS A 299 42.02 -3.83 7.43
N PRO A 300 41.88 -4.71 8.41
CA PRO A 300 42.95 -4.90 9.40
C PRO A 300 44.25 -5.43 8.82
N PHE A 301 44.18 -6.27 7.79
CA PHE A 301 45.36 -7.02 7.37
C PHE A 301 46.40 -6.17 6.64
N ILE A 302 46.11 -4.90 6.37
CA ILE A 302 47.07 -4.03 5.68
C ILE A 302 47.95 -3.37 6.73
N SER A 303 47.86 -3.83 7.98
CA SER A 303 48.58 -3.19 9.07
C SER A 303 50.08 -3.36 8.90
N ARG A 304 50.79 -2.25 8.87
CA ARG A 304 52.25 -2.30 8.73
C ARG A 304 52.88 -2.90 9.98
N ASP A 305 52.52 -2.40 11.14
CA ASP A 305 53.08 -2.83 12.41
C ASP A 305 51.98 -3.37 13.31
N MET A 306 52.39 -3.92 14.45
CA MET A 306 51.41 -4.44 15.39
C MET A 306 50.52 -3.35 15.94
N LYS A 307 51.11 -2.18 16.24
CA LYS A 307 50.32 -1.11 16.85
C LYS A 307 49.24 -0.61 15.91
N GLU A 308 49.53 -0.52 14.62
CA GLU A 308 48.51 -0.11 13.66
C GLU A 308 47.42 -1.16 13.50
N PHE A 309 47.70 -2.41 13.87
CA PHE A 309 46.66 -3.43 13.81
C PHE A 309 45.50 -3.08 14.72
N TRP A 310 45.80 -2.62 15.93
CA TRP A 310 44.77 -2.35 16.92
C TRP A 310 44.02 -1.05 16.68
N ASN A 311 44.46 -0.22 15.76
CA ASN A 311 43.61 0.86 15.28
C ASN A 311 42.75 0.41 14.12
N ARG A 312 42.79 -0.86 13.78
CA ARG A 312 42.03 -1.39 12.65
C ARG A 312 41.19 -2.59 13.01
N TRP A 313 41.66 -3.46 13.90
CA TRP A 313 40.94 -4.69 14.23
C TRP A 313 40.08 -4.49 15.47
N HIS A 314 38.78 -4.70 15.33
CA HIS A 314 37.82 -4.45 16.39
C HIS A 314 38.06 -3.07 16.99
N MET A 315 37.93 -2.06 16.12
CA MET A 315 38.37 -0.72 16.50
C MET A 315 37.48 -0.13 17.58
N SER A 316 36.20 -0.46 17.62
CA SER A 316 35.35 0.07 18.68
C SER A 316 35.81 -0.42 20.04
N LEU A 317 35.98 -1.73 20.19
CA LEU A 317 36.44 -2.28 21.45
C LEU A 317 37.86 -1.84 21.77
N SER A 318 38.75 -1.84 20.76
CA SER A 318 40.13 -1.46 21.01
C SER A 318 40.22 -0.01 21.46
N PHE A 319 39.47 0.88 20.83
CA PHE A 319 39.42 2.27 21.25
C PHE A 319 38.82 2.39 22.64
N TRP A 320 37.82 1.58 22.95
CA TRP A 320 37.25 1.63 24.29
C TRP A 320 38.31 1.30 25.33
N PHE A 321 39.07 0.23 25.09
CA PHE A 321 40.10 -0.15 26.06
C PHE A 321 41.22 0.87 26.11
N ARG A 322 41.52 1.49 24.98
CA ARG A 322 42.57 2.52 24.97
C ARG A 322 42.14 3.75 25.76
N ASP A 323 40.89 4.19 25.57
CA ASP A 323 40.42 5.41 26.22
C ASP A 323 40.20 5.20 27.71
N PHE A 324 39.51 4.13 28.09
CA PHE A 324 39.04 3.99 29.46
C PHE A 324 39.92 3.11 30.33
N VAL A 325 40.65 2.16 29.78
CA VAL A 325 41.45 1.25 30.59
C VAL A 325 42.95 1.42 30.38
N PHE A 326 43.39 2.02 29.28
CA PHE A 326 44.81 2.26 29.08
C PHE A 326 45.23 3.64 29.56
N MET A 327 44.57 4.70 29.06
CA MET A 327 44.93 6.05 29.46
C MET A 327 44.77 6.24 30.96
N ARG A 328 43.67 5.75 31.53
CA ARG A 328 43.44 5.92 32.96
C ARG A 328 44.49 5.18 33.78
N LEU A 329 44.93 4.02 33.31
CA LEU A 329 45.92 3.26 34.06
C LEU A 329 47.27 3.95 34.06
N VAL A 330 47.71 4.43 32.90
CA VAL A 330 48.98 5.14 32.86
C VAL A 330 48.88 6.44 33.65
N ILE A 331 47.71 7.10 33.64
CA ILE A 331 47.54 8.32 34.42
C ILE A 331 47.65 8.03 35.90
N VAL A 332 47.00 6.96 36.38
CA VAL A 332 47.04 6.67 37.81
C VAL A 332 48.44 6.19 38.21
N LEU A 333 49.16 5.53 37.31
CA LEU A 333 50.54 5.16 37.62
C LEU A 333 51.44 6.39 37.67
N MET A 334 51.20 7.35 36.78
CA MET A 334 52.00 8.58 36.79
C MET A 334 51.71 9.44 38.01
N ARG A 335 50.46 9.46 38.48
CA ARG A 335 50.12 10.28 39.64
C ARG A 335 50.92 9.85 40.86
N ASN A 336 51.00 8.55 41.11
CA ASN A 336 51.77 8.05 42.24
C ASN A 336 53.26 7.99 41.96
N LYS A 337 53.69 8.20 40.72
CA LYS A 337 55.10 8.16 40.34
C LYS A 337 55.74 6.85 40.77
N VAL A 338 55.02 5.75 40.55
CA VAL A 338 55.51 4.44 40.96
C VAL A 338 56.76 4.07 40.19
N PHE A 339 56.75 4.27 38.88
CA PHE A 339 57.87 3.87 38.02
C PHE A 339 58.70 5.09 37.64
N LYS A 340 60.01 4.89 37.55
CA LYS A 340 60.92 6.02 37.34
C LYS A 340 60.87 6.53 35.91
N ASN A 341 60.80 5.63 34.94
CA ASN A 341 60.92 5.99 33.53
C ASN A 341 59.62 5.74 32.77
N ARG A 342 59.48 6.44 31.66
CA ARG A 342 58.28 6.33 30.84
C ARG A 342 58.14 4.95 30.22
N ASN A 343 59.26 4.34 29.82
CA ASN A 343 59.19 3.08 29.09
C ASN A 343 58.52 1.99 29.90
N THR A 344 58.93 1.84 31.17
CA THR A 344 58.34 0.79 32.00
C THR A 344 56.86 1.03 32.23
N THR A 345 56.47 2.29 32.42
CA THR A 345 55.05 2.61 32.61
C THR A 345 54.25 2.24 31.38
N SER A 346 54.75 2.60 30.19
CA SER A 346 54.04 2.24 28.97
C SER A 346 53.95 0.73 28.81
N ASN A 347 55.05 0.02 29.11
CA ASN A 347 55.05 -1.43 28.97
C ASN A 347 54.03 -2.07 29.89
N VAL A 348 54.01 -1.69 31.16
CA VAL A 348 53.09 -2.32 32.11
C VAL A 348 51.65 -1.97 31.76
N ALA A 349 51.42 -0.73 31.29
CA ALA A 349 50.08 -0.36 30.88
C ALA A 349 49.62 -1.22 29.70
N TYR A 350 50.48 -1.42 28.71
CA TYR A 350 50.11 -2.25 27.56
C TYR A 350 49.82 -3.67 27.98
N ILE A 351 50.67 -4.25 28.82
CA ILE A 351 50.50 -5.63 29.22
C ILE A 351 49.18 -5.80 29.99
N ILE A 352 48.92 -4.91 30.94
CA ILE A 352 47.71 -5.03 31.74
C ILE A 352 46.47 -4.80 30.88
N ASN A 353 46.53 -3.84 29.96
CA ASN A 353 45.39 -3.58 29.09
C ASN A 353 45.06 -4.82 28.27
N MET A 354 46.07 -5.41 27.64
CA MET A 354 45.79 -6.57 26.79
C MET A 354 45.37 -7.78 27.62
N MET A 355 45.96 -7.95 28.81
CA MET A 355 45.53 -9.04 29.67
C MET A 355 44.07 -8.89 30.08
N VAL A 356 43.65 -7.67 30.38
CA VAL A 356 42.25 -7.43 30.74
C VAL A 356 41.36 -7.67 29.53
N MET A 357 41.82 -7.33 28.33
CA MET A 357 41.05 -7.65 27.13
C MET A 357 40.86 -9.17 27.01
N GLY A 358 41.94 -9.91 27.19
CA GLY A 358 41.84 -11.36 27.15
C GLY A 358 40.88 -11.90 28.19
N PHE A 359 40.96 -11.37 29.41
CA PHE A 359 40.01 -11.77 30.45
C PHE A 359 38.58 -11.48 30.04
N TRP A 360 38.35 -10.31 29.44
CA TRP A 360 37.01 -9.99 28.97
C TRP A 360 36.52 -11.02 27.98
N HIS A 361 37.41 -11.58 27.18
CA HIS A 361 36.97 -12.62 26.25
C HIS A 361 36.43 -13.84 27.00
N GLY A 362 37.10 -14.25 28.07
CA GLY A 362 36.71 -15.41 28.83
C GLY A 362 37.89 -16.01 29.58
N ILE A 363 37.67 -16.48 30.80
CA ILE A 363 38.79 -16.91 31.65
C ILE A 363 39.07 -18.37 31.29
N THR A 364 39.97 -18.56 30.33
CA THR A 364 40.55 -19.86 30.03
C THR A 364 42.05 -19.68 29.88
N TRP A 365 42.74 -20.76 29.52
CA TRP A 365 44.18 -20.64 29.32
C TRP A 365 44.49 -19.94 28.01
N TYR A 366 43.75 -20.27 26.94
CA TYR A 366 44.11 -19.76 25.63
C TYR A 366 43.69 -18.30 25.42
N TYR A 367 42.57 -17.87 26.00
CA TYR A 367 42.21 -16.46 25.89
C TYR A 367 43.24 -15.57 26.58
N ILE A 368 43.68 -15.97 27.77
CA ILE A 368 44.73 -15.22 28.47
C ILE A 368 46.03 -15.27 27.69
N ALA A 369 46.33 -16.42 27.07
CA ALA A 369 47.53 -16.50 26.25
C ALA A 369 47.45 -15.54 25.08
N TYR A 370 46.29 -15.46 24.44
CA TYR A 370 46.10 -14.52 23.33
C TYR A 370 46.29 -13.09 23.79
N GLY A 371 45.69 -12.74 24.93
CA GLY A 371 45.84 -11.38 25.43
C GLY A 371 47.28 -11.04 25.75
N ILE A 372 47.97 -11.91 26.48
CA ILE A 372 49.34 -11.59 26.88
C ILE A 372 50.26 -11.61 25.67
N PHE A 373 49.95 -12.43 24.66
CA PHE A 373 50.78 -12.43 23.47
C PHE A 373 50.61 -11.14 22.69
N HIS A 374 49.37 -10.65 22.57
CA HIS A 374 49.21 -9.35 21.93
C HIS A 374 49.89 -8.26 22.74
N GLY A 375 49.90 -8.39 24.06
CA GLY A 375 50.60 -7.42 24.88
C GLY A 375 52.09 -7.41 24.64
N ILE A 376 52.71 -8.60 24.63
CA ILE A 376 54.15 -8.63 24.40
C ILE A 376 54.47 -8.19 22.98
N GLY A 377 53.61 -8.51 22.01
CA GLY A 377 53.82 -7.99 20.67
C GLY A 377 53.76 -6.48 20.63
N LEU A 378 52.79 -5.89 21.32
CA LEU A 378 52.68 -4.44 21.34
C LEU A 378 53.89 -3.80 22.00
N VAL A 379 54.35 -4.34 23.12
CA VAL A 379 55.48 -3.71 23.81
C VAL A 379 56.77 -3.88 23.00
N ILE A 380 56.95 -5.03 22.35
CA ILE A 380 58.15 -5.19 21.53
C ILE A 380 58.08 -4.31 20.29
N ASN A 381 56.87 -4.07 19.77
CA ASN A 381 56.71 -3.14 18.67
C ASN A 381 57.06 -1.72 19.10
N ASP A 382 56.64 -1.34 20.31
CA ASP A 382 57.01 -0.03 20.83
C ASP A 382 58.52 0.10 21.01
N ALA A 383 59.15 -0.96 21.50
CA ALA A 383 60.61 -0.95 21.64
C ALA A 383 61.29 -0.82 20.29
N TRP A 384 60.79 -1.52 19.27
CA TRP A 384 61.36 -1.40 17.93
C TRP A 384 61.18 0.01 17.39
N LEU A 385 60.01 0.61 17.60
CA LEU A 385 59.79 1.97 17.12
C LEU A 385 60.74 2.94 17.81
N ARG A 386 60.94 2.79 19.12
CA ARG A 386 61.87 3.65 19.83
C ARG A 386 63.29 3.48 19.32
N LYS A 387 63.72 2.24 19.10
CA LYS A 387 65.06 1.98 18.58
C LYS A 387 65.23 2.56 17.19
N LYS A 388 64.21 2.43 16.34
CA LYS A 388 64.26 2.98 15.00
C LYS A 388 64.35 4.50 15.05
N LYS A 389 63.59 5.14 15.94
CA LYS A 389 63.66 6.59 16.07
C LYS A 389 65.05 7.03 16.52
N THR A 390 65.62 6.31 17.50
CA THR A 390 66.95 6.67 17.98
C THR A 390 68.00 6.51 16.89
N ILE A 391 67.95 5.41 16.14
CA ILE A 391 68.95 5.20 15.10
C ILE A 391 68.75 6.18 13.96
N ASN A 392 67.51 6.58 13.67
CA ASN A 392 67.26 7.62 12.68
C ASN A 392 67.83 8.96 13.13
N LYS A 393 67.68 9.29 14.42
CA LYS A 393 68.28 10.51 14.93
C LYS A 393 69.80 10.45 14.84
N ASP A 394 70.39 9.30 15.14
CA ASP A 394 71.83 9.14 15.00
C ASP A 394 72.27 9.33 13.56
N ARG A 395 71.53 8.77 12.61
CA ARG A 395 71.85 8.94 11.20
C ARG A 395 71.76 10.41 10.79
N LYS A 396 70.72 11.10 11.25
CA LYS A 396 70.58 12.52 10.89
C LYS A 396 71.71 13.35 11.49
N LYS A 397 72.09 13.06 12.74
CA LYS A 397 73.20 13.77 13.36
C LYS A 397 74.50 13.51 12.61
N ALA A 398 74.75 12.26 12.23
CA ALA A 398 75.95 11.91 11.49
C ALA A 398 75.83 12.16 9.99
N GLY A 399 74.67 12.61 9.52
CA GLY A 399 74.45 12.84 8.11
C GLY A 399 74.09 11.63 7.30
N LEU A 400 74.04 10.45 7.92
CA LEU A 400 73.67 9.24 7.19
C LEU A 400 72.21 9.27 6.81
N LYS A 401 71.91 8.77 5.61
CA LYS A 401 70.54 8.73 5.14
C LYS A 401 69.72 7.75 5.99
N PRO A 402 68.51 8.11 6.38
CA PRO A 402 67.65 7.17 7.11
C PRO A 402 67.25 6.00 6.24
N LEU A 403 66.84 4.92 6.90
CA LEU A 403 66.46 3.71 6.20
C LEU A 403 65.24 3.98 5.30
N PRO A 404 65.33 3.76 4.00
CA PRO A 404 64.18 3.97 3.14
C PRO A 404 63.15 2.85 3.27
N GLU A 405 61.90 3.20 2.99
CA GLU A 405 60.78 2.25 3.04
C GLU A 405 59.92 2.51 1.82
N ASN A 406 60.19 1.77 0.74
CA ASN A 406 59.42 1.90 -0.50
C ASN A 406 58.64 0.63 -0.83
N LYS A 407 59.31 -0.51 -0.98
CA LYS A 407 58.62 -1.75 -1.32
C LYS A 407 59.10 -2.97 -0.56
N TRP A 408 60.32 -2.98 -0.01
CA TRP A 408 60.83 -4.16 0.68
C TRP A 408 60.53 -4.12 2.17
N THR A 409 60.89 -3.03 2.84
CA THR A 409 60.66 -2.93 4.27
C THR A 409 59.18 -2.98 4.60
N LYS A 410 58.36 -2.26 3.83
CA LYS A 410 56.92 -2.26 4.07
C LYS A 410 56.31 -3.64 3.86
N ALA A 411 56.74 -4.33 2.80
CA ALA A 411 56.22 -5.67 2.55
C ALA A 411 56.64 -6.64 3.65
N LEU A 412 57.89 -6.56 4.09
CA LEU A 412 58.33 -7.41 5.18
C LEU A 412 57.54 -7.13 6.45
N GLY A 413 57.30 -5.85 6.74
CA GLY A 413 56.54 -5.51 7.93
C GLY A 413 55.11 -6.03 7.88
N ILE A 414 54.44 -5.85 6.74
CA ILE A 414 53.06 -6.33 6.65
C ILE A 414 53.01 -7.84 6.70
N PHE A 415 54.00 -8.51 6.11
CA PHE A 415 54.03 -9.97 6.15
C PHE A 415 54.20 -10.48 7.57
N ILE A 416 55.17 -9.93 8.30
CA ILE A 416 55.43 -10.43 9.65
C ILE A 416 54.25 -10.08 10.56
N THR A 417 53.65 -8.90 10.39
CA THR A 417 52.50 -8.54 11.21
C THR A 417 51.32 -9.45 10.94
N PHE A 418 51.02 -9.72 9.67
CA PHE A 418 49.90 -10.59 9.36
C PHE A 418 50.14 -12.00 9.88
N ASN A 419 51.35 -12.52 9.74
CA ASN A 419 51.63 -13.85 10.26
C ASN A 419 51.49 -13.91 11.77
N THR A 420 51.98 -12.89 12.47
CA THR A 420 51.85 -12.88 13.93
C THR A 420 50.39 -12.78 14.33
N VAL A 421 49.60 -11.99 13.60
CA VAL A 421 48.18 -11.89 13.90
C VAL A 421 47.49 -13.24 13.69
N MET A 422 47.84 -13.94 12.61
CA MET A 422 47.22 -15.24 12.37
C MET A 422 47.61 -16.25 13.44
N LEU A 423 48.86 -16.19 13.91
CA LEU A 423 49.25 -17.03 15.03
C LEU A 423 48.43 -16.71 16.27
N SER A 424 48.20 -15.42 16.52
CA SER A 424 47.35 -15.02 17.64
C SER A 424 45.95 -15.60 17.48
N PHE A 425 45.41 -15.57 16.27
CA PHE A 425 44.06 -16.08 16.05
C PHE A 425 44.01 -17.60 16.19
N LEU A 426 45.10 -18.28 15.85
CA LEU A 426 45.18 -19.70 16.15
C LEU A 426 45.08 -19.94 17.66
N ILE A 427 45.84 -19.18 18.44
CA ILE A 427 45.79 -19.36 19.89
C ILE A 427 44.41 -19.03 20.43
N PHE A 428 43.82 -17.93 19.94
CA PHE A 428 42.49 -17.50 20.35
C PHE A 428 41.40 -18.45 19.88
N SER A 429 41.65 -19.21 18.81
CA SER A 429 40.66 -20.15 18.32
C SER A 429 40.37 -21.24 19.32
N GLY A 430 41.31 -21.52 20.22
CA GLY A 430 41.18 -22.64 21.11
C GLY A 430 41.53 -23.96 20.49
N PHE A 431 41.96 -23.98 19.23
CA PHE A 431 42.32 -25.25 18.62
C PHE A 431 43.54 -25.88 19.30
N LEU A 432 44.38 -25.08 19.94
CA LEU A 432 45.49 -25.67 20.68
C LEU A 432 44.99 -26.50 21.86
N ASN A 433 43.74 -26.31 22.28
CA ASN A 433 43.19 -27.15 23.34
C ASN A 433 43.07 -28.60 22.88
N ASP A 434 42.66 -28.82 21.64
CA ASP A 434 42.56 -30.17 21.09
C ASP A 434 43.88 -30.66 20.53
N LEU A 435 44.65 -29.79 19.87
CA LEU A 435 45.92 -30.23 19.31
C LEU A 435 46.90 -30.61 20.41
N TRP A 436 47.04 -29.75 21.42
CA TRP A 436 47.76 -30.15 22.61
C TRP A 436 46.84 -30.99 23.49
N PHE A 437 47.34 -31.39 24.66
CA PHE A 437 46.51 -32.03 25.66
C PHE A 437 46.80 -31.43 27.03
N THR A 438 47.03 -30.13 27.06
CA THR A 438 47.22 -29.43 28.32
C THR A 438 45.93 -29.47 29.14
N LYS A 439 46.09 -29.49 30.46
CA LYS A 439 44.95 -29.62 31.34
C LYS A 439 43.97 -28.47 31.14
N LYS A 440 42.69 -28.80 31.04
CA LYS A 440 41.65 -27.81 30.81
C LYS A 440 41.14 -27.22 32.11
N PHE B 22 37.29 -31.09 0.14
CA PHE B 22 37.47 -32.53 -0.04
C PHE B 22 36.26 -33.15 -0.72
N GLN B 23 35.17 -32.40 -0.81
CA GLN B 23 33.96 -32.84 -1.45
C GLN B 23 33.48 -31.91 -2.56
N GLY B 24 33.63 -30.61 -2.39
CA GLY B 24 33.12 -29.66 -3.37
C GLY B 24 31.61 -29.67 -3.47
N SER B 25 30.92 -29.69 -2.32
CA SER B 25 29.47 -29.80 -2.27
C SER B 25 28.78 -28.44 -2.26
N MET B 26 29.52 -27.35 -2.47
CA MET B 26 28.91 -26.02 -2.45
C MET B 26 27.79 -25.90 -3.47
N ILE B 27 27.86 -26.68 -4.56
CA ILE B 27 26.80 -26.68 -5.55
C ILE B 27 25.46 -26.99 -4.89
N ASP B 28 25.43 -28.00 -4.02
CA ASP B 28 24.21 -28.32 -3.31
C ASP B 28 23.74 -27.13 -2.48
N PHE B 29 24.67 -26.44 -1.83
CA PHE B 29 24.32 -25.23 -1.09
C PHE B 29 23.64 -24.22 -2.01
N LEU B 30 24.13 -24.09 -3.24
CA LEU B 30 23.52 -23.15 -4.18
C LEU B 30 22.08 -23.54 -4.49
N LYS B 31 21.77 -24.83 -4.49
CA LYS B 31 20.40 -25.25 -4.72
C LYS B 31 19.49 -24.98 -3.54
N GLN B 32 20.05 -24.62 -2.38
CA GLN B 32 19.24 -24.32 -1.21
C GLN B 32 18.67 -22.91 -1.21
N LEU B 33 19.13 -22.06 -2.12
CA LEU B 33 18.66 -20.69 -2.17
C LEU B 33 17.20 -20.64 -2.60
N PRO B 34 16.49 -19.56 -2.28
CA PRO B 34 15.14 -19.40 -2.81
C PRO B 34 15.16 -19.24 -4.32
N HIS B 35 14.08 -19.67 -4.95
CA HIS B 35 13.91 -19.57 -6.38
C HIS B 35 12.76 -18.62 -6.70
N LEU B 36 12.84 -17.97 -7.85
CA LEU B 36 11.78 -17.05 -8.26
C LEU B 36 11.85 -16.91 -9.78
N GLU B 37 10.82 -17.41 -10.46
CA GLU B 37 10.81 -17.38 -11.92
C GLU B 37 10.72 -15.93 -12.40
N PRO B 38 11.59 -15.51 -13.32
CA PRO B 38 11.54 -14.12 -13.80
C PRO B 38 10.28 -13.89 -14.63
N TYR B 39 9.40 -13.01 -14.13
CA TYR B 39 8.13 -12.73 -14.76
C TYR B 39 7.32 -14.01 -14.96
N GLY B 40 7.38 -14.90 -13.97
CA GLY B 40 6.67 -16.16 -14.03
C GLY B 40 5.43 -16.25 -13.17
N ASN B 41 5.09 -15.20 -12.44
CA ASN B 41 3.95 -15.25 -11.54
C ASN B 41 3.51 -13.83 -11.23
N PRO B 42 2.20 -13.57 -11.11
CA PRO B 42 1.77 -12.20 -10.79
C PRO B 42 2.31 -11.67 -9.49
N PHE B 43 2.52 -12.52 -8.48
CA PHE B 43 3.06 -12.04 -7.22
C PHE B 43 4.50 -11.56 -7.34
N TYR B 44 5.18 -11.91 -8.43
CA TYR B 44 6.53 -11.41 -8.66
C TYR B 44 6.53 -9.91 -8.80
N PHE B 45 5.54 -9.36 -9.51
CA PHE B 45 5.52 -7.93 -9.75
C PHE B 45 5.25 -7.14 -8.49
N ILE B 46 4.59 -7.74 -7.50
CA ILE B 46 4.43 -7.06 -6.21
C ILE B 46 5.79 -6.83 -5.57
N TYR B 47 6.61 -7.89 -5.51
CA TYR B 47 7.96 -7.75 -4.97
C TYR B 47 8.76 -6.75 -5.78
N LEU B 48 8.67 -6.84 -7.10
CA LEU B 48 9.46 -5.95 -7.95
C LEU B 48 9.06 -4.50 -7.76
N GLY B 49 7.76 -4.23 -7.67
CA GLY B 49 7.32 -2.86 -7.45
C GLY B 49 7.73 -2.34 -6.09
N ILE B 50 7.60 -3.17 -5.04
CA ILE B 50 8.01 -2.72 -3.72
C ILE B 50 9.51 -2.44 -3.68
N ALA B 51 10.30 -3.26 -4.38
CA ALA B 51 11.74 -3.05 -4.38
C ALA B 51 12.13 -1.83 -5.21
N LEU B 52 11.41 -1.57 -6.30
CA LEU B 52 11.76 -0.49 -7.21
C LEU B 52 11.13 0.85 -6.86
N LEU B 53 10.23 0.88 -5.88
CA LEU B 53 9.68 2.17 -5.45
C LEU B 53 10.75 3.18 -5.07
N PRO B 54 11.76 2.85 -4.25
CA PRO B 54 12.78 3.86 -3.94
C PRO B 54 13.52 4.38 -5.16
N ILE B 55 13.82 3.51 -6.14
CA ILE B 55 14.53 3.97 -7.33
C ILE B 55 13.67 4.95 -8.11
N PHE B 56 12.39 4.64 -8.29
CA PHE B 56 11.50 5.53 -9.02
C PHE B 56 11.32 6.86 -8.29
N ILE B 57 11.15 6.82 -6.97
CA ILE B 57 10.96 8.05 -6.21
C ILE B 57 12.21 8.92 -6.29
N GLY B 58 13.39 8.32 -6.09
CA GLY B 58 14.61 9.08 -6.21
C GLY B 58 14.84 9.62 -7.60
N LEU B 59 14.43 8.86 -8.61
CA LEU B 59 14.52 9.32 -9.99
C LEU B 59 13.63 10.54 -10.22
N PHE B 60 12.48 10.57 -9.57
CA PHE B 60 11.57 11.72 -9.72
C PHE B 60 12.26 13.03 -9.36
N PHE B 61 13.20 13.00 -8.40
CA PHE B 61 13.87 14.21 -7.93
C PHE B 61 15.27 14.35 -8.53
N LYS B 62 15.49 13.78 -9.72
CA LYS B 62 16.79 13.87 -10.40
C LYS B 62 17.91 13.32 -9.53
N LYS B 63 17.67 12.17 -8.89
CA LYS B 63 18.63 11.54 -8.00
C LYS B 63 18.72 10.05 -8.33
N ARG B 64 19.93 9.55 -8.51
CA ARG B 64 20.16 8.13 -8.76
C ARG B 64 21.07 7.58 -7.68
N PHE B 65 20.65 6.49 -7.05
CA PHE B 65 21.40 5.95 -5.92
C PHE B 65 22.66 5.21 -6.39
N ALA B 66 22.56 4.44 -7.47
CA ALA B 66 23.65 3.70 -8.08
C ALA B 66 24.21 2.60 -7.18
N ILE B 67 23.70 2.44 -5.97
CA ILE B 67 24.04 1.32 -5.10
C ILE B 67 22.82 0.47 -4.79
N TYR B 68 21.70 1.12 -4.47
CA TYR B 68 20.45 0.39 -4.28
C TYR B 68 20.04 -0.30 -5.57
N GLU B 69 20.27 0.33 -6.72
CA GLU B 69 20.02 -0.34 -7.99
C GLU B 69 20.85 -1.60 -8.12
N CYS B 70 22.12 -1.53 -7.75
CA CYS B 70 22.98 -2.71 -7.84
C CYS B 70 22.47 -3.81 -6.92
N LEU B 71 22.02 -3.45 -5.71
CA LEU B 71 21.52 -4.46 -4.79
C LEU B 71 20.26 -5.13 -5.34
N VAL B 72 19.30 -4.34 -5.84
CA VAL B 72 18.07 -4.95 -6.32
C VAL B 72 18.33 -5.79 -7.57
N SER B 73 19.20 -5.31 -8.46
CA SER B 73 19.54 -6.08 -9.65
C SER B 73 20.18 -7.41 -9.28
N ILE B 74 21.13 -7.38 -8.35
CA ILE B 74 21.80 -8.61 -7.94
C ILE B 74 20.81 -9.57 -7.29
N THR B 75 19.96 -9.06 -6.40
CA THR B 75 19.00 -9.94 -5.71
C THR B 75 18.08 -10.61 -6.71
N PHE B 76 17.53 -9.84 -7.66
CA PHE B 76 16.56 -10.46 -8.56
C PHE B 76 17.23 -11.34 -9.61
N ILE B 77 18.44 -11.01 -10.05
CA ILE B 77 19.16 -11.89 -10.95
C ILE B 77 19.45 -13.22 -10.28
N VAL B 78 19.94 -13.18 -9.04
CA VAL B 78 20.27 -14.42 -8.33
C VAL B 78 19.00 -15.20 -8.03
N LEU B 79 17.91 -14.52 -7.73
CA LEU B 79 16.63 -15.22 -7.55
C LEU B 79 16.21 -15.91 -8.83
N ALA B 80 16.36 -15.25 -9.97
CA ALA B 80 15.96 -15.87 -11.24
C ALA B 80 16.83 -17.07 -11.57
N LEU B 81 18.13 -16.99 -11.29
CA LEU B 81 19.03 -18.04 -11.73
C LEU B 81 19.04 -19.27 -10.83
N THR B 82 18.58 -19.15 -9.57
CA THR B 82 18.66 -20.25 -8.62
C THR B 82 17.45 -21.17 -8.73
N GLY B 83 17.37 -21.87 -9.85
CA GLY B 83 16.34 -22.86 -10.09
C GLY B 83 16.82 -24.27 -9.80
N THR B 84 16.32 -25.22 -10.58
CA THR B 84 16.81 -26.58 -10.48
C THR B 84 18.30 -26.65 -10.85
N HIS B 85 18.70 -25.93 -11.90
CA HIS B 85 20.09 -25.86 -12.30
C HIS B 85 20.76 -24.64 -11.67
N ALA B 86 20.75 -24.60 -10.34
CA ALA B 86 21.35 -23.46 -9.64
C ALA B 86 22.84 -23.37 -9.86
N SER B 87 23.49 -24.47 -10.24
CA SER B 87 24.93 -24.44 -10.47
C SER B 87 25.32 -23.41 -11.52
N GLN B 88 24.38 -23.03 -12.39
CA GLN B 88 24.67 -22.04 -13.42
C GLN B 88 25.18 -20.75 -12.81
N ILE B 89 24.81 -20.46 -11.56
CA ILE B 89 25.30 -19.24 -10.92
C ILE B 89 26.82 -19.21 -10.94
N LEU B 90 27.47 -20.33 -10.61
CA LEU B 90 28.92 -20.37 -10.67
C LEU B 90 29.40 -19.98 -12.06
N ALA B 91 28.76 -20.54 -13.10
CA ALA B 91 29.14 -20.18 -14.46
C ALA B 91 29.02 -18.67 -14.67
N LEU B 92 27.94 -18.06 -14.17
CA LEU B 92 27.81 -16.61 -14.28
C LEU B 92 28.99 -15.92 -13.61
N LEU B 93 29.34 -16.36 -12.40
CA LEU B 93 30.45 -15.71 -11.70
C LEU B 93 31.77 -15.95 -12.41
N PHE B 94 31.81 -16.89 -13.35
CA PHE B 94 32.95 -16.97 -14.24
C PHE B 94 32.78 -16.09 -15.46
N TYR B 95 31.60 -16.13 -16.07
CA TYR B 95 31.38 -15.42 -17.32
C TYR B 95 31.72 -13.94 -17.18
N ILE B 96 31.18 -13.29 -16.15
CA ILE B 96 31.50 -11.89 -15.91
C ILE B 96 33.01 -11.70 -15.81
N VAL B 97 33.66 -12.51 -14.98
CA VAL B 97 35.10 -12.35 -14.79
C VAL B 97 35.82 -12.57 -16.11
N TRP B 98 35.28 -13.40 -16.98
CA TRP B 98 35.90 -13.56 -18.29
C TRP B 98 35.75 -12.29 -19.11
N GLN B 99 34.53 -11.75 -19.22
CA GLN B 99 34.30 -10.62 -20.11
C GLN B 99 35.15 -9.43 -19.71
N ILE B 100 35.18 -9.13 -18.41
CA ILE B 100 36.02 -8.04 -17.92
C ILE B 100 37.45 -8.24 -18.39
N ILE B 101 37.98 -9.44 -18.18
CA ILE B 101 39.37 -9.71 -18.53
C ILE B 101 39.62 -9.41 -19.99
N TRP B 102 38.61 -9.63 -20.85
CA TRP B 102 38.79 -9.46 -22.28
C TRP B 102 38.08 -8.24 -22.83
N VAL B 103 37.64 -7.31 -21.98
CA VAL B 103 37.17 -6.01 -22.43
C VAL B 103 38.22 -4.94 -22.19
N TYR B 104 38.69 -4.81 -20.95
CA TYR B 104 39.77 -3.87 -20.65
C TYR B 104 41.02 -4.22 -21.44
N SER B 105 41.26 -5.52 -21.65
CA SER B 105 42.40 -5.93 -22.45
C SER B 105 42.35 -5.32 -23.84
N TYR B 106 41.16 -4.97 -24.32
CA TYR B 106 41.08 -4.25 -25.57
C TYR B 106 41.22 -2.75 -25.40
N LYS B 107 40.61 -2.18 -24.35
CA LYS B 107 40.62 -0.73 -24.20
C LYS B 107 42.05 -0.23 -24.01
N ARG B 108 42.81 -0.88 -23.14
CA ARG B 108 44.22 -0.52 -22.97
C ARG B 108 44.98 -0.64 -24.29
N TYR B 109 44.54 -1.54 -25.17
CA TYR B 109 45.14 -1.63 -26.50
C TYR B 109 44.66 -0.50 -27.41
N ARG B 110 43.39 -0.13 -27.30
CA ARG B 110 42.82 0.83 -28.25
C ARG B 110 43.56 2.16 -28.21
N SER B 111 43.92 2.62 -27.01
CA SER B 111 44.64 3.89 -26.90
C SER B 111 45.97 3.83 -27.64
N GLN B 112 46.63 2.67 -27.62
CA GLN B 112 47.96 2.58 -28.22
C GLN B 112 47.86 2.34 -29.73
N ARG B 113 47.25 1.22 -30.13
CA ARG B 113 47.18 0.83 -31.52
C ARG B 113 45.74 0.46 -31.86
N ASP B 114 45.48 0.36 -33.16
CA ASP B 114 44.15 0.02 -33.67
C ASP B 114 44.25 -0.97 -34.82
N ASN B 115 45.08 -2.00 -34.66
CA ASN B 115 45.20 -3.00 -35.70
C ASN B 115 43.95 -3.86 -35.78
N LYS B 116 43.66 -4.37 -36.97
CA LYS B 116 42.42 -5.11 -37.18
C LYS B 116 42.47 -6.50 -36.54
N TRP B 117 43.59 -7.21 -36.67
CA TRP B 117 43.63 -8.60 -36.24
C TRP B 117 43.54 -8.71 -34.72
N VAL B 118 44.11 -7.76 -34.00
CA VAL B 118 43.95 -7.74 -32.54
C VAL B 118 42.48 -7.59 -32.18
N PHE B 119 41.77 -6.72 -32.91
CA PHE B 119 40.34 -6.57 -32.67
C PHE B 119 39.59 -7.86 -32.96
N TYR B 120 39.94 -8.54 -34.05
CA TYR B 120 39.28 -9.81 -34.36
C TYR B 120 39.50 -10.82 -33.25
N LEU B 121 40.74 -10.92 -32.76
CA LEU B 121 41.04 -11.87 -31.69
C LEU B 121 40.29 -11.52 -30.42
N HIS B 122 40.21 -10.23 -30.08
CA HIS B 122 39.49 -9.84 -28.88
C HIS B 122 38.01 -10.15 -29.01
N SER B 123 37.43 -9.89 -30.18
CA SER B 123 36.01 -10.20 -30.37
C SER B 123 35.76 -11.70 -30.28
N PHE B 124 36.65 -12.51 -30.88
CA PHE B 124 36.49 -13.95 -30.81
C PHE B 124 36.58 -14.45 -29.38
N LEU B 125 37.55 -13.94 -28.61
CA LEU B 125 37.70 -14.39 -27.24
C LEU B 125 36.55 -13.89 -26.36
N VAL B 126 35.95 -12.76 -26.71
CA VAL B 126 34.78 -12.29 -25.97
C VAL B 126 33.57 -13.19 -26.25
N VAL B 127 33.41 -13.59 -27.51
CA VAL B 127 32.25 -14.40 -27.90
C VAL B 127 32.47 -15.89 -27.70
N LEU B 128 33.65 -16.30 -27.25
CA LEU B 128 33.91 -17.73 -27.06
C LEU B 128 32.95 -18.44 -26.13
N PRO B 129 32.55 -17.91 -24.96
CA PRO B 129 31.61 -18.66 -24.12
C PRO B 129 30.32 -19.02 -24.84
N LEU B 130 29.80 -18.12 -25.65
CA LEU B 130 28.61 -18.44 -26.43
C LEU B 130 28.90 -19.54 -27.44
N ILE B 131 30.09 -19.53 -28.05
CA ILE B 131 30.45 -20.58 -28.99
C ILE B 131 30.49 -21.93 -28.27
N LEU B 132 31.06 -21.96 -27.07
CA LEU B 132 31.12 -23.21 -26.33
C LEU B 132 29.73 -23.71 -25.96
N VAL B 133 28.87 -22.82 -25.48
CA VAL B 133 27.53 -23.24 -25.09
C VAL B 133 26.74 -23.73 -26.29
N LYS B 134 26.95 -23.09 -27.46
CA LYS B 134 26.17 -23.48 -28.63
C LYS B 134 26.76 -24.65 -29.40
N VAL B 135 28.03 -25.02 -29.15
CA VAL B 135 28.65 -26.08 -29.93
C VAL B 135 28.91 -27.35 -29.11
N GLU B 136 29.04 -27.25 -27.79
CA GLU B 136 29.34 -28.45 -27.01
C GLU B 136 28.22 -29.49 -27.07
N PRO B 137 26.95 -29.15 -26.89
CA PRO B 137 25.91 -30.19 -26.98
C PRO B 137 25.88 -30.92 -28.29
N THR B 138 26.23 -30.26 -29.40
CA THR B 138 26.26 -30.96 -30.68
C THR B 138 27.35 -32.03 -30.70
N ILE B 139 28.51 -31.73 -30.14
CA ILE B 139 29.63 -32.67 -30.16
C ILE B 139 29.54 -33.61 -28.96
N ASN B 140 29.63 -33.04 -27.76
CA ASN B 140 29.63 -33.87 -26.55
C ASN B 140 28.30 -34.56 -26.35
N GLY B 141 27.20 -33.81 -26.40
CA GLY B 141 25.87 -34.34 -26.15
C GLY B 141 25.23 -33.84 -24.87
N THR B 142 25.98 -33.19 -23.99
CA THR B 142 25.45 -32.64 -22.75
C THR B 142 25.75 -31.15 -22.68
N GLN B 143 24.87 -30.40 -22.02
CA GLN B 143 25.02 -28.96 -21.94
C GLN B 143 26.34 -28.60 -21.28
N SER B 144 27.05 -27.65 -21.87
CA SER B 144 28.35 -27.28 -21.36
C SER B 144 28.21 -26.54 -20.04
N LEU B 145 29.33 -26.44 -19.33
CA LEU B 145 29.31 -25.85 -18.00
C LEU B 145 29.02 -24.36 -18.04
N LEU B 146 29.61 -23.65 -19.00
CA LEU B 146 29.51 -22.19 -19.00
C LEU B 146 28.09 -21.70 -19.19
N ASN B 147 27.18 -22.57 -19.63
CA ASN B 147 25.82 -22.14 -19.91
C ASN B 147 25.11 -21.69 -18.65
N PHE B 148 24.33 -20.62 -18.77
CA PHE B 148 23.40 -20.22 -17.73
C PHE B 148 22.15 -19.70 -18.43
N LEU B 149 21.30 -19.00 -17.67
CA LEU B 149 19.97 -18.69 -18.18
C LEU B 149 20.02 -17.82 -19.43
N GLY B 150 20.79 -16.73 -19.39
CA GLY B 150 20.75 -15.77 -20.47
C GLY B 150 22.06 -15.42 -21.11
N ILE B 151 22.94 -16.39 -21.31
CA ILE B 151 24.25 -16.07 -21.90
C ILE B 151 24.10 -15.58 -23.33
N SER B 152 23.14 -16.14 -24.07
CA SER B 152 23.01 -15.77 -25.47
C SER B 152 22.58 -14.32 -25.66
N TYR B 153 22.02 -13.69 -24.63
CA TYR B 153 21.61 -12.30 -24.69
C TYR B 153 22.55 -11.39 -23.92
N LEU B 154 23.68 -11.90 -23.44
CA LEU B 154 24.68 -11.10 -22.77
C LEU B 154 25.98 -10.99 -23.54
N THR B 155 26.32 -11.97 -24.37
CA THR B 155 27.47 -11.81 -25.24
C THR B 155 27.26 -10.68 -26.23
N PHE B 156 26.01 -10.38 -26.56
CA PHE B 156 25.73 -9.32 -27.51
C PHE B 156 26.21 -7.97 -26.99
N ARG B 157 25.96 -7.68 -25.72
CA ARG B 157 26.36 -6.40 -25.17
C ARG B 157 27.89 -6.28 -25.09
N ALA B 158 28.57 -7.35 -24.70
CA ALA B 158 30.03 -7.30 -24.64
C ALA B 158 30.64 -7.12 -26.02
N VAL B 159 30.16 -7.86 -27.01
CA VAL B 159 30.69 -7.66 -28.35
C VAL B 159 30.32 -6.28 -28.88
N GLY B 160 29.18 -5.74 -28.45
CA GLY B 160 28.85 -4.38 -28.83
C GLY B 160 29.82 -3.37 -28.26
N MET B 161 30.22 -3.55 -27.00
CA MET B 161 31.24 -2.68 -26.42
C MET B 161 32.53 -2.76 -27.19
N ILE B 162 32.95 -3.98 -27.54
CA ILE B 162 34.21 -4.10 -28.28
C ILE B 162 34.10 -3.48 -29.66
N ILE B 163 32.95 -3.64 -30.32
CA ILE B 163 32.74 -3.03 -31.63
C ILE B 163 32.82 -1.51 -31.52
N GLU B 164 32.15 -0.95 -30.51
CA GLU B 164 32.17 0.50 -30.35
C GLU B 164 33.58 1.00 -30.08
N MET B 165 34.35 0.27 -29.28
CA MET B 165 35.74 0.64 -29.07
C MET B 165 36.52 0.62 -30.39
N ARG B 166 36.26 -0.39 -31.22
CA ARG B 166 36.96 -0.46 -32.50
C ARG B 166 36.64 0.73 -33.38
N ASP B 167 35.37 1.14 -33.43
CA ASP B 167 35.00 2.28 -34.25
C ASP B 167 35.53 3.60 -33.72
N GLY B 168 35.97 3.64 -32.46
CA GLY B 168 36.35 4.90 -31.85
C GLY B 168 35.21 5.68 -31.27
N VAL B 169 33.98 5.21 -31.41
CA VAL B 169 32.84 5.89 -30.78
C VAL B 169 33.00 5.86 -29.27
N LEU B 170 33.44 4.74 -28.73
CA LEU B 170 33.59 4.58 -27.29
C LEU B 170 34.99 4.98 -26.85
N LYS B 171 35.07 5.49 -25.61
CA LYS B 171 36.33 5.89 -25.00
C LYS B 171 36.28 5.44 -23.55
N GLU B 172 37.11 6.07 -22.72
CA GLU B 172 37.28 5.65 -21.34
C GLU B 172 35.94 5.63 -20.60
N PHE B 173 35.78 4.61 -19.75
CA PHE B 173 34.55 4.41 -18.98
C PHE B 173 34.90 3.65 -17.72
N THR B 174 34.00 3.70 -16.74
CA THR B 174 34.24 3.06 -15.45
C THR B 174 33.56 1.69 -15.41
N LEU B 175 34.09 0.83 -14.56
CA LEU B 175 33.53 -0.51 -14.41
C LEU B 175 32.10 -0.48 -13.90
N GLY B 176 31.72 0.58 -13.18
CA GLY B 176 30.35 0.68 -12.72
C GLY B 176 29.36 0.69 -13.88
N GLU B 177 29.63 1.53 -14.88
CA GLU B 177 28.74 1.61 -16.05
C GLU B 177 28.69 0.29 -16.80
N PHE B 178 29.85 -0.33 -17.00
CA PHE B 178 29.91 -1.66 -17.62
C PHE B 178 29.01 -2.64 -16.88
N LEU B 179 29.36 -2.97 -15.64
CA LEU B 179 28.66 -4.04 -14.95
C LEU B 179 27.23 -3.67 -14.58
N ARG B 180 26.81 -2.41 -14.71
CA ARG B 180 25.39 -2.12 -14.62
C ARG B 180 24.72 -2.07 -15.97
N PHE B 181 25.50 -2.18 -17.05
CA PHE B 181 24.97 -2.25 -18.40
C PHE B 181 24.82 -3.68 -18.90
N MET B 182 25.89 -4.47 -18.83
CA MET B 182 25.82 -5.85 -19.30
C MET B 182 24.84 -6.67 -18.48
N LEU B 183 24.84 -6.49 -17.15
CA LEU B 183 23.98 -7.26 -16.28
C LEU B 183 22.65 -6.56 -16.00
N PHE B 184 22.16 -5.75 -16.92
CA PHE B 184 20.94 -5.00 -16.66
C PHE B 184 19.82 -5.96 -16.30
N MET B 185 19.21 -5.75 -15.13
CA MET B 185 18.31 -6.75 -14.57
C MET B 185 17.07 -7.02 -15.41
N PRO B 186 16.29 -6.03 -15.85
CA PRO B 186 15.04 -6.35 -16.56
C PRO B 186 15.25 -7.13 -17.85
N THR B 187 16.35 -6.90 -18.55
CA THR B 187 16.60 -7.52 -19.85
C THR B 187 17.71 -8.57 -19.75
N PHE B 188 17.70 -9.36 -18.68
CA PHE B 188 18.77 -10.31 -18.45
C PHE B 188 18.52 -11.65 -19.13
N THR B 189 17.40 -12.30 -18.81
CA THR B 189 17.20 -13.69 -19.22
C THR B 189 17.20 -13.81 -20.74
N SER B 190 16.19 -13.27 -21.40
CA SER B 190 16.24 -13.12 -22.86
C SER B 190 15.37 -11.90 -23.21
N GLY B 191 15.99 -10.74 -23.23
CA GLY B 191 15.26 -9.51 -23.36
C GLY B 191 15.81 -8.63 -24.45
N PRO B 192 15.32 -7.41 -24.55
CA PRO B 192 15.78 -6.52 -25.61
C PRO B 192 17.28 -6.30 -25.51
N ILE B 193 17.92 -6.26 -26.67
CA ILE B 193 19.38 -6.15 -26.74
C ILE B 193 19.74 -4.69 -26.96
N ASP B 194 20.44 -4.10 -26.00
CA ASP B 194 20.80 -2.70 -26.08
C ASP B 194 22.11 -2.52 -26.84
N ARG B 195 22.58 -1.29 -26.86
CA ARG B 195 23.94 -0.95 -27.22
C ARG B 195 24.48 -0.05 -26.12
N PHE B 196 25.80 -0.01 -25.98
CA PHE B 196 26.35 0.70 -24.83
C PHE B 196 26.08 2.20 -24.89
N LYS B 197 26.34 2.82 -26.04
CA LYS B 197 26.25 4.28 -26.10
C LYS B 197 24.84 4.76 -25.79
N ARG B 198 23.85 4.12 -26.41
CA ARG B 198 22.47 4.54 -26.18
C ARG B 198 22.06 4.33 -24.73
N PHE B 199 22.41 3.17 -24.16
CA PHE B 199 22.01 2.90 -22.78
C PHE B 199 22.69 3.86 -21.82
N ASN B 200 23.97 4.15 -22.04
CA ASN B 200 24.68 5.05 -21.14
C ASN B 200 24.10 6.46 -21.21
N GLU B 201 23.84 6.97 -22.42
CA GLU B 201 23.27 8.30 -22.53
C GLU B 201 21.85 8.35 -21.98
N ASP B 202 21.12 7.25 -22.04
CA ASP B 202 19.79 7.23 -21.43
C ASP B 202 19.86 7.11 -19.92
N TYR B 203 20.91 6.48 -19.39
CA TYR B 203 21.06 6.36 -17.95
C TYR B 203 21.50 7.67 -17.33
N GLN B 204 22.41 8.40 -17.99
CA GLN B 204 22.91 9.65 -17.42
C GLN B 204 21.83 10.71 -17.34
N SER B 205 21.13 10.95 -18.45
CA SER B 205 20.16 12.05 -18.52
C SER B 205 18.85 11.59 -17.94
N ILE B 206 18.63 11.90 -16.66
CA ILE B 206 17.37 11.54 -16.01
C ILE B 206 16.23 12.32 -16.66
N PRO B 207 15.11 11.70 -17.00
CA PRO B 207 14.04 12.41 -17.69
C PRO B 207 13.31 13.37 -16.76
N ASN B 208 12.44 14.18 -17.37
CA ASN B 208 11.67 15.18 -16.64
C ASN B 208 10.44 14.55 -15.99
N ARG B 209 9.76 15.36 -15.17
CA ARG B 209 8.63 14.85 -14.41
C ARG B 209 7.50 14.38 -15.33
N ASP B 210 7.20 15.15 -16.38
CA ASP B 210 6.20 14.71 -17.33
C ASP B 210 6.64 13.45 -18.05
N GLU B 211 7.92 13.38 -18.42
CA GLU B 211 8.45 12.17 -19.05
C GLU B 211 8.37 10.99 -18.11
N LEU B 212 8.68 11.20 -16.82
CA LEU B 212 8.58 10.12 -15.85
C LEU B 212 7.15 9.64 -15.70
N LEU B 213 6.19 10.55 -15.67
CA LEU B 213 4.79 10.15 -15.58
C LEU B 213 4.36 9.36 -16.82
N ASN B 214 4.81 9.81 -18.00
CA ASN B 214 4.51 9.08 -19.22
C ASN B 214 5.10 7.67 -19.17
N MET B 215 6.35 7.56 -18.68
CA MET B 215 6.97 6.24 -18.54
C MET B 215 6.18 5.38 -17.58
N LEU B 216 5.70 5.96 -16.47
CA LEU B 216 4.96 5.16 -15.50
C LEU B 216 3.65 4.64 -16.09
N GLU B 217 2.90 5.50 -16.79
CA GLU B 217 1.65 5.04 -17.37
C GLU B 217 1.89 3.99 -18.44
N GLN B 218 2.93 4.19 -19.26
CA GLN B 218 3.26 3.19 -20.28
C GLN B 218 3.70 1.88 -19.64
N ALA B 219 4.42 1.96 -18.51
CA ALA B 219 4.86 0.76 -17.82
C ALA B 219 3.69 -0.01 -17.24
N VAL B 220 2.70 0.68 -16.68
CA VAL B 220 1.51 -0.01 -16.18
C VAL B 220 0.74 -0.64 -17.34
N LYS B 221 0.64 0.07 -18.46
CA LYS B 221 0.03 -0.52 -19.64
C LYS B 221 0.75 -1.79 -20.06
N TYR B 222 2.08 -1.75 -20.07
CA TYR B 222 2.86 -2.92 -20.46
C TYR B 222 2.68 -4.05 -19.46
N ILE B 223 2.58 -3.74 -18.17
CA ILE B 223 2.39 -4.80 -17.17
C ILE B 223 1.08 -5.52 -17.41
N MET B 224 -0.01 -4.76 -17.57
CA MET B 224 -1.31 -5.38 -17.79
C MET B 224 -1.33 -6.16 -19.11
N LEU B 225 -0.80 -5.55 -20.17
CA LEU B 225 -0.78 -6.22 -21.45
C LEU B 225 0.06 -7.48 -21.39
N GLY B 226 1.14 -7.46 -20.61
CA GLY B 226 1.96 -8.65 -20.46
C GLY B 226 1.26 -9.74 -19.70
N PHE B 227 0.50 -9.37 -18.65
CA PHE B 227 -0.36 -10.35 -18.00
C PHE B 227 -1.24 -11.04 -19.02
N LEU B 228 -1.92 -10.24 -19.85
CA LEU B 228 -2.79 -10.80 -20.87
C LEU B 228 -2.03 -11.69 -21.85
N TYR B 229 -0.84 -11.25 -22.27
CA TYR B 229 -0.12 -11.95 -23.32
C TYR B 229 0.46 -13.27 -22.83
N LYS B 230 1.04 -13.28 -21.63
CA LYS B 230 1.80 -14.44 -21.16
C LYS B 230 0.99 -15.36 -20.26
N PHE B 231 0.21 -14.82 -19.33
CA PHE B 231 -0.47 -15.68 -18.37
C PHE B 231 -1.82 -16.19 -18.86
N VAL B 232 -2.34 -15.67 -19.97
CA VAL B 232 -3.64 -16.11 -20.47
C VAL B 232 -3.52 -16.63 -21.89
N LEU B 233 -3.13 -15.76 -22.83
CA LEU B 233 -3.09 -16.16 -24.23
C LEU B 233 -1.97 -17.17 -24.48
N ALA B 234 -0.77 -16.89 -23.96
CA ALA B 234 0.33 -17.82 -24.16
C ALA B 234 0.04 -19.16 -23.53
N GLN B 235 -0.51 -19.17 -22.31
CA GLN B 235 -0.84 -20.44 -21.66
C GLN B 235 -1.88 -21.21 -22.44
N ILE B 236 -2.91 -20.51 -22.94
CA ILE B 236 -3.95 -21.18 -23.73
C ILE B 236 -3.36 -21.79 -24.99
N PHE B 237 -2.52 -21.03 -25.70
CA PHE B 237 -1.98 -21.53 -26.95
C PHE B 237 -0.90 -22.59 -26.76
N GLY B 238 -0.26 -22.64 -25.60
CA GLY B 238 0.84 -23.56 -25.42
C GLY B 238 0.53 -24.82 -24.63
N SER B 239 -0.23 -24.69 -23.53
CA SER B 239 -0.52 -25.81 -22.67
C SER B 239 -1.85 -26.49 -22.99
N MET B 240 -2.61 -25.97 -23.94
CA MET B 240 -3.91 -26.54 -24.26
C MET B 240 -3.97 -27.13 -25.66
N LEU B 241 -3.67 -26.34 -26.69
CA LEU B 241 -3.80 -26.84 -28.06
C LEU B 241 -2.53 -27.48 -28.59
N LEU B 242 -1.36 -26.99 -28.19
CA LEU B 242 -0.12 -27.46 -28.79
C LEU B 242 0.15 -28.95 -28.55
N PRO B 243 0.05 -29.49 -27.34
CA PRO B 243 0.38 -30.91 -27.14
C PRO B 243 -0.55 -31.84 -27.90
N PRO B 244 -1.88 -31.65 -27.87
CA PRO B 244 -2.74 -32.55 -28.65
C PRO B 244 -2.45 -32.52 -30.13
N LEU B 245 -2.18 -31.33 -30.68
CA LEU B 245 -1.87 -31.23 -32.10
C LEU B 245 -0.55 -31.93 -32.42
N LYS B 246 0.44 -31.78 -31.53
CA LYS B 246 1.71 -32.48 -31.74
C LYS B 246 1.49 -33.99 -31.74
N ALA B 247 0.71 -34.49 -30.78
CA ALA B 247 0.48 -35.93 -30.70
C ALA B 247 -0.26 -36.44 -31.93
N GLN B 248 -1.29 -35.71 -32.37
CA GLN B 248 -2.04 -36.14 -33.55
C GLN B 248 -1.16 -36.11 -34.79
N ALA B 249 -0.32 -35.08 -34.94
CA ALA B 249 0.57 -35.02 -36.08
C ALA B 249 1.58 -36.16 -36.08
N LEU B 250 2.13 -36.48 -34.90
CA LEU B 250 3.03 -37.62 -34.81
C LEU B 250 2.33 -38.91 -35.19
N SER B 251 1.11 -39.11 -34.69
CA SER B 251 0.39 -40.35 -34.96
C SER B 251 0.05 -40.48 -36.44
N GLN B 252 -0.35 -39.37 -37.08
CA GLN B 252 -0.74 -39.43 -38.49
C GLN B 252 0.42 -39.87 -39.37
N GLY B 253 1.61 -39.33 -39.14
CA GLY B 253 2.74 -39.64 -39.98
C GLY B 253 2.67 -38.94 -41.32
N GLY B 254 3.53 -39.38 -42.22
CA GLY B 254 3.63 -38.81 -43.55
C GLY B 254 4.46 -37.54 -43.56
N ILE B 255 4.70 -37.03 -44.77
CA ILE B 255 5.51 -35.83 -44.93
C ILE B 255 4.78 -34.62 -44.36
N PHE B 256 3.50 -34.46 -44.70
CA PHE B 256 2.72 -33.33 -44.22
C PHE B 256 1.26 -33.75 -44.15
N ASN B 257 0.51 -33.08 -43.28
CA ASN B 257 -0.89 -33.41 -43.04
C ASN B 257 -1.54 -32.21 -42.34
N LEU B 258 -2.84 -32.33 -42.09
CA LEU B 258 -3.55 -31.27 -41.38
C LEU B 258 -3.03 -31.02 -39.96
N PRO B 259 -2.84 -32.04 -39.11
CA PRO B 259 -2.45 -31.74 -37.72
C PRO B 259 -1.12 -31.01 -37.60
N THR B 260 -0.15 -31.28 -38.47
CA THR B 260 1.10 -30.54 -38.39
C THR B 260 0.92 -29.10 -38.87
N LEU B 261 0.02 -28.86 -39.83
CA LEU B 261 -0.31 -27.50 -40.19
C LEU B 261 -0.91 -26.75 -39.01
N GLY B 262 -1.82 -27.41 -38.28
CA GLY B 262 -2.38 -26.80 -37.10
C GLY B 262 -1.34 -26.54 -36.02
N VAL B 263 -0.41 -27.48 -35.83
CA VAL B 263 0.61 -27.27 -34.81
C VAL B 263 1.54 -26.15 -35.21
N MET B 264 1.84 -26.01 -36.50
CA MET B 264 2.69 -24.91 -36.93
C MET B 264 2.02 -23.57 -36.67
N TYR B 265 0.73 -23.46 -36.98
CA TYR B 265 0.03 -22.20 -36.74
C TYR B 265 -0.04 -21.88 -35.24
N VAL B 266 -0.47 -22.85 -34.44
CA VAL B 266 -0.62 -22.60 -33.02
C VAL B 266 0.73 -22.32 -32.37
N TYR B 267 1.78 -23.04 -32.78
CA TYR B 267 3.08 -22.79 -32.20
C TYR B 267 3.60 -21.41 -32.58
N GLY B 268 3.40 -20.98 -33.82
CA GLY B 268 3.83 -19.65 -34.19
C GLY B 268 3.16 -18.60 -33.34
N PHE B 269 1.84 -18.71 -33.17
CA PHE B 269 1.15 -17.73 -32.34
C PHE B 269 1.60 -17.81 -30.89
N ASP B 270 1.81 -19.02 -30.37
CA ASP B 270 2.24 -19.17 -28.98
C ASP B 270 3.62 -18.56 -28.76
N LEU B 271 4.54 -18.82 -29.69
CA LEU B 271 5.88 -18.24 -29.60
C LEU B 271 5.80 -16.73 -29.61
N PHE B 272 5.04 -16.17 -30.55
CA PHE B 272 4.93 -14.72 -30.60
C PHE B 272 4.34 -14.17 -29.31
N PHE B 273 3.30 -14.81 -28.78
CA PHE B 273 2.64 -14.25 -27.60
C PHE B 273 3.53 -14.34 -26.37
N ASP B 274 4.20 -15.48 -26.16
CA ASP B 274 5.10 -15.59 -25.02
C ASP B 274 6.24 -14.59 -25.13
N PHE B 275 6.85 -14.49 -26.31
CA PHE B 275 7.97 -13.58 -26.50
C PHE B 275 7.53 -12.13 -26.29
N ALA B 276 6.38 -11.76 -26.84
CA ALA B 276 5.88 -10.39 -26.68
C ALA B 276 5.53 -10.10 -25.24
N GLY B 277 4.98 -11.08 -24.52
CA GLY B 277 4.70 -10.87 -23.11
C GLY B 277 5.96 -10.62 -22.32
N TYR B 278 6.99 -11.44 -22.55
CA TYR B 278 8.25 -11.20 -21.84
C TYR B 278 8.84 -9.85 -22.21
N SER B 279 8.80 -9.49 -23.50
CA SER B 279 9.40 -8.24 -23.91
C SER B 279 8.66 -7.06 -23.29
N MET B 280 7.33 -7.13 -23.22
CA MET B 280 6.60 -6.04 -22.60
C MET B 280 6.87 -5.97 -21.10
N PHE B 281 7.02 -7.12 -20.44
CA PHE B 281 7.40 -7.11 -19.03
C PHE B 281 8.75 -6.43 -18.84
N ALA B 282 9.72 -6.78 -19.68
CA ALA B 282 11.05 -6.21 -19.56
C ALA B 282 11.03 -4.71 -19.82
N LEU B 283 10.27 -4.29 -20.83
CA LEU B 283 10.14 -2.86 -21.10
C LEU B 283 9.52 -2.13 -19.93
N ALA B 284 8.48 -2.72 -19.32
CA ALA B 284 7.85 -2.09 -18.18
C ALA B 284 8.81 -1.92 -17.02
N VAL B 285 9.56 -2.97 -16.69
CA VAL B 285 10.47 -2.87 -15.55
C VAL B 285 11.61 -1.90 -15.86
N SER B 286 12.12 -1.93 -17.08
CA SER B 286 13.18 -0.99 -17.45
C SER B 286 12.68 0.45 -17.40
N ASN B 287 11.43 0.69 -17.81
CA ASN B 287 10.85 2.02 -17.68
C ASN B 287 10.74 2.43 -16.22
N LEU B 288 10.36 1.47 -15.35
CA LEU B 288 10.32 1.78 -13.93
C LEU B 288 11.70 2.15 -13.40
N MET B 289 12.77 1.53 -13.90
CA MET B 289 14.10 1.97 -13.53
C MET B 289 14.51 3.26 -14.23
N GLY B 290 13.75 3.70 -15.22
CA GLY B 290 14.03 4.93 -15.91
C GLY B 290 14.78 4.82 -17.22
N ILE B 291 14.94 3.61 -17.76
CA ILE B 291 15.64 3.39 -19.02
C ILE B 291 14.65 2.77 -19.99
N LYS B 292 14.52 3.36 -21.18
CA LYS B 292 13.62 2.84 -22.21
C LYS B 292 14.42 1.91 -23.12
N SER B 293 14.27 0.61 -22.91
CA SER B 293 14.95 -0.41 -23.70
C SER B 293 14.30 -0.52 -25.09
N PRO B 294 15.04 -1.00 -26.09
CA PRO B 294 14.48 -1.09 -27.43
C PRO B 294 13.27 -2.02 -27.46
N ILE B 295 12.32 -1.69 -28.34
CA ILE B 295 11.15 -2.52 -28.49
C ILE B 295 11.52 -3.83 -29.16
N ASN B 296 10.66 -4.82 -28.99
CA ASN B 296 10.89 -6.14 -29.55
C ASN B 296 9.88 -6.56 -30.61
N PHE B 297 8.61 -6.16 -30.47
CA PHE B 297 7.61 -6.54 -31.45
C PHE B 297 6.68 -5.36 -31.71
N ASP B 298 6.38 -5.11 -32.98
CA ASP B 298 5.48 -4.03 -33.38
C ASP B 298 4.60 -4.56 -34.52
N LYS B 299 3.52 -5.27 -34.16
CA LYS B 299 2.57 -5.86 -35.09
C LYS B 299 3.29 -6.67 -36.17
N PRO B 300 3.80 -7.86 -35.84
CA PRO B 300 4.62 -8.59 -36.83
C PRO B 300 3.83 -9.31 -37.90
N PHE B 301 2.56 -9.65 -37.65
CA PHE B 301 1.80 -10.50 -38.57
C PHE B 301 1.02 -9.70 -39.61
N ILE B 302 1.04 -8.38 -39.55
CA ILE B 302 0.52 -7.56 -40.62
C ILE B 302 1.63 -7.10 -41.55
N SER B 303 2.73 -7.86 -41.61
CA SER B 303 3.97 -7.39 -42.21
C SER B 303 3.82 -7.10 -43.70
N ARG B 304 3.09 -7.95 -44.42
CA ARG B 304 2.78 -7.76 -45.83
C ARG B 304 3.99 -7.97 -46.73
N ASP B 305 5.18 -8.05 -46.14
CA ASP B 305 6.38 -8.24 -46.95
C ASP B 305 7.51 -8.71 -46.05
N MET B 306 8.44 -9.47 -46.64
CA MET B 306 9.50 -10.10 -45.87
C MET B 306 10.40 -9.08 -45.20
N LYS B 307 10.92 -8.13 -45.98
CA LYS B 307 11.78 -7.10 -45.40
C LYS B 307 11.02 -6.32 -44.34
N GLU B 308 9.76 -6.00 -44.61
CA GLU B 308 8.95 -5.33 -43.59
C GLU B 308 8.64 -6.27 -42.44
N PHE B 309 8.73 -7.59 -42.65
CA PHE B 309 8.62 -8.48 -41.51
C PHE B 309 9.82 -8.35 -40.59
N TRP B 310 11.02 -8.32 -41.17
CA TRP B 310 12.20 -8.28 -40.31
C TRP B 310 12.41 -6.95 -39.62
N ASN B 311 11.65 -5.92 -39.98
CA ASN B 311 11.62 -4.69 -39.20
C ASN B 311 10.45 -4.67 -38.24
N ARG B 312 9.83 -5.83 -38.00
CA ARG B 312 8.73 -5.93 -37.05
C ARG B 312 8.85 -7.12 -36.11
N TRP B 313 9.60 -8.16 -36.45
CA TRP B 313 9.71 -9.36 -35.65
C TRP B 313 11.07 -9.38 -34.96
N HIS B 314 11.05 -9.46 -33.63
CA HIS B 314 12.27 -9.39 -32.83
C HIS B 314 13.11 -8.19 -33.27
N MET B 315 12.54 -7.01 -32.99
CA MET B 315 13.15 -5.77 -33.46
C MET B 315 14.59 -5.66 -33.00
N SER B 316 14.84 -5.89 -31.71
CA SER B 316 16.17 -5.63 -31.16
C SER B 316 17.23 -6.50 -31.81
N LEU B 317 16.95 -7.80 -31.92
CA LEU B 317 17.94 -8.72 -32.46
C LEU B 317 18.20 -8.46 -33.94
N SER B 318 17.14 -8.27 -34.72
CA SER B 318 17.32 -8.04 -36.15
C SER B 318 18.06 -6.73 -36.39
N PHE B 319 17.73 -5.69 -35.62
CA PHE B 319 18.45 -4.43 -35.75
C PHE B 319 19.91 -4.58 -35.34
N TRP B 320 20.17 -5.37 -34.30
CA TRP B 320 21.55 -5.61 -33.91
C TRP B 320 22.33 -6.25 -35.05
N PHE B 321 21.78 -7.31 -35.62
CA PHE B 321 22.50 -7.98 -36.70
C PHE B 321 22.61 -7.11 -37.94
N ARG B 322 21.66 -6.19 -38.13
CA ARG B 322 21.76 -5.27 -39.25
C ARG B 322 22.86 -4.24 -39.02
N ASP B 323 22.97 -3.74 -37.80
CA ASP B 323 23.95 -2.71 -37.51
C ASP B 323 25.37 -3.27 -37.51
N PHE B 324 25.56 -4.45 -36.91
CA PHE B 324 26.91 -4.94 -36.64
C PHE B 324 27.36 -6.10 -37.53
N VAL B 325 26.47 -7.02 -37.90
CA VAL B 325 26.91 -8.21 -38.63
C VAL B 325 26.55 -8.12 -40.11
N PHE B 326 25.46 -7.40 -40.42
CA PHE B 326 25.09 -7.19 -41.82
C PHE B 326 25.90 -6.04 -42.42
N MET B 327 25.78 -4.84 -41.83
CA MET B 327 26.39 -3.67 -42.44
C MET B 327 27.90 -3.80 -42.52
N ARG B 328 28.53 -4.31 -41.47
CA ARG B 328 29.98 -4.48 -41.49
C ARG B 328 30.41 -5.46 -42.57
N LEU B 329 29.66 -6.56 -42.73
CA LEU B 329 30.01 -7.55 -43.73
C LEU B 329 29.87 -7.01 -45.14
N VAL B 330 28.79 -6.29 -45.42
CA VAL B 330 28.63 -5.75 -46.77
C VAL B 330 29.68 -4.68 -47.02
N ILE B 331 30.05 -3.90 -46.00
CA ILE B 331 31.10 -2.91 -46.17
C ILE B 331 32.42 -3.59 -46.53
N VAL B 332 32.77 -4.64 -45.79
CA VAL B 332 34.06 -5.29 -46.05
C VAL B 332 34.04 -6.02 -47.38
N LEU B 333 32.87 -6.53 -47.79
CA LEU B 333 32.76 -7.15 -49.11
C LEU B 333 32.95 -6.12 -50.22
N MET B 334 32.37 -4.93 -50.06
CA MET B 334 32.49 -3.90 -51.09
C MET B 334 33.83 -3.19 -51.06
N ARG B 335 34.58 -3.30 -49.95
CA ARG B 335 35.91 -2.70 -49.91
C ARG B 335 36.83 -3.38 -50.90
N ASN B 336 36.78 -4.71 -50.98
CA ASN B 336 37.63 -5.48 -51.88
C ASN B 336 36.99 -5.75 -53.22
N LYS B 337 35.77 -5.28 -53.43
CA LYS B 337 35.01 -5.43 -54.69
C LYS B 337 35.20 -6.81 -55.31
N VAL B 338 34.99 -7.84 -54.48
CA VAL B 338 35.19 -9.20 -54.95
C VAL B 338 34.06 -9.67 -55.85
N PHE B 339 32.95 -8.95 -55.89
CA PHE B 339 31.81 -9.31 -56.73
C PHE B 339 31.59 -8.25 -57.80
N LYS B 340 31.27 -8.71 -59.01
CA LYS B 340 31.10 -7.79 -60.13
C LYS B 340 29.91 -6.86 -59.93
N ASN B 341 28.79 -7.39 -59.46
CA ASN B 341 27.58 -6.60 -59.30
C ASN B 341 27.24 -6.44 -57.83
N ARG B 342 26.46 -5.39 -57.54
CA ARG B 342 26.04 -5.12 -56.16
C ARG B 342 24.97 -6.09 -55.68
N ASN B 343 24.11 -6.56 -56.58
CA ASN B 343 23.02 -7.45 -56.18
C ASN B 343 23.56 -8.75 -55.59
N THR B 344 24.60 -9.30 -56.19
CA THR B 344 25.20 -10.51 -55.63
C THR B 344 25.78 -10.24 -54.25
N THR B 345 26.40 -9.06 -54.07
CA THR B 345 26.92 -8.71 -52.75
C THR B 345 25.79 -8.67 -51.71
N SER B 346 24.67 -8.05 -52.06
CA SER B 346 23.56 -7.97 -51.13
C SER B 346 23.00 -9.35 -50.82
N ASN B 347 22.89 -10.20 -51.84
CA ASN B 347 22.40 -11.56 -51.61
C ASN B 347 23.32 -12.33 -50.68
N VAL B 348 24.63 -12.24 -50.92
CA VAL B 348 25.59 -12.96 -50.08
C VAL B 348 25.53 -12.44 -48.65
N ALA B 349 25.46 -11.12 -48.50
CA ALA B 349 25.40 -10.55 -47.16
C ALA B 349 24.15 -11.00 -46.42
N TYR B 350 23.01 -11.02 -47.10
CA TYR B 350 21.79 -11.49 -46.47
C TYR B 350 21.92 -12.95 -46.05
N ILE B 351 22.44 -13.79 -46.93
CA ILE B 351 22.54 -15.22 -46.62
C ILE B 351 23.45 -15.44 -45.42
N ILE B 352 24.60 -14.77 -45.40
CA ILE B 352 25.55 -14.96 -44.31
C ILE B 352 24.96 -14.44 -43.00
N ASN B 353 24.29 -13.29 -43.05
CA ASN B 353 23.69 -12.75 -41.83
C ASN B 353 22.64 -13.69 -41.27
N MET B 354 21.78 -14.23 -42.14
CA MET B 354 20.73 -15.11 -41.64
C MET B 354 21.31 -16.44 -41.16
N MET B 355 22.36 -16.94 -41.82
CA MET B 355 23.01 -18.15 -41.33
C MET B 355 23.61 -17.92 -39.96
N VAL B 356 24.23 -16.76 -39.74
CA VAL B 356 24.79 -16.48 -38.42
C VAL B 356 23.69 -16.37 -37.39
N MET B 357 22.54 -15.81 -37.77
CA MET B 357 21.40 -15.79 -36.85
C MET B 357 20.97 -17.19 -36.49
N GLY B 358 20.89 -18.08 -37.49
CA GLY B 358 20.53 -19.46 -37.22
C GLY B 358 21.52 -20.14 -36.29
N PHE B 359 22.82 -19.95 -36.55
CA PHE B 359 23.83 -20.49 -35.65
C PHE B 359 23.60 -19.99 -34.23
N TRP B 360 23.38 -18.69 -34.08
CA TRP B 360 23.16 -18.12 -32.76
C TRP B 360 22.00 -18.79 -32.07
N HIS B 361 20.95 -19.13 -32.81
CA HIS B 361 19.82 -19.80 -32.17
C HIS B 361 20.21 -21.16 -31.63
N GLY B 362 21.21 -21.82 -32.24
CA GLY B 362 21.66 -23.11 -31.79
C GLY B 362 22.06 -24.01 -32.94
N ILE B 363 23.20 -24.70 -32.83
CA ILE B 363 23.69 -25.45 -33.97
C ILE B 363 23.01 -26.81 -34.03
N THR B 364 21.87 -26.87 -34.74
CA THR B 364 21.24 -28.15 -35.06
C THR B 364 20.96 -28.16 -36.55
N TRP B 365 20.19 -29.14 -37.03
CA TRP B 365 19.79 -29.08 -38.43
C TRP B 365 18.69 -28.05 -38.64
N TYR B 366 17.72 -27.98 -37.72
CA TYR B 366 16.53 -27.18 -38.00
C TYR B 366 16.78 -25.69 -37.84
N TYR B 367 17.61 -25.27 -36.87
CA TYR B 367 17.90 -23.84 -36.75
C TYR B 367 18.67 -23.33 -37.96
N ILE B 368 19.63 -24.11 -38.46
CA ILE B 368 20.35 -23.69 -39.66
C ILE B 368 19.42 -23.70 -40.86
N ALA B 369 18.50 -24.66 -40.92
CA ALA B 369 17.51 -24.64 -41.99
C ALA B 369 16.67 -23.37 -41.94
N TYR B 370 16.25 -22.98 -40.74
CA TYR B 370 15.48 -21.76 -40.57
C TYR B 370 16.25 -20.54 -41.01
N GLY B 371 17.52 -20.46 -40.60
CA GLY B 371 18.34 -19.32 -41.00
C GLY B 371 18.51 -19.22 -42.50
N ILE B 372 18.89 -20.33 -43.14
CA ILE B 372 19.12 -20.28 -44.58
C ILE B 372 17.81 -20.06 -45.32
N PHE B 373 16.70 -20.56 -44.77
CA PHE B 373 15.40 -20.35 -45.40
C PHE B 373 15.02 -18.89 -45.37
N HIS B 374 15.21 -18.22 -44.23
CA HIS B 374 14.90 -16.80 -44.18
C HIS B 374 15.86 -16.00 -45.05
N GLY B 375 17.11 -16.43 -45.16
CA GLY B 375 18.03 -15.75 -46.06
C GLY B 375 17.58 -15.84 -47.51
N ILE B 376 17.19 -17.04 -47.94
CA ILE B 376 16.70 -17.20 -49.30
C ILE B 376 15.43 -16.39 -49.51
N GLY B 377 14.56 -16.36 -48.50
CA GLY B 377 13.35 -15.56 -48.61
C GLY B 377 13.65 -14.07 -48.77
N LEU B 378 14.58 -13.56 -47.98
CA LEU B 378 14.96 -12.16 -48.12
C LEU B 378 15.55 -11.87 -49.50
N VAL B 379 16.39 -12.77 -50.00
CA VAL B 379 16.98 -12.56 -51.32
C VAL B 379 15.89 -12.55 -52.39
N ILE B 380 14.95 -13.48 -52.31
CA ILE B 380 13.87 -13.53 -53.30
C ILE B 380 13.03 -12.27 -53.23
N ASN B 381 12.72 -11.81 -52.01
CA ASN B 381 11.92 -10.60 -51.87
C ASN B 381 12.65 -9.38 -52.42
N ASP B 382 13.97 -9.29 -52.17
CA ASP B 382 14.74 -8.19 -52.71
C ASP B 382 14.74 -8.22 -54.24
N ALA B 383 14.90 -9.40 -54.82
CA ALA B 383 14.89 -9.50 -56.27
C ALA B 383 13.54 -9.09 -56.84
N TRP B 384 12.45 -9.54 -56.22
CA TRP B 384 11.13 -9.15 -56.69
C TRP B 384 10.91 -7.65 -56.54
N LEU B 385 11.37 -7.08 -55.43
CA LEU B 385 11.20 -5.65 -55.22
C LEU B 385 11.96 -4.84 -56.26
N ARG B 386 13.19 -5.24 -56.56
CA ARG B 386 13.96 -4.56 -57.60
C ARG B 386 13.30 -4.72 -58.96
N LYS B 387 12.78 -5.91 -59.25
CA LYS B 387 12.11 -6.13 -60.53
C LYS B 387 10.87 -5.26 -60.67
N LYS B 388 10.06 -5.17 -59.60
CA LYS B 388 8.89 -4.32 -59.66
C LYS B 388 9.27 -2.86 -59.78
N LYS B 389 10.33 -2.43 -59.08
CA LYS B 389 10.78 -1.05 -59.19
C LYS B 389 11.23 -0.73 -60.61
N THR B 390 11.99 -1.62 -61.24
CA THR B 390 12.45 -1.34 -62.59
C THR B 390 11.30 -1.42 -63.61
N ILE B 391 10.32 -2.29 -63.37
CA ILE B 391 9.15 -2.32 -64.24
C ILE B 391 8.36 -1.02 -64.12
N ASN B 392 8.20 -0.53 -62.89
CA ASN B 392 7.52 0.75 -62.69
C ASN B 392 8.29 1.88 -63.35
N LYS B 393 9.62 1.87 -63.25
CA LYS B 393 10.42 2.91 -63.89
C LYS B 393 10.27 2.86 -65.41
N ASP B 394 10.29 1.66 -65.99
CA ASP B 394 10.10 1.54 -67.43
C ASP B 394 8.71 2.02 -67.86
N ARG B 395 7.69 1.68 -67.08
CA ARG B 395 6.33 2.12 -67.39
C ARG B 395 6.22 3.64 -67.31
N LYS B 396 6.84 4.24 -66.30
CA LYS B 396 6.84 5.70 -66.18
C LYS B 396 7.59 6.34 -67.35
N LYS B 397 8.70 5.74 -67.78
CA LYS B 397 9.40 6.24 -68.95
C LYS B 397 8.52 6.17 -70.19
N ALA B 398 7.79 5.06 -70.34
CA ALA B 398 6.82 4.94 -71.42
C ALA B 398 5.54 5.72 -71.15
N GLY B 399 5.36 6.24 -69.94
CA GLY B 399 4.19 7.00 -69.59
C GLY B 399 3.01 6.19 -69.08
N LEU B 400 3.11 4.86 -69.09
CA LEU B 400 2.00 4.02 -68.66
C LEU B 400 1.84 4.05 -67.15
N LYS B 401 0.60 3.91 -66.70
CA LYS B 401 0.32 3.87 -65.28
C LYS B 401 0.91 2.61 -64.65
N PRO B 402 1.54 2.73 -63.48
CA PRO B 402 2.14 1.54 -62.85
C PRO B 402 1.09 0.56 -62.39
N LEU B 403 1.57 -0.60 -61.94
CA LEU B 403 0.68 -1.64 -61.46
C LEU B 403 -0.03 -1.18 -60.19
N PRO B 404 -1.32 -1.49 -60.04
CA PRO B 404 -2.09 -0.93 -58.93
C PRO B 404 -1.65 -1.49 -57.59
N GLU B 405 -1.82 -0.66 -56.56
CA GLU B 405 -1.67 -1.07 -55.17
C GLU B 405 -3.01 -0.83 -54.50
N ASN B 406 -3.74 -1.91 -54.21
CA ASN B 406 -5.09 -1.78 -53.68
C ASN B 406 -5.30 -2.72 -52.49
N LYS B 407 -6.55 -2.84 -52.04
CA LYS B 407 -6.83 -3.69 -50.89
C LYS B 407 -6.54 -5.15 -51.20
N TRP B 408 -6.89 -5.61 -52.41
CA TRP B 408 -6.63 -7.00 -52.77
C TRP B 408 -5.13 -7.29 -52.84
N THR B 409 -4.35 -6.38 -53.41
CA THR B 409 -2.90 -6.59 -53.49
C THR B 409 -2.28 -6.65 -52.10
N LYS B 410 -2.68 -5.73 -51.22
CA LYS B 410 -2.15 -5.73 -49.86
C LYS B 410 -2.56 -7.00 -49.13
N ALA B 411 -3.80 -7.46 -49.33
CA ALA B 411 -4.23 -8.70 -48.70
C ALA B 411 -3.42 -9.88 -49.20
N LEU B 412 -3.14 -9.93 -50.50
CA LEU B 412 -2.32 -11.00 -51.04
C LEU B 412 -0.92 -10.98 -50.43
N GLY B 413 -0.32 -9.79 -50.34
CA GLY B 413 0.99 -9.69 -49.74
C GLY B 413 1.00 -10.14 -48.30
N ILE B 414 0.02 -9.70 -47.52
CA ILE B 414 -0.05 -10.08 -46.11
C ILE B 414 -0.20 -11.59 -45.99
N PHE B 415 -1.07 -12.19 -46.80
CA PHE B 415 -1.32 -13.61 -46.68
C PHE B 415 -0.08 -14.42 -47.05
N ILE B 416 0.59 -14.08 -48.14
CA ILE B 416 1.73 -14.89 -48.57
C ILE B 416 2.89 -14.72 -47.58
N THR B 417 3.13 -13.50 -47.10
CA THR B 417 4.18 -13.30 -46.12
C THR B 417 3.87 -14.04 -44.82
N PHE B 418 2.61 -14.00 -44.38
CA PHE B 418 2.24 -14.70 -43.17
C PHE B 418 2.43 -16.21 -43.31
N ASN B 419 2.05 -16.77 -44.46
CA ASN B 419 2.26 -18.20 -44.67
C ASN B 419 3.74 -18.56 -44.68
N THR B 420 4.57 -17.76 -45.34
CA THR B 420 5.99 -18.06 -45.36
C THR B 420 6.60 -17.95 -43.96
N VAL B 421 6.18 -16.94 -43.20
CA VAL B 421 6.68 -16.81 -41.83
C VAL B 421 6.27 -18.03 -41.00
N MET B 422 5.02 -18.49 -41.15
CA MET B 422 4.59 -19.62 -40.34
C MET B 422 5.30 -20.90 -40.74
N LEU B 423 5.57 -21.09 -42.03
CA LEU B 423 6.38 -22.25 -42.41
C LEU B 423 7.78 -22.16 -41.80
N SER B 424 8.36 -20.96 -41.79
CA SER B 424 9.66 -20.78 -41.15
C SER B 424 9.60 -21.12 -39.67
N PHE B 425 8.52 -20.73 -39.00
CA PHE B 425 8.40 -21.05 -37.58
C PHE B 425 8.16 -22.53 -37.36
N LEU B 426 7.54 -23.21 -38.33
CA LEU B 426 7.46 -24.67 -38.25
C LEU B 426 8.85 -25.27 -38.28
N ILE B 427 9.70 -24.80 -39.19
CA ILE B 427 11.07 -25.32 -39.25
C ILE B 427 11.83 -25.01 -37.96
N PHE B 428 11.71 -23.78 -37.47
CA PHE B 428 12.41 -23.37 -36.26
C PHE B 428 11.87 -24.06 -35.02
N SER B 429 10.63 -24.55 -35.07
CA SER B 429 10.05 -25.18 -33.88
C SER B 429 10.80 -26.44 -33.50
N GLY B 430 11.41 -27.12 -34.48
CA GLY B 430 12.02 -28.40 -34.25
C GLY B 430 11.04 -29.55 -34.26
N PHE B 431 9.74 -29.28 -34.25
CA PHE B 431 8.77 -30.35 -34.30
C PHE B 431 8.86 -31.13 -35.60
N LEU B 432 9.36 -30.49 -36.66
CA LEU B 432 9.53 -31.20 -37.91
C LEU B 432 10.59 -32.29 -37.78
N ASN B 433 11.56 -32.10 -36.87
CA ASN B 433 12.53 -33.15 -36.62
C ASN B 433 11.86 -34.41 -36.08
N ASP B 434 10.94 -34.26 -35.14
CA ASP B 434 10.25 -35.42 -34.59
C ASP B 434 9.27 -36.01 -35.59
N LEU B 435 8.50 -35.16 -36.26
CA LEU B 435 7.47 -35.64 -37.17
C LEU B 435 8.06 -36.37 -38.36
N TRP B 436 9.02 -35.73 -39.04
CA TRP B 436 9.53 -36.28 -40.28
C TRP B 436 10.67 -37.26 -40.04
N PHE B 437 11.63 -36.86 -39.21
CA PHE B 437 12.80 -37.69 -38.94
C PHE B 437 12.52 -38.62 -37.76
N THR B 438 13.59 -39.22 -37.22
CA THR B 438 13.51 -40.27 -36.21
C THR B 438 12.73 -41.46 -36.73
N LYS B 439 12.21 -42.28 -35.82
CA LYS B 439 11.47 -43.47 -36.19
C LYS B 439 10.03 -43.49 -35.69
N LYS B 440 9.65 -42.55 -34.83
CA LYS B 440 8.29 -42.50 -34.30
C LYS B 440 7.41 -41.59 -35.15
N PHE C 22 -6.01 -33.17 -25.07
CA PHE C 22 -5.81 -33.25 -23.63
C PHE C 22 -6.86 -32.41 -22.90
N GLN C 23 -7.27 -31.32 -23.52
CA GLN C 23 -8.30 -30.45 -22.97
C GLN C 23 -9.71 -30.97 -23.22
N GLY C 24 -9.84 -32.06 -23.99
CA GLY C 24 -11.14 -32.57 -24.34
C GLY C 24 -11.90 -31.61 -25.24
N SER C 25 -12.92 -30.97 -24.71
CA SER C 25 -13.67 -29.94 -25.41
C SER C 25 -13.39 -28.58 -24.81
N MET C 26 -13.30 -27.56 -25.66
CA MET C 26 -13.04 -26.22 -25.17
C MET C 26 -14.15 -25.73 -24.25
N ILE C 27 -15.36 -26.28 -24.38
CA ILE C 27 -16.45 -25.89 -23.50
C ILE C 27 -16.16 -26.30 -22.07
N ASP C 28 -15.49 -27.43 -21.87
CA ASP C 28 -15.05 -27.81 -20.53
C ASP C 28 -14.08 -26.79 -19.97
N PHE C 29 -13.14 -26.33 -20.79
CA PHE C 29 -12.19 -25.31 -20.35
C PHE C 29 -12.92 -24.03 -19.97
N LEU C 30 -13.92 -23.64 -20.75
CA LEU C 30 -14.72 -22.47 -20.39
C LEU C 30 -15.44 -22.69 -19.07
N LYS C 31 -16.02 -23.88 -18.87
CA LYS C 31 -16.75 -24.17 -17.65
C LYS C 31 -15.84 -24.08 -16.43
N GLN C 32 -14.62 -24.60 -16.54
CA GLN C 32 -13.71 -24.61 -15.40
C GLN C 32 -13.28 -23.22 -14.96
N LEU C 33 -13.53 -22.19 -15.76
CA LEU C 33 -13.15 -20.84 -15.40
C LEU C 33 -13.98 -20.34 -14.21
N PRO C 34 -13.46 -19.36 -13.47
CA PRO C 34 -14.27 -18.77 -12.39
C PRO C 34 -15.53 -18.13 -12.94
N HIS C 35 -16.59 -18.17 -12.14
CA HIS C 35 -17.89 -17.61 -12.52
C HIS C 35 -18.42 -16.79 -11.37
N LEU C 36 -18.50 -15.48 -11.57
CA LEU C 36 -19.06 -14.55 -10.58
C LEU C 36 -20.44 -14.12 -11.04
N GLU C 37 -21.44 -14.34 -10.20
CA GLU C 37 -22.77 -13.84 -10.51
C GLU C 37 -22.73 -12.31 -10.53
N PRO C 38 -23.32 -11.66 -11.53
CA PRO C 38 -23.27 -10.20 -11.58
C PRO C 38 -24.07 -9.57 -10.46
N TYR C 39 -23.38 -8.93 -9.51
CA TYR C 39 -23.98 -8.35 -8.33
C TYR C 39 -24.73 -9.42 -7.52
N GLY C 40 -23.96 -10.43 -7.12
CA GLY C 40 -24.47 -11.50 -6.28
C GLY C 40 -24.05 -11.34 -4.84
N ASN C 41 -22.99 -12.02 -4.44
CA ASN C 41 -22.45 -11.83 -3.10
C ASN C 41 -21.83 -10.44 -2.98
N PRO C 42 -21.87 -9.84 -1.79
CA PRO C 42 -21.20 -8.54 -1.61
C PRO C 42 -19.72 -8.56 -1.87
N PHE C 43 -19.06 -9.71 -1.71
CA PHE C 43 -17.66 -9.79 -2.05
C PHE C 43 -17.42 -9.52 -3.53
N TYR C 44 -18.43 -9.74 -4.37
CA TYR C 44 -18.35 -9.25 -5.75
C TYR C 44 -18.18 -7.74 -5.76
N PHE C 45 -18.90 -7.04 -4.90
CA PHE C 45 -18.73 -5.59 -4.81
C PHE C 45 -17.34 -5.24 -4.27
N ILE C 46 -16.81 -6.04 -3.37
CA ILE C 46 -15.45 -5.79 -2.89
C ILE C 46 -14.45 -5.89 -4.03
N TYR C 47 -14.56 -6.97 -4.82
CA TYR C 47 -13.67 -7.15 -5.98
C TYR C 47 -13.82 -6.00 -6.96
N LEU C 48 -15.06 -5.62 -7.25
CA LEU C 48 -15.30 -4.57 -8.23
C LEU C 48 -14.78 -3.23 -7.75
N GLY C 49 -14.96 -2.91 -6.47
CA GLY C 49 -14.43 -1.67 -5.95
C GLY C 49 -12.92 -1.62 -6.00
N ILE C 50 -12.27 -2.73 -5.61
CA ILE C 50 -10.81 -2.77 -5.70
C ILE C 50 -10.35 -2.61 -7.14
N ALA C 51 -11.07 -3.22 -8.08
CA ALA C 51 -10.67 -3.14 -9.48
C ALA C 51 -10.86 -1.74 -10.05
N LEU C 52 -11.95 -1.07 -9.69
CA LEU C 52 -12.29 0.22 -10.27
C LEU C 52 -11.72 1.41 -9.50
N LEU C 53 -11.07 1.18 -8.37
CA LEU C 53 -10.45 2.29 -7.65
C LEU C 53 -9.51 3.12 -8.52
N PRO C 54 -8.55 2.55 -9.25
CA PRO C 54 -7.62 3.40 -10.03
C PRO C 54 -8.32 4.23 -11.09
N ILE C 55 -9.35 3.68 -11.74
CA ILE C 55 -10.04 4.44 -12.79
C ILE C 55 -10.72 5.66 -12.19
N PHE C 56 -11.41 5.48 -11.06
CA PHE C 56 -12.09 6.60 -10.43
C PHE C 56 -11.09 7.63 -9.91
N ILE C 57 -9.96 7.16 -9.37
CA ILE C 57 -8.96 8.11 -8.88
C ILE C 57 -8.41 8.94 -10.04
N GLY C 58 -8.11 8.29 -11.17
CA GLY C 58 -7.66 9.02 -12.34
C GLY C 58 -8.72 9.92 -12.93
N LEU C 59 -9.99 9.61 -12.68
CA LEU C 59 -11.08 10.44 -13.19
C LEU C 59 -11.05 11.85 -12.61
N PHE C 60 -10.42 12.05 -11.45
CA PHE C 60 -10.35 13.39 -10.88
C PHE C 60 -9.61 14.35 -11.81
N PHE C 61 -8.50 13.90 -12.38
CA PHE C 61 -7.78 14.68 -13.37
C PHE C 61 -8.42 14.41 -14.73
N LYS C 62 -7.83 14.95 -15.79
CA LYS C 62 -8.44 14.87 -17.12
C LYS C 62 -7.86 13.74 -17.95
N LYS C 63 -7.53 12.62 -17.33
CA LYS C 63 -6.99 11.47 -18.04
C LYS C 63 -7.80 10.22 -17.71
N ARG C 64 -7.85 9.30 -18.66
CA ARG C 64 -8.55 8.04 -18.48
C ARG C 64 -7.72 6.91 -19.10
N PHE C 65 -7.67 5.78 -18.40
CA PHE C 65 -6.86 4.64 -18.81
C PHE C 65 -7.70 3.77 -19.74
N ALA C 66 -7.38 3.80 -21.04
CA ALA C 66 -8.18 3.04 -22.00
C ALA C 66 -7.96 1.54 -21.84
N ILE C 67 -6.70 1.12 -21.78
CA ILE C 67 -6.39 -0.31 -21.74
C ILE C 67 -6.89 -0.93 -20.45
N TYR C 68 -6.71 -0.23 -19.32
CA TYR C 68 -7.20 -0.74 -18.04
C TYR C 68 -8.71 -0.90 -18.07
N GLU C 69 -9.43 0.08 -18.61
CA GLU C 69 -10.88 -0.02 -18.70
C GLU C 69 -11.30 -1.19 -19.56
N CYS C 70 -10.66 -1.36 -20.72
CA CYS C 70 -11.02 -2.48 -21.59
C CYS C 70 -10.75 -3.81 -20.90
N LEU C 71 -9.61 -3.93 -20.22
CA LEU C 71 -9.27 -5.20 -19.58
C LEU C 71 -10.23 -5.52 -18.42
N VAL C 72 -10.56 -4.53 -17.60
CA VAL C 72 -11.45 -4.80 -16.47
C VAL C 72 -12.86 -5.13 -16.99
N SER C 73 -13.31 -4.42 -18.02
CA SER C 73 -14.62 -4.74 -18.60
C SER C 73 -14.64 -6.16 -19.14
N ILE C 74 -13.59 -6.55 -19.87
CA ILE C 74 -13.55 -7.89 -20.46
C ILE C 74 -13.51 -8.95 -19.37
N THR C 75 -12.69 -8.75 -18.34
CA THR C 75 -12.58 -9.78 -17.31
C THR C 75 -13.88 -9.95 -16.54
N PHE C 76 -14.55 -8.85 -16.20
CA PHE C 76 -15.81 -9.00 -15.48
C PHE C 76 -16.90 -9.57 -16.38
N ILE C 77 -16.89 -9.21 -17.67
CA ILE C 77 -17.86 -9.77 -18.60
C ILE C 77 -17.69 -11.28 -18.67
N VAL C 78 -16.46 -11.75 -18.86
CA VAL C 78 -16.25 -13.19 -19.01
C VAL C 78 -16.49 -13.91 -17.69
N LEU C 79 -16.18 -13.28 -16.56
CA LEU C 79 -16.49 -13.89 -15.27
C LEU C 79 -17.99 -14.06 -15.10
N ALA C 80 -18.77 -13.07 -15.51
CA ALA C 80 -20.22 -13.20 -15.41
C ALA C 80 -20.77 -14.22 -16.39
N LEU C 81 -20.16 -14.34 -17.57
CA LEU C 81 -20.74 -15.15 -18.64
C LEU C 81 -20.43 -16.64 -18.52
N THR C 82 -19.42 -17.03 -17.74
CA THR C 82 -19.06 -18.44 -17.62
C THR C 82 -20.00 -19.15 -16.66
N GLY C 83 -19.66 -20.39 -16.29
CA GLY C 83 -20.49 -21.16 -15.40
C GLY C 83 -21.11 -22.35 -16.07
N THR C 84 -22.31 -22.75 -15.63
CA THR C 84 -22.98 -23.89 -16.25
C THR C 84 -23.33 -23.60 -17.71
N HIS C 85 -23.74 -22.36 -18.00
CA HIS C 85 -23.95 -21.93 -19.38
C HIS C 85 -22.68 -21.24 -19.88
N ALA C 86 -21.64 -22.06 -20.06
CA ALA C 86 -20.36 -21.52 -20.50
C ALA C 86 -20.21 -21.48 -22.01
N SER C 87 -21.13 -22.08 -22.75
CA SER C 87 -21.07 -22.00 -24.20
C SER C 87 -21.50 -20.63 -24.70
N GLN C 88 -22.34 -19.94 -23.93
CA GLN C 88 -22.92 -18.68 -24.37
C GLN C 88 -21.85 -17.66 -24.74
N ILE C 89 -20.71 -17.67 -24.05
CA ILE C 89 -19.67 -16.68 -24.32
C ILE C 89 -19.21 -16.80 -25.77
N LEU C 90 -19.12 -18.04 -26.28
CA LEU C 90 -18.81 -18.21 -27.69
C LEU C 90 -19.86 -17.54 -28.55
N ALA C 91 -21.13 -17.78 -28.26
CA ALA C 91 -22.21 -17.12 -28.98
C ALA C 91 -22.18 -15.62 -28.78
N LEU C 92 -21.50 -15.13 -27.74
CA LEU C 92 -21.28 -13.69 -27.61
C LEU C 92 -20.38 -13.20 -28.73
N LEU C 93 -19.24 -13.87 -28.93
CA LEU C 93 -18.25 -13.39 -29.89
C LEU C 93 -18.86 -13.24 -31.27
N PHE C 94 -19.49 -14.31 -31.77
CA PHE C 94 -20.18 -14.23 -33.05
C PHE C 94 -21.11 -13.03 -33.09
N TYR C 95 -21.93 -12.87 -32.03
CA TYR C 95 -22.87 -11.75 -31.99
C TYR C 95 -22.15 -10.44 -32.25
N ILE C 96 -21.03 -10.21 -31.56
CA ILE C 96 -20.30 -8.97 -31.75
C ILE C 96 -19.97 -8.78 -33.21
N VAL C 97 -19.36 -9.81 -33.82
CA VAL C 97 -19.00 -9.72 -35.22
C VAL C 97 -20.23 -9.41 -36.05
N TRP C 98 -21.35 -10.07 -35.75
CA TRP C 98 -22.57 -9.84 -36.50
C TRP C 98 -22.93 -8.36 -36.51
N GLN C 99 -22.91 -7.73 -35.33
CA GLN C 99 -23.25 -6.31 -35.30
C GLN C 99 -22.26 -5.50 -36.11
N ILE C 100 -20.97 -5.78 -35.97
CA ILE C 100 -19.97 -5.05 -36.73
C ILE C 100 -20.10 -5.32 -38.22
N ILE C 101 -20.72 -6.43 -38.59
CA ILE C 101 -20.99 -6.67 -40.00
C ILE C 101 -22.07 -5.74 -40.50
N TRP C 102 -23.11 -5.49 -39.69
CA TRP C 102 -24.29 -4.79 -40.15
C TRP C 102 -24.45 -3.41 -39.55
N VAL C 103 -23.46 -2.91 -38.80
CA VAL C 103 -23.42 -1.52 -38.39
C VAL C 103 -22.54 -0.71 -39.32
N TYR C 104 -21.30 -1.16 -39.55
CA TYR C 104 -20.41 -0.43 -40.45
C TYR C 104 -20.90 -0.49 -41.88
N SER C 105 -21.59 -1.57 -42.26
CA SER C 105 -22.21 -1.60 -43.58
C SER C 105 -23.21 -0.47 -43.73
N TYR C 106 -24.06 -0.26 -42.72
CA TYR C 106 -25.00 0.85 -42.80
C TYR C 106 -24.29 2.18 -42.67
N LYS C 107 -23.17 2.25 -41.95
CA LYS C 107 -22.42 3.51 -41.92
C LYS C 107 -21.91 3.88 -43.30
N ARG C 108 -21.33 2.91 -44.01
CA ARG C 108 -20.86 3.18 -45.36
C ARG C 108 -22.02 3.56 -46.28
N TYR C 109 -23.16 2.87 -46.15
CA TYR C 109 -24.29 3.23 -46.99
C TYR C 109 -24.82 4.63 -46.65
N ARG C 110 -24.87 4.96 -45.35
CA ARG C 110 -25.36 6.26 -44.93
C ARG C 110 -24.47 7.39 -45.42
N SER C 111 -23.17 7.14 -45.52
CA SER C 111 -22.25 8.17 -46.01
C SER C 111 -22.68 8.69 -47.37
N GLN C 112 -23.33 7.86 -48.19
CA GLN C 112 -23.75 8.26 -49.52
C GLN C 112 -25.24 8.60 -49.61
N ARG C 113 -26.10 7.66 -49.22
CA ARG C 113 -27.54 7.83 -49.37
C ARG C 113 -28.26 7.22 -48.18
N ASP C 114 -29.58 7.39 -48.13
CA ASP C 114 -30.39 6.78 -47.08
C ASP C 114 -31.76 6.47 -47.66
N ASN C 115 -31.97 5.22 -48.04
CA ASN C 115 -33.27 4.75 -48.51
C ASN C 115 -33.98 4.04 -47.36
N LYS C 116 -35.31 4.14 -47.36
CA LYS C 116 -36.07 3.55 -46.25
C LYS C 116 -35.85 2.05 -46.16
N TRP C 117 -35.84 1.36 -47.30
CA TRP C 117 -35.76 -0.09 -47.28
C TRP C 117 -34.40 -0.56 -46.83
N VAL C 118 -33.33 0.17 -47.18
CA VAL C 118 -32.01 -0.18 -46.68
C VAL C 118 -31.97 -0.09 -45.16
N PHE C 119 -32.54 0.98 -44.61
CA PHE C 119 -32.58 1.13 -43.16
C PHE C 119 -33.40 0.03 -42.51
N TYR C 120 -34.54 -0.31 -43.12
CA TYR C 120 -35.37 -1.40 -42.60
C TYR C 120 -34.60 -2.71 -42.57
N LEU C 121 -33.92 -3.03 -43.67
CA LEU C 121 -33.18 -4.29 -43.73
C LEU C 121 -32.05 -4.31 -42.72
N HIS C 122 -31.33 -3.19 -42.59
CA HIS C 122 -30.24 -3.15 -41.62
C HIS C 122 -30.75 -3.31 -40.19
N SER C 123 -31.85 -2.63 -39.85
CA SER C 123 -32.40 -2.77 -38.51
C SER C 123 -32.86 -4.20 -38.26
N PHE C 124 -33.51 -4.82 -39.25
CA PHE C 124 -33.95 -6.20 -39.10
C PHE C 124 -32.78 -7.12 -38.88
N LEU C 125 -31.70 -6.95 -39.66
CA LEU C 125 -30.54 -7.83 -39.49
C LEU C 125 -29.83 -7.56 -38.18
N VAL C 126 -29.91 -6.33 -37.66
CA VAL C 126 -29.26 -6.03 -36.39
C VAL C 126 -30.01 -6.68 -35.23
N VAL C 127 -31.35 -6.66 -35.28
CA VAL C 127 -32.13 -7.30 -34.23
C VAL C 127 -32.38 -8.79 -34.49
N LEU C 128 -31.87 -9.33 -35.60
CA LEU C 128 -32.09 -10.74 -35.88
C LEU C 128 -31.61 -11.68 -34.79
N PRO C 129 -30.43 -11.52 -34.18
CA PRO C 129 -30.06 -12.43 -33.09
C PRO C 129 -31.08 -12.47 -31.97
N LEU C 130 -31.58 -11.31 -31.55
CA LEU C 130 -32.58 -11.29 -30.50
C LEU C 130 -33.89 -11.89 -30.97
N ILE C 131 -34.27 -11.67 -32.22
CA ILE C 131 -35.50 -12.25 -32.72
C ILE C 131 -35.41 -13.77 -32.68
N LEU C 132 -34.27 -14.32 -33.11
CA LEU C 132 -34.11 -15.76 -33.07
C LEU C 132 -34.11 -16.28 -31.64
N VAL C 133 -33.45 -15.57 -30.72
CA VAL C 133 -33.42 -16.01 -29.34
C VAL C 133 -34.82 -16.03 -28.73
N LYS C 134 -35.64 -15.05 -29.07
CA LYS C 134 -36.99 -15.00 -28.51
C LYS C 134 -37.98 -15.88 -29.26
N VAL C 135 -37.66 -16.35 -30.46
CA VAL C 135 -38.61 -17.14 -31.24
C VAL C 135 -38.28 -18.62 -31.30
N GLU C 136 -37.02 -19.02 -31.12
CA GLU C 136 -36.70 -20.45 -31.18
C GLU C 136 -37.36 -21.26 -30.08
N PRO C 137 -37.28 -20.87 -28.80
CA PRO C 137 -37.92 -21.69 -27.76
C PRO C 137 -39.41 -21.88 -27.95
N THR C 138 -40.12 -20.89 -28.48
CA THR C 138 -41.55 -21.04 -28.66
C THR C 138 -41.93 -21.89 -29.86
N ILE C 139 -40.98 -22.21 -30.74
CA ILE C 139 -41.29 -23.06 -31.88
C ILE C 139 -40.50 -24.36 -31.78
N ASN C 140 -41.10 -25.37 -31.15
CA ASN C 140 -40.59 -26.73 -31.08
C ASN C 140 -39.07 -26.76 -30.86
N GLY C 141 -38.65 -26.15 -29.75
CA GLY C 141 -37.25 -26.08 -29.42
C GLY C 141 -37.04 -26.00 -27.93
N THR C 142 -35.78 -25.91 -27.53
CA THR C 142 -35.42 -25.76 -26.13
C THR C 142 -34.73 -24.43 -25.86
N GLN C 143 -33.65 -24.12 -26.57
CA GLN C 143 -32.91 -22.89 -26.35
C GLN C 143 -31.99 -22.66 -27.53
N SER C 144 -32.06 -21.47 -28.12
CA SER C 144 -31.21 -21.15 -29.26
C SER C 144 -29.78 -20.93 -28.82
N LEU C 145 -28.85 -21.28 -29.70
CA LEU C 145 -27.43 -21.16 -29.36
C LEU C 145 -27.02 -19.71 -29.20
N LEU C 146 -27.57 -18.82 -30.03
CA LEU C 146 -27.12 -17.42 -30.05
C LEU C 146 -27.29 -16.74 -28.71
N ASN C 147 -28.17 -17.24 -27.85
CA ASN C 147 -28.51 -16.56 -26.61
C ASN C 147 -27.33 -16.51 -25.66
N PHE C 148 -27.19 -15.38 -24.97
CA PHE C 148 -26.24 -15.25 -23.88
C PHE C 148 -26.94 -14.45 -22.78
N LEU C 149 -26.16 -13.97 -21.81
CA LEU C 149 -26.75 -13.42 -20.59
C LEU C 149 -27.57 -12.17 -20.88
N GLY C 150 -27.00 -11.23 -21.62
CA GLY C 150 -27.64 -9.95 -21.79
C GLY C 150 -27.97 -9.57 -23.22
N ILE C 151 -28.40 -10.52 -24.04
CA ILE C 151 -28.76 -10.17 -25.41
C ILE C 151 -30.03 -9.33 -25.43
N SER C 152 -30.89 -9.48 -24.41
CA SER C 152 -32.11 -8.68 -24.39
C SER C 152 -31.82 -7.20 -24.18
N TYR C 153 -30.70 -6.85 -23.55
CA TYR C 153 -30.34 -5.47 -23.26
C TYR C 153 -29.11 -5.02 -24.04
N LEU C 154 -28.74 -5.74 -25.09
CA LEU C 154 -27.62 -5.35 -25.94
C LEU C 154 -28.03 -4.94 -27.33
N THR C 155 -28.92 -5.67 -27.99
CA THR C 155 -29.37 -5.26 -29.31
C THR C 155 -30.09 -3.93 -29.28
N PHE C 156 -30.52 -3.49 -28.10
CA PHE C 156 -31.09 -2.15 -27.99
C PHE C 156 -30.07 -1.09 -28.37
N ARG C 157 -28.83 -1.22 -27.89
CA ARG C 157 -27.81 -0.24 -28.22
C ARG C 157 -27.47 -0.26 -29.70
N ALA C 158 -27.41 -1.45 -30.30
CA ALA C 158 -27.08 -1.54 -31.73
C ALA C 158 -28.20 -0.98 -32.60
N VAL C 159 -29.44 -1.34 -32.31
CA VAL C 159 -30.53 -0.77 -33.09
C VAL C 159 -30.65 0.72 -32.81
N GLY C 160 -30.21 1.19 -31.64
CA GLY C 160 -30.12 2.62 -31.41
C GLY C 160 -29.10 3.27 -32.31
N MET C 161 -27.94 2.64 -32.47
CA MET C 161 -26.95 3.14 -33.43
C MET C 161 -27.56 3.26 -34.81
N ILE C 162 -28.26 2.21 -35.25
CA ILE C 162 -28.78 2.22 -36.62
C ILE C 162 -29.86 3.28 -36.79
N ILE C 163 -30.75 3.42 -35.81
CA ILE C 163 -31.78 4.46 -35.94
C ILE C 163 -31.17 5.84 -35.88
N GLU C 164 -30.12 6.04 -35.08
CA GLU C 164 -29.44 7.33 -35.08
C GLU C 164 -28.84 7.62 -36.44
N MET C 165 -28.22 6.62 -37.08
CA MET C 165 -27.69 6.83 -38.42
C MET C 165 -28.81 7.21 -39.38
N ARG C 166 -29.94 6.52 -39.30
CA ARG C 166 -31.05 6.83 -40.20
C ARG C 166 -31.54 8.26 -40.01
N ASP C 167 -31.63 8.70 -38.76
CA ASP C 167 -32.03 10.08 -38.54
C ASP C 167 -30.94 11.08 -38.92
N GLY C 168 -29.69 10.62 -39.09
CA GLY C 168 -28.61 11.51 -39.43
C GLY C 168 -28.00 12.26 -38.28
N VAL C 169 -28.44 12.00 -37.05
CA VAL C 169 -27.87 12.69 -35.90
C VAL C 169 -26.40 12.33 -35.72
N LEU C 170 -26.07 11.06 -35.91
CA LEU C 170 -24.70 10.59 -35.79
C LEU C 170 -24.08 10.40 -37.17
N LYS C 171 -22.82 10.78 -37.31
CA LYS C 171 -22.14 10.68 -38.58
C LYS C 171 -20.84 9.91 -38.54
N GLU C 172 -20.02 10.10 -37.50
CA GLU C 172 -18.71 9.45 -37.45
C GLU C 172 -18.44 8.94 -36.04
N PHE C 173 -17.66 7.85 -35.98
CA PHE C 173 -17.27 7.22 -34.73
C PHE C 173 -16.26 6.13 -35.04
N THR C 174 -15.30 5.94 -34.14
CA THR C 174 -14.30 4.90 -34.32
C THR C 174 -14.79 3.60 -33.69
N LEU C 175 -14.03 2.52 -33.95
CA LEU C 175 -14.40 1.23 -33.40
C LEU C 175 -14.27 1.20 -31.88
N GLY C 176 -13.30 1.94 -31.32
CA GLY C 176 -13.16 1.96 -29.88
C GLY C 176 -14.43 2.44 -29.20
N GLU C 177 -15.00 3.55 -29.70
CA GLU C 177 -16.23 4.07 -29.12
C GLU C 177 -17.39 3.10 -29.28
N PHE C 178 -17.51 2.49 -30.46
CA PHE C 178 -18.61 1.58 -30.72
C PHE C 178 -18.56 0.36 -29.81
N LEU C 179 -17.40 -0.29 -29.74
CA LEU C 179 -17.27 -1.51 -28.95
C LEU C 179 -16.98 -1.25 -27.49
N ARG C 180 -16.85 0.01 -27.08
CA ARG C 180 -16.83 0.35 -25.67
C ARG C 180 -18.22 0.73 -25.17
N PHE C 181 -19.04 1.31 -26.05
CA PHE C 181 -20.40 1.66 -25.67
C PHE C 181 -21.30 0.44 -25.64
N MET C 182 -21.13 -0.47 -26.60
CA MET C 182 -22.03 -1.61 -26.69
C MET C 182 -21.72 -2.66 -25.63
N LEU C 183 -20.45 -2.87 -25.30
CA LEU C 183 -20.03 -3.86 -24.32
C LEU C 183 -19.80 -3.24 -22.96
N PHE C 184 -20.57 -2.23 -22.60
CA PHE C 184 -20.37 -1.56 -21.32
C PHE C 184 -20.54 -2.56 -20.20
N MET C 185 -19.49 -2.74 -19.39
CA MET C 185 -19.52 -3.76 -18.35
C MET C 185 -20.60 -3.54 -17.29
N PRO C 186 -20.72 -2.36 -16.67
CA PRO C 186 -21.73 -2.22 -15.61
C PRO C 186 -23.15 -2.41 -16.10
N THR C 187 -23.37 -2.34 -17.40
CA THR C 187 -24.71 -2.38 -17.97
C THR C 187 -24.78 -3.45 -19.05
N PHE C 188 -24.22 -4.62 -18.76
CA PHE C 188 -24.20 -5.69 -19.74
C PHE C 188 -25.30 -6.73 -19.49
N THR C 189 -25.37 -7.26 -18.28
CA THR C 189 -26.27 -8.36 -18.00
C THR C 189 -27.73 -7.97 -18.22
N SER C 190 -28.26 -7.08 -17.38
CA SER C 190 -29.57 -6.49 -17.65
C SER C 190 -29.62 -5.13 -16.94
N GLY C 191 -29.19 -4.09 -17.64
CA GLY C 191 -29.00 -2.80 -17.01
C GLY C 191 -29.74 -1.70 -17.73
N PRO C 192 -29.50 -0.46 -17.32
CA PRO C 192 -30.19 0.68 -17.96
C PRO C 192 -29.83 0.80 -19.43
N ILE C 193 -30.82 0.58 -20.28
CA ILE C 193 -30.61 0.68 -21.72
C ILE C 193 -30.29 2.13 -22.06
N ASP C 194 -29.21 2.33 -22.82
CA ASP C 194 -28.68 3.67 -23.05
C ASP C 194 -28.54 3.94 -24.54
N ARG C 195 -28.76 5.20 -24.91
CA ARG C 195 -28.53 5.62 -26.29
C ARG C 195 -27.04 5.85 -26.52
N PHE C 196 -26.66 6.09 -27.77
CA PHE C 196 -25.25 6.28 -28.01
C PHE C 196 -24.81 7.74 -27.98
N LYS C 197 -25.61 8.66 -28.51
CA LYS C 197 -25.17 10.04 -28.56
C LYS C 197 -24.89 10.57 -27.16
N ARG C 198 -25.82 10.35 -26.23
CA ARG C 198 -25.63 10.80 -24.87
C ARG C 198 -24.42 10.12 -24.22
N PHE C 199 -24.29 8.81 -24.43
CA PHE C 199 -23.19 8.08 -23.80
C PHE C 199 -21.84 8.56 -24.31
N ASN C 200 -21.73 8.77 -25.62
CA ASN C 200 -20.47 9.24 -26.19
C ASN C 200 -20.15 10.65 -25.70
N GLU C 201 -21.14 11.55 -25.68
CA GLU C 201 -20.87 12.89 -25.18
C GLU C 201 -20.49 12.88 -23.71
N ASP C 202 -21.04 11.95 -22.93
CA ASP C 202 -20.66 11.86 -21.53
C ASP C 202 -19.28 11.23 -21.36
N TYR C 203 -18.88 10.36 -22.28
CA TYR C 203 -17.57 9.74 -22.19
C TYR C 203 -16.46 10.68 -22.64
N GLN C 204 -16.74 11.58 -23.59
CA GLN C 204 -15.71 12.48 -24.07
C GLN C 204 -15.26 13.44 -22.98
N SER C 205 -16.21 14.08 -22.30
CA SER C 205 -15.90 15.16 -21.36
C SER C 205 -15.96 14.63 -19.94
N ILE C 206 -14.82 14.63 -19.27
CA ILE C 206 -14.76 14.21 -17.86
C ILE C 206 -15.36 15.32 -16.99
N PRO C 207 -16.21 15.00 -16.02
CA PRO C 207 -16.82 16.04 -15.18
C PRO C 207 -15.82 16.72 -14.26
N ASN C 208 -16.29 17.69 -13.47
CA ASN C 208 -15.43 18.46 -12.59
C ASN C 208 -15.12 17.67 -11.32
N ARG C 209 -14.30 18.28 -10.45
CA ARG C 209 -13.91 17.62 -9.21
C ARG C 209 -15.08 17.53 -8.23
N ASP C 210 -15.79 18.65 -8.02
CA ASP C 210 -16.94 18.63 -7.11
C ASP C 210 -18.04 17.73 -7.66
N GLU C 211 -18.26 17.77 -8.97
CA GLU C 211 -19.24 16.88 -9.58
C GLU C 211 -18.84 15.42 -9.37
N LEU C 212 -17.55 15.13 -9.47
CA LEU C 212 -17.08 13.77 -9.23
C LEU C 212 -17.30 13.35 -7.79
N LEU C 213 -17.09 14.26 -6.84
CA LEU C 213 -17.37 13.94 -5.44
C LEU C 213 -18.85 13.67 -5.21
N ASN C 214 -19.72 14.48 -5.83
CA ASN C 214 -21.15 14.22 -5.72
C ASN C 214 -21.50 12.87 -6.33
N MET C 215 -20.86 12.52 -7.45
CA MET C 215 -21.08 11.20 -8.04
C MET C 215 -20.62 10.09 -7.10
N LEU C 216 -19.51 10.29 -6.40
CA LEU C 216 -19.04 9.27 -5.47
C LEU C 216 -20.04 9.07 -4.33
N GLU C 217 -20.55 10.16 -3.77
CA GLU C 217 -21.55 10.04 -2.72
C GLU C 217 -22.81 9.36 -3.25
N GLN C 218 -23.21 9.69 -4.49
CA GLN C 218 -24.35 9.04 -5.09
C GLN C 218 -24.10 7.54 -5.25
N ALA C 219 -22.89 7.17 -5.65
CA ALA C 219 -22.57 5.75 -5.84
C ALA C 219 -22.61 5.01 -4.51
N VAL C 220 -22.08 5.61 -3.45
CA VAL C 220 -22.11 4.94 -2.16
C VAL C 220 -23.54 4.80 -1.65
N LYS C 221 -24.35 5.85 -1.80
CA LYS C 221 -25.74 5.75 -1.39
C LYS C 221 -26.48 4.69 -2.20
N TYR C 222 -26.18 4.60 -3.50
CA TYR C 222 -26.82 3.59 -4.33
C TYR C 222 -26.40 2.20 -3.91
N ILE C 223 -25.13 2.01 -3.54
CA ILE C 223 -24.69 0.71 -3.06
C ILE C 223 -25.43 0.34 -1.78
N MET C 224 -25.55 1.29 -0.85
CA MET C 224 -26.26 1.01 0.40
C MET C 224 -27.72 0.65 0.13
N LEU C 225 -28.40 1.47 -0.66
CA LEU C 225 -29.81 1.21 -0.94
C LEU C 225 -29.98 -0.09 -1.70
N GLY C 226 -29.04 -0.42 -2.58
CA GLY C 226 -29.11 -1.70 -3.27
C GLY C 226 -28.93 -2.86 -2.33
N PHE C 227 -28.04 -2.72 -1.34
CA PHE C 227 -27.89 -3.76 -0.32
C PHE C 227 -29.19 -3.96 0.45
N LEU C 228 -29.86 -2.87 0.78
CA LEU C 228 -31.16 -2.97 1.44
C LEU C 228 -32.21 -3.58 0.51
N TYR C 229 -32.11 -3.27 -0.79
CA TYR C 229 -33.19 -3.56 -1.74
C TYR C 229 -33.14 -4.99 -2.26
N LYS C 230 -31.95 -5.49 -2.58
CA LYS C 230 -31.79 -6.76 -3.27
C LYS C 230 -31.33 -7.90 -2.38
N PHE C 231 -30.55 -7.62 -1.34
CA PHE C 231 -30.03 -8.67 -0.48
C PHE C 231 -30.83 -8.85 0.81
N VAL C 232 -31.76 -7.95 1.11
CA VAL C 232 -32.56 -8.08 2.31
C VAL C 232 -34.03 -8.12 1.94
N LEU C 233 -34.55 -7.01 1.41
CA LEU C 233 -35.98 -6.95 1.11
C LEU C 233 -36.36 -7.92 -0.01
N ALA C 234 -35.52 -8.02 -1.03
CA ALA C 234 -35.79 -9.00 -2.08
C ALA C 234 -35.77 -10.42 -1.52
N GLN C 235 -34.81 -10.71 -0.64
CA GLN C 235 -34.75 -12.02 -0.01
C GLN C 235 -36.01 -12.28 0.81
N ILE C 236 -36.45 -11.30 1.60
CA ILE C 236 -37.63 -11.47 2.44
C ILE C 236 -38.86 -11.72 1.59
N PHE C 237 -39.00 -10.97 0.50
CA PHE C 237 -40.20 -11.08 -0.32
C PHE C 237 -40.13 -12.17 -1.39
N GLY C 238 -38.99 -12.82 -1.58
CA GLY C 238 -38.92 -13.80 -2.63
C GLY C 238 -38.45 -15.18 -2.25
N SER C 239 -37.65 -15.28 -1.19
CA SER C 239 -37.06 -16.55 -0.79
C SER C 239 -37.63 -17.10 0.52
N MET C 240 -38.49 -16.35 1.18
CA MET C 240 -39.10 -16.82 2.43
C MET C 240 -40.62 -16.81 2.38
N LEU C 241 -41.22 -15.82 1.75
CA LEU C 241 -42.68 -15.75 1.65
C LEU C 241 -43.23 -16.30 0.35
N LEU C 242 -42.49 -16.16 -0.75
CA LEU C 242 -43.03 -16.56 -2.06
C LEU C 242 -43.27 -18.06 -2.18
N PRO C 243 -42.33 -18.95 -1.86
CA PRO C 243 -42.57 -20.39 -2.07
C PRO C 243 -43.77 -20.91 -1.30
N PRO C 244 -43.95 -20.56 -0.01
CA PRO C 244 -45.14 -21.06 0.69
C PRO C 244 -46.44 -20.57 0.07
N LEU C 245 -46.50 -19.30 -0.34
CA LEU C 245 -47.72 -18.80 -0.96
C LEU C 245 -47.99 -19.50 -2.28
N LYS C 246 -46.93 -19.73 -3.08
CA LYS C 246 -47.10 -20.45 -4.34
C LYS C 246 -47.62 -21.86 -4.08
N ALA C 247 -47.07 -22.54 -3.08
CA ALA C 247 -47.54 -23.89 -2.76
C ALA C 247 -48.99 -23.88 -2.31
N GLN C 248 -49.37 -22.91 -1.48
CA GLN C 248 -50.75 -22.82 -1.02
C GLN C 248 -51.70 -22.60 -2.18
N ALA C 249 -51.34 -21.68 -3.09
CA ALA C 249 -52.20 -21.42 -4.24
C ALA C 249 -52.28 -22.62 -5.17
N LEU C 250 -51.15 -23.31 -5.36
CA LEU C 250 -51.14 -24.50 -6.20
C LEU C 250 -52.05 -25.58 -5.64
N SER C 251 -51.93 -25.85 -4.34
CA SER C 251 -52.76 -26.87 -3.72
C SER C 251 -54.23 -26.48 -3.74
N GLN C 252 -54.53 -25.22 -3.44
CA GLN C 252 -55.93 -24.79 -3.35
C GLN C 252 -56.63 -24.90 -4.69
N GLY C 253 -55.97 -24.49 -5.77
CA GLY C 253 -56.60 -24.55 -7.08
C GLY C 253 -57.67 -23.49 -7.25
N GLY C 254 -58.56 -23.75 -8.21
CA GLY C 254 -59.63 -22.83 -8.53
C GLY C 254 -59.17 -21.71 -9.45
N ILE C 255 -60.15 -20.91 -9.88
CA ILE C 255 -59.85 -19.79 -10.77
C ILE C 255 -59.05 -18.72 -10.03
N PHE C 256 -59.49 -18.36 -8.83
CA PHE C 256 -58.80 -17.35 -8.04
C PHE C 256 -59.09 -17.60 -6.57
N ASN C 257 -58.14 -17.22 -5.72
CA ASN C 257 -58.23 -17.47 -4.28
C ASN C 257 -57.35 -16.47 -3.54
N LEU C 258 -57.56 -16.40 -2.22
CA LEU C 258 -56.71 -15.55 -1.40
C LEU C 258 -55.23 -15.85 -1.52
N PRO C 259 -54.78 -17.12 -1.56
CA PRO C 259 -53.35 -17.36 -1.83
C PRO C 259 -52.87 -16.77 -3.14
N THR C 260 -53.72 -16.73 -4.17
CA THR C 260 -53.32 -16.09 -5.42
C THR C 260 -53.09 -14.59 -5.23
N LEU C 261 -53.97 -13.93 -4.49
CA LEU C 261 -53.76 -12.51 -4.20
C LEU C 261 -52.47 -12.30 -3.41
N GLY C 262 -52.23 -13.15 -2.42
CA GLY C 262 -51.00 -13.03 -1.64
C GLY C 262 -49.76 -13.20 -2.49
N VAL C 263 -49.77 -14.20 -3.38
CA VAL C 263 -48.61 -14.41 -4.24
C VAL C 263 -48.48 -13.26 -5.22
N MET C 264 -49.60 -12.67 -5.66
CA MET C 264 -49.51 -11.51 -6.53
C MET C 264 -48.73 -10.39 -5.86
N TYR C 265 -49.15 -9.99 -4.67
CA TYR C 265 -48.48 -8.88 -3.98
C TYR C 265 -47.04 -9.24 -3.67
N VAL C 266 -46.81 -10.46 -3.18
CA VAL C 266 -45.46 -10.86 -2.77
C VAL C 266 -44.52 -10.85 -3.97
N TYR C 267 -44.96 -11.43 -5.09
CA TYR C 267 -44.10 -11.48 -6.27
C TYR C 267 -43.86 -10.10 -6.84
N GLY C 268 -44.89 -9.26 -6.91
CA GLY C 268 -44.70 -7.93 -7.47
C GLY C 268 -43.70 -7.12 -6.67
N PHE C 269 -43.82 -7.15 -5.35
CA PHE C 269 -42.83 -6.48 -4.52
C PHE C 269 -41.46 -7.10 -4.71
N ASP C 270 -41.40 -8.43 -4.79
CA ASP C 270 -40.09 -9.07 -4.99
C ASP C 270 -39.44 -8.58 -6.27
N LEU C 271 -40.21 -8.51 -7.35
CA LEU C 271 -39.66 -8.10 -8.64
C LEU C 271 -39.18 -6.67 -8.59
N PHE C 272 -40.00 -5.77 -8.04
CA PHE C 272 -39.55 -4.38 -7.97
C PHE C 272 -38.28 -4.27 -7.13
N PHE C 273 -38.25 -4.94 -5.99
CA PHE C 273 -37.08 -4.80 -5.12
C PHE C 273 -35.84 -5.37 -5.78
N ASP C 274 -35.95 -6.52 -6.46
CA ASP C 274 -34.79 -7.11 -7.10
C ASP C 274 -34.28 -6.24 -8.24
N PHE C 275 -35.20 -5.78 -9.11
CA PHE C 275 -34.78 -4.98 -10.24
C PHE C 275 -34.22 -3.64 -9.79
N ALA C 276 -34.81 -3.04 -8.75
CA ALA C 276 -34.26 -1.81 -8.22
C ALA C 276 -32.88 -2.03 -7.62
N GLY C 277 -32.68 -3.17 -6.97
CA GLY C 277 -31.35 -3.48 -6.45
C GLY C 277 -30.33 -3.57 -7.55
N TYR C 278 -30.66 -4.30 -8.62
CA TYR C 278 -29.72 -4.40 -9.74
C TYR C 278 -29.47 -3.04 -10.38
N SER C 279 -30.53 -2.27 -10.60
CA SER C 279 -30.36 -0.98 -11.26
C SER C 279 -29.51 -0.03 -10.43
N MET C 280 -29.73 -0.02 -9.11
CA MET C 280 -28.91 0.84 -8.26
C MET C 280 -27.47 0.36 -8.22
N PHE C 281 -27.25 -0.96 -8.22
CA PHE C 281 -25.89 -1.45 -8.31
C PHE C 281 -25.21 -0.98 -9.60
N ALA C 282 -25.93 -1.10 -10.72
CA ALA C 282 -25.36 -0.71 -12.01
C ALA C 282 -25.08 0.78 -12.06
N LEU C 283 -25.98 1.59 -11.52
CA LEU C 283 -25.76 3.04 -11.49
C LEU C 283 -24.56 3.38 -10.60
N ALA C 284 -24.40 2.67 -9.48
CA ALA C 284 -23.25 2.94 -8.62
C ALA C 284 -21.95 2.60 -9.33
N VAL C 285 -21.90 1.45 -10.01
CA VAL C 285 -20.68 1.08 -10.72
C VAL C 285 -20.40 2.05 -11.86
N SER C 286 -21.45 2.45 -12.59
CA SER C 286 -21.28 3.40 -13.68
C SER C 286 -20.76 4.74 -13.16
N ASN C 287 -21.28 5.21 -12.03
CA ASN C 287 -20.78 6.45 -11.45
C ASN C 287 -19.32 6.29 -11.03
N LEU C 288 -18.96 5.13 -10.50
CA LEU C 288 -17.55 4.89 -10.17
C LEU C 288 -16.68 4.90 -11.42
N MET C 289 -17.24 4.54 -12.57
CA MET C 289 -16.50 4.60 -13.82
C MET C 289 -16.63 5.96 -14.51
N GLY C 290 -17.34 6.91 -13.91
CA GLY C 290 -17.40 8.26 -14.42
C GLY C 290 -18.48 8.53 -15.43
N ILE C 291 -19.47 7.66 -15.57
CA ILE C 291 -20.56 7.82 -16.53
C ILE C 291 -21.88 7.73 -15.79
N LYS C 292 -22.79 8.66 -16.08
CA LYS C 292 -24.12 8.66 -15.48
C LYS C 292 -25.06 7.91 -16.41
N SER C 293 -25.35 6.67 -16.07
CA SER C 293 -26.32 5.90 -16.84
C SER C 293 -27.73 6.34 -16.46
N PRO C 294 -28.71 6.17 -17.35
CA PRO C 294 -30.07 6.56 -17.02
C PRO C 294 -30.60 5.78 -15.83
N ILE C 295 -31.45 6.45 -15.05
CA ILE C 295 -32.03 5.86 -13.86
C ILE C 295 -33.24 5.03 -14.23
N ASN C 296 -33.36 3.85 -13.62
CA ASN C 296 -34.45 2.94 -13.94
C ASN C 296 -35.73 3.27 -13.15
N PHE C 297 -35.63 3.28 -11.83
CA PHE C 297 -36.80 3.42 -10.97
C PHE C 297 -36.72 4.69 -10.15
N ASP C 298 -37.79 5.48 -10.18
CA ASP C 298 -37.92 6.67 -9.35
C ASP C 298 -39.28 6.60 -8.65
N LYS C 299 -39.32 5.90 -7.52
CA LYS C 299 -40.51 5.74 -6.70
C LYS C 299 -41.71 5.30 -7.50
N PRO C 300 -41.79 4.03 -7.89
CA PRO C 300 -43.01 3.54 -8.54
C PRO C 300 -44.14 3.41 -7.55
N PHE C 301 -45.23 2.78 -7.95
CA PHE C 301 -46.36 2.42 -7.09
C PHE C 301 -47.11 3.63 -6.55
N ILE C 302 -46.66 4.86 -6.83
CA ILE C 302 -47.34 6.04 -6.34
C ILE C 302 -47.89 6.90 -7.46
N SER C 303 -47.88 6.39 -8.68
CA SER C 303 -48.39 7.17 -9.81
C SER C 303 -49.90 7.28 -9.73
N ARG C 304 -50.41 8.50 -9.85
CA ARG C 304 -51.85 8.71 -9.82
C ARG C 304 -52.54 7.97 -10.95
N ASP C 305 -51.99 8.07 -12.15
CA ASP C 305 -52.53 7.41 -13.33
C ASP C 305 -51.53 6.38 -13.83
N MET C 306 -52.02 5.44 -14.63
CA MET C 306 -51.12 4.44 -15.19
C MET C 306 -50.11 5.06 -16.14
N LYS C 307 -50.44 6.19 -16.76
CA LYS C 307 -49.48 6.85 -17.64
C LYS C 307 -48.25 7.30 -16.86
N GLU C 308 -48.44 7.83 -15.66
CA GLU C 308 -47.31 8.21 -14.83
C GLU C 308 -46.53 7.00 -14.33
N PHE C 309 -47.14 5.82 -14.33
CA PHE C 309 -46.40 4.63 -13.93
C PHE C 309 -45.23 4.38 -14.85
N TRP C 310 -45.44 4.53 -16.17
CA TRP C 310 -44.40 4.25 -17.14
C TRP C 310 -43.35 5.33 -17.23
N ASN C 311 -43.53 6.46 -16.56
CA ASN C 311 -42.44 7.40 -16.37
C ASN C 311 -41.67 7.12 -15.09
N ARG C 312 -42.00 6.03 -14.40
CA ARG C 312 -41.35 5.72 -13.14
C ARG C 312 -40.86 4.27 -13.10
N TRP C 313 -41.56 3.37 -13.76
CA TRP C 313 -41.23 1.94 -13.71
C TRP C 313 -40.38 1.56 -14.92
N HIS C 314 -39.16 1.11 -14.66
CA HIS C 314 -38.20 0.81 -15.71
C HIS C 314 -38.09 1.99 -16.66
N MET C 315 -37.57 3.10 -16.14
CA MET C 315 -37.59 4.35 -16.90
C MET C 315 -36.75 4.25 -18.15
N SER C 316 -35.60 3.60 -18.09
CA SER C 316 -34.74 3.53 -19.26
C SER C 316 -35.44 2.81 -20.40
N LEU C 317 -35.95 1.61 -20.15
CA LEU C 317 -36.64 0.86 -21.19
C LEU C 317 -37.90 1.56 -21.66
N SER C 318 -38.70 2.09 -20.73
CA SER C 318 -39.95 2.73 -21.11
C SER C 318 -39.69 3.95 -21.97
N PHE C 319 -38.71 4.77 -21.59
CA PHE C 319 -38.33 5.92 -22.41
C PHE C 319 -37.80 5.47 -23.77
N TRP C 320 -37.04 4.38 -23.80
CA TRP C 320 -36.53 3.89 -25.07
C TRP C 320 -37.68 3.55 -26.00
N PHE C 321 -38.68 2.84 -25.49
CA PHE C 321 -39.82 2.49 -26.33
C PHE C 321 -40.66 3.70 -26.69
N ARG C 322 -40.74 4.68 -25.79
CA ARG C 322 -41.49 5.89 -26.10
C ARG C 322 -40.82 6.70 -27.20
N ASP C 323 -39.49 6.75 -27.18
CA ASP C 323 -38.75 7.56 -28.14
C ASP C 323 -38.65 6.87 -29.50
N PHE C 324 -38.10 5.66 -29.53
CA PHE C 324 -37.72 5.05 -30.80
C PHE C 324 -38.82 4.21 -31.43
N VAL C 325 -39.77 3.66 -30.65
CA VAL C 325 -40.76 2.74 -31.18
C VAL C 325 -42.17 3.32 -31.15
N PHE C 326 -42.48 4.15 -30.15
CA PHE C 326 -43.82 4.74 -30.09
C PHE C 326 -43.91 6.00 -30.94
N MET C 327 -43.02 6.96 -30.69
CA MET C 327 -43.10 8.24 -31.38
C MET C 327 -42.91 8.06 -32.88
N ARG C 328 -41.96 7.21 -33.28
CA ARG C 328 -41.75 6.96 -34.71
C ARG C 328 -42.96 6.30 -35.33
N LEU C 329 -43.63 5.42 -34.59
CA LEU C 329 -44.86 4.81 -35.10
C LEU C 329 -45.95 5.85 -35.28
N VAL C 330 -46.09 6.77 -34.33
CA VAL C 330 -47.06 7.85 -34.50
C VAL C 330 -46.73 8.66 -35.74
N ILE C 331 -45.44 8.96 -35.94
CA ILE C 331 -45.04 9.76 -37.10
C ILE C 331 -45.36 9.06 -38.40
N VAL C 332 -45.02 7.77 -38.49
CA VAL C 332 -45.23 7.06 -39.75
C VAL C 332 -46.72 6.88 -40.02
N LEU C 333 -47.53 6.64 -38.99
CA LEU C 333 -48.96 6.50 -39.21
C LEU C 333 -49.61 7.82 -39.58
N MET C 334 -49.20 8.92 -38.93
CA MET C 334 -49.85 10.19 -39.16
C MET C 334 -49.42 10.82 -40.49
N ARG C 335 -48.14 10.68 -40.86
CA ARG C 335 -47.67 11.28 -42.11
C ARG C 335 -48.29 10.59 -43.32
N ASN C 336 -48.71 9.34 -43.20
CA ASN C 336 -49.40 8.65 -44.27
C ASN C 336 -50.91 8.83 -44.20
N LYS C 337 -51.39 9.64 -43.25
CA LYS C 337 -52.80 9.95 -43.04
C LYS C 337 -53.70 8.72 -43.20
N VAL C 338 -53.24 7.58 -42.68
CA VAL C 338 -54.02 6.35 -42.79
C VAL C 338 -55.33 6.49 -42.03
N PHE C 339 -55.28 7.00 -40.81
CA PHE C 339 -56.48 7.18 -40.00
C PHE C 339 -57.02 8.59 -40.16
N LYS C 340 -58.03 8.92 -39.37
CA LYS C 340 -58.73 10.19 -39.49
C LYS C 340 -58.63 11.09 -38.27
N ASN C 341 -58.50 10.52 -37.07
CA ASN C 341 -58.51 11.29 -35.84
C ASN C 341 -57.29 10.96 -35.00
N ARG C 342 -56.94 11.91 -34.12
CA ARG C 342 -55.79 11.73 -33.25
C ARG C 342 -55.97 10.57 -32.30
N ASN C 343 -57.19 10.37 -31.79
CA ASN C 343 -57.43 9.38 -30.76
C ASN C 343 -57.11 7.98 -31.25
N THR C 344 -57.57 7.62 -32.45
CA THR C 344 -57.32 6.29 -32.96
C THR C 344 -55.83 6.05 -33.19
N THR C 345 -55.13 7.05 -33.70
CA THR C 345 -53.69 6.91 -33.90
C THR C 345 -52.97 6.70 -32.58
N SER C 346 -53.33 7.49 -31.56
CA SER C 346 -52.70 7.32 -30.25
C SER C 346 -53.00 5.95 -29.67
N ASN C 347 -54.24 5.49 -29.82
CA ASN C 347 -54.63 4.18 -29.29
C ASN C 347 -53.83 3.07 -29.96
N VAL C 348 -53.78 3.07 -31.29
CA VAL C 348 -53.10 1.99 -31.98
C VAL C 348 -51.60 2.03 -31.69
N ALA C 349 -51.04 3.23 -31.58
CA ALA C 349 -49.62 3.34 -31.25
C ALA C 349 -49.34 2.78 -29.87
N TYR C 350 -50.19 3.10 -28.89
CA TYR C 350 -49.99 2.57 -27.54
C TYR C 350 -50.10 1.06 -27.53
N ILE C 351 -51.10 0.52 -28.22
CA ILE C 351 -51.30 -0.94 -28.22
C ILE C 351 -50.10 -1.63 -28.83
N ILE C 352 -49.64 -1.14 -29.99
CA ILE C 352 -48.51 -1.78 -30.65
C ILE C 352 -47.24 -1.64 -29.83
N ASN C 353 -47.02 -0.47 -29.23
CA ASN C 353 -45.82 -0.27 -28.42
C ASN C 353 -45.79 -1.25 -27.25
N MET C 354 -46.90 -1.37 -26.52
CA MET C 354 -46.90 -2.25 -25.37
C MET C 354 -46.84 -3.72 -25.78
N MET C 355 -47.48 -4.08 -26.89
CA MET C 355 -47.37 -5.43 -27.40
C MET C 355 -45.94 -5.76 -27.75
N VAL C 356 -45.21 -4.82 -28.35
CA VAL C 356 -43.82 -5.04 -28.69
C VAL C 356 -42.97 -5.16 -27.44
N MET C 357 -43.28 -4.38 -26.40
CA MET C 357 -42.56 -4.57 -25.14
C MET C 357 -42.78 -5.98 -24.60
N GLY C 358 -44.03 -6.43 -24.61
CA GLY C 358 -44.32 -7.77 -24.16
C GLY C 358 -43.57 -8.82 -24.97
N PHE C 359 -43.54 -8.65 -26.28
CA PHE C 359 -42.77 -9.56 -27.13
C PHE C 359 -41.30 -9.54 -26.74
N TRP C 360 -40.74 -8.35 -26.51
CA TRP C 360 -39.35 -8.25 -26.11
C TRP C 360 -39.08 -9.05 -24.85
N HIS C 361 -40.06 -9.13 -23.95
CA HIS C 361 -39.85 -9.95 -22.76
C HIS C 361 -39.67 -11.42 -23.13
N GLY C 362 -40.48 -11.92 -24.05
CA GLY C 362 -40.42 -13.32 -24.46
C GLY C 362 -41.74 -13.77 -25.04
N ILE C 363 -41.70 -14.62 -26.06
CA ILE C 363 -42.92 -14.99 -26.75
C ILE C 363 -43.61 -16.14 -26.02
N THR C 364 -44.48 -15.81 -25.07
CA THR C 364 -45.36 -16.77 -24.42
C THR C 364 -46.76 -16.17 -24.40
N TRP C 365 -47.68 -16.90 -23.77
CA TRP C 365 -49.04 -16.37 -23.66
C TRP C 365 -49.09 -15.25 -22.61
N TYR C 366 -48.41 -15.44 -21.48
CA TYR C 366 -48.58 -14.48 -20.38
C TYR C 366 -47.78 -13.20 -20.60
N TYR C 367 -46.62 -13.25 -21.24
CA TYR C 367 -45.91 -12.01 -21.54
C TYR C 367 -46.70 -11.13 -22.49
N ILE C 368 -47.28 -11.73 -23.53
CA ILE C 368 -48.13 -10.97 -24.44
C ILE C 368 -49.37 -10.47 -23.72
N ALA C 369 -49.92 -11.28 -22.82
CA ALA C 369 -51.08 -10.81 -22.05
C ALA C 369 -50.70 -9.60 -21.22
N TYR C 370 -49.54 -9.62 -20.58
CA TYR C 370 -49.07 -8.49 -19.78
C TYR C 370 -48.91 -7.26 -20.65
N GLY C 371 -48.28 -7.40 -21.80
CA GLY C 371 -48.10 -6.27 -22.68
C GLY C 371 -49.41 -5.67 -23.14
N ILE C 372 -50.32 -6.52 -23.62
CA ILE C 372 -51.57 -6.00 -24.15
C ILE C 372 -52.43 -5.43 -23.03
N PHE C 373 -52.31 -5.98 -21.82
CA PHE C 373 -53.08 -5.42 -20.70
C PHE C 373 -52.55 -4.05 -20.33
N HIS C 374 -51.24 -3.86 -20.31
CA HIS C 374 -50.71 -2.53 -20.05
C HIS C 374 -51.12 -1.57 -21.14
N GLY C 375 -51.17 -2.04 -22.39
CA GLY C 375 -51.64 -1.20 -23.47
C GLY C 375 -53.09 -0.78 -23.29
N ILE C 376 -53.95 -1.74 -22.91
CA ILE C 376 -55.34 -1.42 -22.68
C ILE C 376 -55.49 -0.45 -21.52
N GLY C 377 -54.69 -0.65 -20.46
CA GLY C 377 -54.72 0.30 -19.36
C GLY C 377 -54.32 1.69 -19.79
N LEU C 378 -53.26 1.81 -20.60
CA LEU C 378 -52.83 3.12 -21.04
C LEU C 378 -53.87 3.79 -21.92
N VAL C 379 -54.48 3.04 -22.85
CA VAL C 379 -55.44 3.67 -23.74
C VAL C 379 -56.71 4.06 -22.98
N ILE C 380 -57.15 3.23 -22.03
CA ILE C 380 -58.33 3.61 -21.27
C ILE C 380 -58.01 4.77 -20.34
N ASN C 381 -56.77 4.85 -19.84
CA ASN C 381 -56.37 6.00 -19.04
C ASN C 381 -56.39 7.28 -19.87
N ASP C 382 -55.90 7.21 -21.11
CA ASP C 382 -55.96 8.36 -22.00
C ASP C 382 -57.40 8.77 -22.28
N ALA C 383 -58.27 7.79 -22.51
CA ALA C 383 -59.67 8.10 -22.76
C ALA C 383 -60.32 8.75 -21.54
N TRP C 384 -60.04 8.23 -20.35
CA TRP C 384 -60.57 8.84 -19.14
C TRP C 384 -60.05 10.26 -18.95
N LEU C 385 -58.76 10.48 -19.21
CA LEU C 385 -58.20 11.82 -19.05
C LEU C 385 -58.86 12.79 -20.02
N ARG C 386 -59.04 12.38 -21.27
CA ARG C 386 -59.70 13.25 -22.24
C ARG C 386 -61.14 13.53 -21.85
N LYS C 387 -61.87 12.50 -21.39
CA LYS C 387 -63.25 12.69 -20.98
C LYS C 387 -63.34 13.63 -19.78
N LYS C 388 -62.42 13.48 -18.83
CA LYS C 388 -62.40 14.35 -17.66
C LYS C 388 -62.12 15.80 -18.06
N LYS C 389 -61.18 16.00 -18.98
CA LYS C 389 -60.93 17.37 -19.47
C LYS C 389 -62.16 17.93 -20.15
N THR C 390 -62.82 17.14 -21.00
CA THR C 390 -63.99 17.61 -21.71
C THR C 390 -65.12 17.97 -20.76
N ILE C 391 -65.37 17.12 -19.76
CA ILE C 391 -66.46 17.39 -18.84
C ILE C 391 -66.12 18.58 -17.93
N ASN C 392 -64.84 18.74 -17.58
CA ASN C 392 -64.45 19.93 -16.83
C ASN C 392 -64.71 21.20 -17.62
N LYS C 393 -64.36 21.19 -18.92
CA LYS C 393 -64.64 22.36 -19.75
C LYS C 393 -66.14 22.58 -19.90
N ASP C 394 -66.90 21.50 -20.04
CA ASP C 394 -68.36 21.62 -20.18
C ASP C 394 -68.98 22.23 -18.93
N ARG C 395 -68.54 21.80 -17.76
CA ARG C 395 -69.08 22.36 -16.52
C ARG C 395 -68.59 23.79 -16.31
N LYS C 396 -67.36 24.10 -16.75
CA LYS C 396 -66.88 25.48 -16.64
C LYS C 396 -67.70 26.42 -17.51
N LYS C 397 -67.99 26.03 -18.75
CA LYS C 397 -68.80 26.89 -19.61
C LYS C 397 -70.27 26.90 -19.19
N ALA C 398 -70.73 25.88 -18.47
CA ALA C 398 -72.09 25.85 -17.94
C ALA C 398 -72.18 26.41 -16.52
N GLY C 399 -71.07 26.87 -15.95
CA GLY C 399 -71.07 27.46 -14.63
C GLY C 399 -70.92 26.47 -13.49
N LEU C 400 -70.88 25.17 -13.77
CA LEU C 400 -70.73 24.18 -12.72
C LEU C 400 -69.29 24.06 -12.27
N LYS C 401 -69.10 23.77 -10.98
CA LYS C 401 -67.77 23.60 -10.44
C LYS C 401 -67.12 22.35 -11.02
N PRO C 402 -65.84 22.41 -11.39
CA PRO C 402 -65.14 21.21 -11.85
C PRO C 402 -64.96 20.22 -10.71
N LEU C 403 -64.62 18.98 -11.09
CA LEU C 403 -64.51 17.91 -10.10
C LEU C 403 -63.41 18.24 -9.09
N PRO C 404 -63.63 17.94 -7.81
CA PRO C 404 -62.62 18.25 -6.80
C PRO C 404 -61.38 17.39 -6.95
N GLU C 405 -60.26 17.93 -6.46
CA GLU C 405 -58.99 17.21 -6.48
C GLU C 405 -58.47 17.04 -5.06
N ASN C 406 -59.32 16.63 -4.13
CA ASN C 406 -58.95 16.53 -2.74
C ASN C 406 -58.07 15.30 -2.52
N LYS C 407 -57.73 15.03 -1.24
CA LYS C 407 -56.86 13.91 -0.93
C LYS C 407 -57.52 12.58 -1.24
N TRP C 408 -58.84 12.48 -1.08
CA TRP C 408 -59.52 11.21 -1.30
C TRP C 408 -59.43 10.78 -2.77
N THR C 409 -59.57 11.73 -3.70
CA THR C 409 -59.47 11.39 -5.11
C THR C 409 -58.09 10.87 -5.46
N LYS C 410 -57.04 11.54 -4.97
CA LYS C 410 -55.69 11.07 -5.22
C LYS C 410 -55.46 9.70 -4.59
N ALA C 411 -56.00 9.48 -3.39
CA ALA C 411 -55.82 8.19 -2.73
C ALA C 411 -56.49 7.07 -3.50
N LEU C 412 -57.73 7.30 -3.96
CA LEU C 412 -58.39 6.26 -4.74
C LEU C 412 -57.69 6.03 -6.07
N GLY C 413 -57.17 7.09 -6.68
CA GLY C 413 -56.43 6.93 -7.92
C GLY C 413 -55.18 6.10 -7.74
N ILE C 414 -54.40 6.40 -6.70
CA ILE C 414 -53.17 5.62 -6.48
C ILE C 414 -53.50 4.20 -6.09
N PHE C 415 -54.59 3.98 -5.35
CA PHE C 415 -54.99 2.63 -5.00
C PHE C 415 -55.34 1.83 -6.25
N ILE C 416 -56.14 2.42 -7.15
CA ILE C 416 -56.51 1.72 -8.37
C ILE C 416 -55.27 1.43 -9.22
N THR C 417 -54.39 2.41 -9.37
CA THR C 417 -53.20 2.22 -10.18
C THR C 417 -52.31 1.12 -9.61
N PHE C 418 -52.08 1.15 -8.30
CA PHE C 418 -51.22 0.14 -7.70
C PHE C 418 -51.83 -1.26 -7.81
N ASN C 419 -53.15 -1.38 -7.59
CA ASN C 419 -53.77 -2.69 -7.72
C ASN C 419 -53.69 -3.21 -9.16
N THR C 420 -53.93 -2.33 -10.13
CA THR C 420 -53.84 -2.77 -11.52
C THR C 420 -52.42 -3.17 -11.88
N VAL C 421 -51.43 -2.44 -11.37
CA VAL C 421 -50.04 -2.81 -11.61
C VAL C 421 -49.72 -4.17 -11.00
N MET C 422 -50.20 -4.41 -9.78
CA MET C 422 -49.93 -5.71 -9.15
C MET C 422 -50.60 -6.84 -9.90
N LEU C 423 -51.81 -6.61 -10.42
CA LEU C 423 -52.45 -7.61 -11.26
C LEU C 423 -51.61 -7.88 -12.50
N SER C 424 -51.06 -6.82 -13.10
CA SER C 424 -50.18 -6.99 -14.25
C SER C 424 -48.97 -7.83 -13.88
N PHE C 425 -48.40 -7.60 -12.70
CA PHE C 425 -47.22 -8.35 -12.29
C PHE C 425 -47.57 -9.80 -11.98
N LEU C 426 -48.79 -10.06 -11.52
CA LEU C 426 -49.24 -11.44 -11.40
C LEU C 426 -49.26 -12.11 -12.75
N ILE C 427 -49.83 -11.44 -13.76
CA ILE C 427 -49.88 -12.05 -15.10
C ILE C 427 -48.48 -12.24 -15.66
N PHE C 428 -47.61 -11.25 -15.47
CA PHE C 428 -46.24 -11.31 -15.95
C PHE C 428 -45.41 -12.32 -15.18
N SER C 429 -45.82 -12.67 -13.96
CA SER C 429 -45.07 -13.66 -13.18
C SER C 429 -45.07 -15.03 -13.82
N GLY C 430 -46.05 -15.29 -14.69
CA GLY C 430 -46.23 -16.62 -15.21
C GLY C 430 -46.92 -17.57 -14.27
N PHE C 431 -47.31 -17.11 -13.08
CA PHE C 431 -47.99 -18.01 -12.17
C PHE C 431 -49.35 -18.44 -12.72
N LEU C 432 -49.99 -17.59 -13.51
CA LEU C 432 -51.26 -17.98 -14.09
C LEU C 432 -51.08 -19.17 -15.04
N ASN C 433 -49.89 -19.33 -15.60
CA ASN C 433 -49.63 -20.52 -16.42
C ASN C 433 -49.73 -21.79 -15.57
N ASP C 434 -49.22 -21.75 -14.35
CA ASP C 434 -49.29 -22.92 -13.48
C ASP C 434 -50.69 -23.11 -12.93
N LEU C 435 -51.38 -22.02 -12.58
CA LEU C 435 -52.69 -22.13 -11.97
C LEU C 435 -53.74 -22.57 -12.98
N TRP C 436 -53.78 -21.95 -14.15
CA TRP C 436 -54.76 -22.31 -15.16
C TRP C 436 -54.39 -23.59 -15.89
N PHE C 437 -53.09 -23.89 -15.99
CA PHE C 437 -52.58 -25.00 -16.80
C PHE C 437 -53.04 -24.88 -18.25
N THR C 438 -52.98 -23.67 -18.78
CA THR C 438 -53.33 -23.40 -20.17
C THR C 438 -52.06 -23.20 -21.00
N LYS C 439 -52.21 -23.35 -22.31
CA LYS C 439 -51.11 -23.17 -23.27
C LYS C 439 -49.91 -24.06 -22.90
N LYS C 440 -50.20 -25.30 -22.54
CA LYS C 440 -49.13 -26.24 -22.18
C LYS C 440 -49.47 -27.66 -22.63
N PHE D 22 -43.79 -17.37 5.77
CA PHE D 22 -44.51 -18.36 6.56
C PHE D 22 -43.67 -18.81 7.75
N GLN D 23 -42.75 -19.74 7.51
CA GLN D 23 -41.87 -20.20 8.57
C GLN D 23 -40.83 -19.15 8.90
N GLY D 24 -40.47 -19.05 10.18
CA GLY D 24 -39.53 -18.05 10.64
C GLY D 24 -38.10 -18.54 10.71
N SER D 25 -37.53 -18.90 9.55
CA SER D 25 -36.14 -19.33 9.47
C SER D 25 -35.19 -18.16 9.25
N MET D 26 -35.68 -16.93 9.41
CA MET D 26 -34.84 -15.75 9.21
C MET D 26 -33.60 -15.78 10.08
N ILE D 27 -33.69 -16.39 11.27
CA ILE D 27 -32.54 -16.47 12.16
C ILE D 27 -31.39 -17.19 11.48
N ASP D 28 -31.70 -18.24 10.71
CA ASP D 28 -30.64 -18.95 10.00
C ASP D 28 -30.08 -18.14 8.85
N PHE D 29 -30.83 -17.19 8.30
CA PHE D 29 -30.32 -16.39 7.19
C PHE D 29 -29.18 -15.49 7.64
N LEU D 30 -29.37 -14.75 8.73
CA LEU D 30 -28.32 -13.86 9.23
C LEU D 30 -27.46 -14.54 10.28
N LYS D 31 -26.92 -15.69 9.94
CA LYS D 31 -25.99 -16.37 10.83
C LYS D 31 -24.70 -16.79 10.14
N GLN D 32 -24.77 -17.17 8.86
CA GLN D 32 -23.58 -17.61 8.13
C GLN D 32 -22.77 -16.47 7.56
N LEU D 33 -23.26 -15.25 7.60
CA LEU D 33 -22.51 -14.11 7.10
C LEU D 33 -21.31 -13.85 8.02
N PRO D 34 -20.30 -13.14 7.54
CA PRO D 34 -19.03 -13.07 8.27
C PRO D 34 -19.17 -12.54 9.69
N HIS D 35 -18.21 -12.91 10.53
CA HIS D 35 -18.17 -12.59 11.95
C HIS D 35 -16.84 -11.95 12.32
N LEU D 36 -16.46 -10.91 11.59
CA LEU D 36 -15.22 -10.22 11.88
C LEU D 36 -15.29 -9.60 13.28
N GLU D 37 -14.38 -10.01 14.15
CA GLU D 37 -14.41 -9.59 15.54
C GLU D 37 -14.10 -8.10 15.66
N PRO D 38 -14.73 -7.40 16.61
CA PRO D 38 -14.35 -5.99 16.83
C PRO D 38 -13.03 -5.89 17.55
N TYR D 39 -12.00 -5.39 16.84
CA TYR D 39 -10.64 -5.36 17.36
C TYR D 39 -10.20 -6.76 17.77
N GLY D 40 -10.37 -7.71 16.87
CA GLY D 40 -10.00 -9.08 17.13
C GLY D 40 -8.62 -9.39 16.61
N ASN D 41 -8.53 -10.09 15.48
CA ASN D 41 -7.24 -10.38 14.88
C ASN D 41 -6.57 -9.07 14.42
N PRO D 42 -5.24 -9.03 14.41
CA PRO D 42 -4.56 -7.82 13.94
C PRO D 42 -4.92 -7.43 12.52
N PHE D 43 -5.17 -8.40 11.65
CA PHE D 43 -5.50 -8.10 10.26
C PHE D 43 -6.75 -7.23 10.16
N TYR D 44 -7.60 -7.23 11.19
CA TYR D 44 -8.75 -6.34 11.23
C TYR D 44 -8.33 -4.91 10.98
N PHE D 45 -7.28 -4.45 11.68
CA PHE D 45 -6.87 -3.06 11.54
C PHE D 45 -6.39 -2.75 10.13
N ILE D 46 -6.06 -3.77 9.34
CA ILE D 46 -5.83 -3.54 7.92
C ILE D 46 -7.13 -3.15 7.23
N TYR D 47 -8.14 -4.03 7.30
CA TYR D 47 -9.42 -3.77 6.64
C TYR D 47 -9.95 -2.41 7.00
N LEU D 48 -10.26 -2.21 8.29
CA LEU D 48 -10.74 -0.93 8.77
C LEU D 48 -9.82 0.19 8.31
N GLY D 49 -8.51 -0.01 8.41
CA GLY D 49 -7.59 1.02 7.96
C GLY D 49 -7.86 1.44 6.54
N ILE D 50 -7.94 0.47 5.63
CA ILE D 50 -8.26 0.79 4.24
C ILE D 50 -9.63 1.45 4.17
N ALA D 51 -10.60 0.90 4.90
CA ALA D 51 -11.95 1.44 4.87
C ALA D 51 -12.01 2.85 5.43
N LEU D 52 -10.98 3.29 6.15
CA LEU D 52 -10.95 4.64 6.68
C LEU D 52 -10.01 5.56 5.92
N LEU D 53 -9.37 5.07 4.86
CA LEU D 53 -8.52 5.94 4.06
C LEU D 53 -9.27 7.11 3.45
N PRO D 54 -10.44 6.93 2.82
CA PRO D 54 -11.13 8.11 2.27
C PRO D 54 -11.53 9.13 3.32
N ILE D 55 -12.21 8.71 4.38
CA ILE D 55 -12.75 9.66 5.36
C ILE D 55 -11.64 10.55 5.89
N PHE D 56 -10.54 9.94 6.34
CA PHE D 56 -9.44 10.72 6.87
C PHE D 56 -8.92 11.71 5.83
N ILE D 57 -8.78 11.27 4.58
CA ILE D 57 -8.34 12.18 3.53
C ILE D 57 -9.30 13.35 3.42
N GLY D 58 -10.61 13.07 3.46
CA GLY D 58 -11.58 14.15 3.41
C GLY D 58 -11.40 15.13 4.54
N LEU D 59 -11.03 14.64 5.72
CA LEU D 59 -10.81 15.51 6.86
C LEU D 59 -9.73 16.55 6.53
N PHE D 60 -8.73 16.16 5.75
CA PHE D 60 -7.66 17.09 5.41
C PHE D 60 -8.18 18.26 4.58
N PHE D 61 -9.24 18.05 3.79
CA PHE D 61 -9.72 19.07 2.88
C PHE D 61 -10.98 19.76 3.42
N LYS D 62 -11.25 19.62 4.72
CA LYS D 62 -12.42 20.23 5.35
C LYS D 62 -13.72 19.76 4.70
N LYS D 63 -13.74 18.51 4.23
CA LYS D 63 -14.92 17.93 3.60
C LYS D 63 -15.28 16.65 4.32
N ARG D 64 -16.54 16.55 4.74
CA ARG D 64 -17.06 15.39 5.46
C ARG D 64 -18.03 14.66 4.56
N PHE D 65 -17.78 13.36 4.34
CA PHE D 65 -18.58 12.61 3.36
C PHE D 65 -20.01 12.38 3.86
N ALA D 66 -20.15 11.97 5.11
CA ALA D 66 -21.43 11.81 5.81
C ALA D 66 -22.30 10.69 5.24
N ILE D 67 -21.87 10.01 4.19
CA ILE D 67 -22.55 8.82 3.69
C ILE D 67 -21.60 7.63 3.64
N TYR D 68 -20.38 7.83 3.16
CA TYR D 68 -19.40 6.75 3.16
C TYR D 68 -19.09 6.32 4.59
N GLU D 69 -18.99 7.26 5.53
CA GLU D 69 -18.74 6.89 6.91
C GLU D 69 -19.94 6.13 7.49
N CYS D 70 -21.15 6.50 7.08
CA CYS D 70 -22.32 5.73 7.51
C CYS D 70 -22.24 4.30 6.99
N LEU D 71 -21.82 4.13 5.74
CA LEU D 71 -21.69 2.79 5.18
C LEU D 71 -20.65 1.98 5.92
N VAL D 72 -19.49 2.58 6.21
CA VAL D 72 -18.44 1.80 6.88
C VAL D 72 -18.84 1.49 8.31
N SER D 73 -19.51 2.42 8.99
CA SER D 73 -19.99 2.15 10.34
C SER D 73 -20.99 1.00 10.34
N ILE D 74 -21.94 1.01 9.40
CA ILE D 74 -22.92 -0.07 9.33
C ILE D 74 -22.25 -1.40 9.03
N THR D 75 -21.33 -1.41 8.06
CA THR D 75 -20.67 -2.67 7.72
C THR D 75 -19.91 -3.25 8.90
N PHE D 76 -19.15 -2.41 9.60
CA PHE D 76 -18.34 -2.98 10.68
C PHE D 76 -19.17 -3.32 11.91
N ILE D 77 -20.23 -2.55 12.19
CA ILE D 77 -21.13 -2.94 13.28
C ILE D 77 -21.78 -4.28 12.98
N VAL D 78 -22.28 -4.46 11.76
CA VAL D 78 -22.93 -5.72 11.40
C VAL D 78 -21.93 -6.87 11.42
N LEU D 79 -20.70 -6.62 10.97
CA LEU D 79 -19.67 -7.66 11.05
C LEU D 79 -19.39 -8.05 12.49
N ALA D 80 -19.29 -7.06 13.39
CA ALA D 80 -19.00 -7.36 14.79
C ALA D 80 -20.14 -8.14 15.43
N LEU D 81 -21.39 -7.77 15.13
CA LEU D 81 -22.51 -8.36 15.84
C LEU D 81 -22.82 -9.79 15.38
N THR D 82 -22.73 -10.08 14.09
CA THR D 82 -23.17 -11.36 13.53
C THR D 82 -22.17 -12.44 13.89
N GLY D 83 -22.33 -12.99 15.09
CA GLY D 83 -21.47 -14.07 15.55
C GLY D 83 -22.24 -15.35 15.77
N THR D 84 -21.86 -16.10 16.82
CA THR D 84 -22.65 -17.27 17.20
C THR D 84 -24.05 -16.85 17.63
N HIS D 85 -24.15 -15.78 18.40
CA HIS D 85 -25.44 -15.20 18.76
C HIS D 85 -25.85 -14.12 17.77
N ALA D 86 -25.86 -14.45 16.48
CA ALA D 86 -26.11 -13.43 15.47
C ALA D 86 -27.56 -12.94 15.49
N SER D 87 -28.45 -13.66 16.15
CA SER D 87 -29.84 -13.22 16.25
C SER D 87 -29.94 -11.85 16.90
N GLN D 88 -28.93 -11.45 17.66
CA GLN D 88 -28.93 -10.14 18.30
C GLN D 88 -29.09 -9.01 17.28
N ILE D 89 -28.71 -9.26 16.01
CA ILE D 89 -28.90 -8.23 14.99
C ILE D 89 -30.34 -7.79 14.96
N LEU D 90 -31.27 -8.75 14.96
CA LEU D 90 -32.68 -8.39 14.98
C LEU D 90 -32.99 -7.52 16.19
N ALA D 91 -32.47 -7.90 17.36
CA ALA D 91 -32.68 -7.10 18.55
C ALA D 91 -32.20 -5.67 18.33
N LEU D 92 -31.03 -5.51 17.71
CA LEU D 92 -30.54 -4.17 17.41
C LEU D 92 -31.56 -3.40 16.58
N LEU D 93 -32.06 -4.03 15.51
CA LEU D 93 -32.99 -3.33 14.65
C LEU D 93 -34.29 -3.00 15.37
N PHE D 94 -34.54 -3.62 16.52
CA PHE D 94 -35.62 -3.16 17.38
C PHE D 94 -35.16 -2.04 18.27
N TYR D 95 -34.04 -2.25 18.97
CA TYR D 95 -33.58 -1.29 19.97
C TYR D 95 -33.47 0.11 19.37
N ILE D 96 -32.75 0.23 18.25
CA ILE D 96 -32.63 1.51 17.57
C ILE D 96 -34.01 2.13 17.39
N VAL D 97 -34.93 1.39 16.77
CA VAL D 97 -36.25 1.93 16.50
C VAL D 97 -36.89 2.41 17.80
N TRP D 98 -36.77 1.62 18.86
CA TRP D 98 -37.38 2.00 20.13
C TRP D 98 -36.89 3.38 20.56
N GLN D 99 -35.58 3.59 20.49
CA GLN D 99 -35.04 4.90 20.86
C GLN D 99 -35.65 6.00 19.99
N ILE D 100 -35.69 5.77 18.68
CA ILE D 100 -36.23 6.77 17.76
C ILE D 100 -37.71 6.97 18.04
N ILE D 101 -38.39 5.96 18.56
CA ILE D 101 -39.80 6.13 18.90
C ILE D 101 -39.95 7.11 20.05
N TRP D 102 -39.02 7.07 21.01
CA TRP D 102 -39.22 7.82 22.25
C TRP D 102 -38.45 9.14 22.31
N VAL D 103 -37.19 9.17 21.87
CA VAL D 103 -36.41 10.39 21.99
C VAL D 103 -37.13 11.55 21.30
N TYR D 104 -37.53 11.33 20.04
CA TYR D 104 -38.26 12.35 19.31
C TYR D 104 -39.52 12.76 20.06
N SER D 105 -40.22 11.77 20.64
CA SER D 105 -41.40 12.09 21.43
C SER D 105 -41.08 13.17 22.45
N TYR D 106 -40.01 12.97 23.22
CA TYR D 106 -39.68 13.95 24.25
C TYR D 106 -39.41 15.31 23.64
N LYS D 107 -38.71 15.35 22.50
CA LYS D 107 -38.43 16.64 21.89
C LYS D 107 -39.72 17.38 21.58
N ARG D 108 -40.72 16.66 21.05
CA ARG D 108 -42.00 17.30 20.79
C ARG D 108 -42.57 17.89 22.07
N TYR D 109 -42.52 17.12 23.16
CA TYR D 109 -42.97 17.62 24.44
C TYR D 109 -42.17 18.85 24.84
N ARG D 110 -40.85 18.82 24.63
CA ARG D 110 -40.03 19.96 25.00
C ARG D 110 -40.42 21.21 24.22
N SER D 111 -40.98 21.03 23.02
CA SER D 111 -41.42 22.20 22.27
C SER D 111 -42.58 22.90 22.97
N GLN D 112 -43.49 22.12 23.57
CA GLN D 112 -44.71 22.67 24.13
C GLN D 112 -44.58 22.97 25.63
N ARG D 113 -44.28 21.95 26.43
CA ARG D 113 -44.25 22.12 27.87
C ARG D 113 -42.95 21.56 28.45
N ASP D 114 -42.86 21.53 29.77
CA ASP D 114 -41.72 20.93 30.45
C ASP D 114 -42.16 20.61 31.88
N ASN D 115 -42.28 19.33 32.20
CA ASN D 115 -42.66 18.90 33.54
C ASN D 115 -41.76 17.76 33.98
N LYS D 116 -41.62 17.61 35.29
CA LYS D 116 -40.70 16.61 35.83
C LYS D 116 -41.19 15.19 35.57
N TRP D 117 -42.48 14.93 35.79
CA TRP D 117 -42.96 13.55 35.73
C TRP D 117 -42.93 13.01 34.31
N VAL D 118 -43.25 13.84 33.31
CA VAL D 118 -43.16 13.39 31.93
C VAL D 118 -41.72 13.05 31.59
N PHE D 119 -40.77 13.86 32.05
CA PHE D 119 -39.37 13.57 31.82
C PHE D 119 -38.95 12.26 32.48
N TYR D 120 -39.42 12.02 33.71
CA TYR D 120 -39.10 10.77 34.38
C TYR D 120 -39.65 9.58 33.60
N LEU D 121 -40.89 9.69 33.12
CA LEU D 121 -41.48 8.62 32.35
C LEU D 121 -40.71 8.36 31.07
N HIS D 122 -40.28 9.44 30.39
CA HIS D 122 -39.49 9.26 29.17
C HIS D 122 -38.16 8.60 29.47
N SER D 123 -37.51 8.99 30.57
CA SER D 123 -36.25 8.34 30.93
C SER D 123 -36.44 6.86 31.22
N PHE D 124 -37.50 6.52 31.96
CA PHE D 124 -37.75 5.12 32.27
C PHE D 124 -38.02 4.33 31.01
N LEU D 125 -38.85 4.86 30.11
CA LEU D 125 -39.19 4.13 28.90
C LEU D 125 -38.04 4.12 27.90
N VAL D 126 -37.06 5.02 28.05
CA VAL D 126 -35.93 5.03 27.14
C VAL D 126 -34.78 4.16 27.64
N VAL D 127 -34.74 3.87 28.94
CA VAL D 127 -33.74 2.94 29.48
C VAL D 127 -34.34 1.58 29.83
N LEU D 128 -35.62 1.36 29.52
CA LEU D 128 -36.22 0.06 29.77
C LEU D 128 -35.49 -1.11 29.12
N PRO D 129 -35.02 -1.05 27.86
CA PRO D 129 -34.32 -2.22 27.32
C PRO D 129 -33.14 -2.68 28.16
N LEU D 130 -32.37 -1.74 28.70
CA LEU D 130 -31.28 -2.13 29.59
C LEU D 130 -31.80 -2.78 30.86
N ILE D 131 -32.90 -2.27 31.40
CA ILE D 131 -33.49 -2.89 32.59
C ILE D 131 -33.90 -4.32 32.29
N LEU D 132 -34.51 -4.55 31.14
CA LEU D 132 -34.91 -5.91 30.77
C LEU D 132 -33.70 -6.81 30.62
N VAL D 133 -32.67 -6.35 29.92
CA VAL D 133 -31.50 -7.20 29.71
C VAL D 133 -30.84 -7.55 31.04
N LYS D 134 -30.78 -6.59 31.96
CA LYS D 134 -30.12 -6.87 33.24
C LYS D 134 -30.99 -7.75 34.13
N VAL D 135 -32.29 -7.54 34.13
CA VAL D 135 -33.14 -8.19 35.13
C VAL D 135 -33.74 -9.51 34.67
N GLU D 136 -33.75 -9.79 33.37
CA GLU D 136 -34.33 -11.06 32.92
C GLU D 136 -33.57 -12.27 33.42
N PRO D 137 -32.24 -12.35 33.34
CA PRO D 137 -31.56 -13.55 33.84
C PRO D 137 -31.79 -13.80 35.33
N THR D 138 -31.98 -12.75 36.12
CA THR D 138 -32.24 -12.95 37.54
C THR D 138 -33.54 -13.70 37.76
N ILE D 139 -34.58 -13.36 37.01
CA ILE D 139 -35.89 -13.99 37.20
C ILE D 139 -36.02 -15.22 36.31
N ASN D 140 -35.96 -15.01 34.98
CA ASN D 140 -36.16 -16.10 34.05
C ASN D 140 -35.01 -17.11 34.12
N GLY D 141 -33.78 -16.63 34.05
CA GLY D 141 -32.61 -17.48 34.01
C GLY D 141 -31.91 -17.55 32.69
N THR D 142 -32.50 -17.00 31.62
CA THR D 142 -31.88 -16.97 30.31
C THR D 142 -31.84 -15.54 29.79
N GLN D 143 -30.86 -15.27 28.92
CA GLN D 143 -30.71 -13.93 28.37
C GLN D 143 -31.97 -13.50 27.65
N SER D 144 -32.39 -12.26 27.90
CA SER D 144 -33.60 -11.76 27.26
C SER D 144 -33.35 -11.55 25.77
N LEU D 145 -34.44 -11.52 25.00
CA LEU D 145 -34.31 -11.42 23.55
C LEU D 145 -33.67 -10.11 23.14
N LEU D 146 -34.09 -8.99 23.73
CA LEU D 146 -33.67 -7.68 23.26
C LEU D 146 -32.32 -7.31 23.85
N ASN D 147 -31.34 -8.20 23.70
CA ASN D 147 -29.99 -7.96 24.15
C ASN D 147 -29.02 -8.19 22.99
N PHE D 148 -28.01 -7.34 22.89
CA PHE D 148 -26.98 -7.51 21.87
C PHE D 148 -25.64 -7.19 22.50
N LEU D 149 -24.63 -6.98 21.65
CA LEU D 149 -23.26 -6.92 22.15
C LEU D 149 -23.04 -5.73 23.08
N GLY D 150 -23.56 -4.57 22.72
CA GLY D 150 -23.23 -3.38 23.47
C GLY D 150 -24.39 -2.51 23.92
N ILE D 151 -25.49 -3.12 24.35
CA ILE D 151 -26.64 -2.32 24.76
C ILE D 151 -26.31 -1.52 26.02
N SER D 152 -25.51 -2.10 26.92
CA SER D 152 -25.23 -1.41 28.18
C SER D 152 -24.44 -0.12 27.96
N TYR D 153 -23.74 0.02 26.85
CA TYR D 153 -22.99 1.22 26.52
C TYR D 153 -23.69 2.06 25.46
N LEU D 154 -24.95 1.77 25.16
CA LEU D 154 -25.70 2.52 24.18
C LEU D 154 -26.91 3.24 24.75
N THR D 155 -27.57 2.69 25.77
CA THR D 155 -28.63 3.46 26.40
C THR D 155 -28.08 4.67 27.12
N PHE D 156 -26.78 4.70 27.36
CA PHE D 156 -26.16 5.89 27.95
C PHE D 156 -26.28 7.10 27.03
N ARG D 157 -26.00 6.92 25.73
CA ARG D 157 -26.12 8.03 24.81
C ARG D 157 -27.56 8.53 24.73
N ALA D 158 -28.52 7.61 24.63
CA ALA D 158 -29.92 8.02 24.50
C ALA D 158 -30.42 8.72 25.76
N VAL D 159 -30.15 8.14 26.92
CA VAL D 159 -30.62 8.79 28.14
C VAL D 159 -29.88 10.11 28.35
N GLY D 160 -28.64 10.21 27.86
CA GLY D 160 -27.95 11.48 27.93
C GLY D 160 -28.58 12.55 27.06
N MET D 161 -29.02 12.17 25.86
CA MET D 161 -29.71 13.13 25.00
C MET D 161 -31.01 13.58 25.63
N ILE D 162 -31.75 12.66 26.24
CA ILE D 162 -32.99 13.07 26.91
C ILE D 162 -32.67 13.97 28.10
N ILE D 163 -31.61 13.67 28.84
CA ILE D 163 -31.21 14.53 29.96
C ILE D 163 -30.88 15.93 29.45
N GLU D 164 -30.13 16.01 28.36
CA GLU D 164 -29.76 17.31 27.81
C GLU D 164 -31.00 18.08 27.37
N MET D 165 -31.96 17.39 26.75
CA MET D 165 -33.20 18.06 26.37
C MET D 165 -33.93 18.58 27.60
N ARG D 166 -33.84 17.87 28.73
CA ARG D 166 -34.51 18.35 29.93
C ARG D 166 -33.96 19.68 30.39
N ASP D 167 -32.64 19.84 30.37
CA ASP D 167 -32.01 21.07 30.85
C ASP D 167 -32.07 22.20 29.83
N GLY D 168 -32.50 21.94 28.60
CA GLY D 168 -32.56 22.96 27.59
C GLY D 168 -31.26 23.21 26.85
N VAL D 169 -30.20 22.47 27.17
CA VAL D 169 -28.95 22.63 26.43
C VAL D 169 -29.14 22.21 24.98
N LEU D 170 -29.94 21.18 24.75
CA LEU D 170 -30.21 20.65 23.41
C LEU D 170 -31.62 21.04 23.00
N LYS D 171 -31.75 21.58 21.79
CA LYS D 171 -33.07 21.98 21.34
C LYS D 171 -33.44 21.41 19.98
N GLU D 172 -32.49 21.27 19.06
CA GLU D 172 -32.79 20.83 17.72
C GLU D 172 -31.66 19.97 17.18
N PHE D 173 -32.03 18.98 16.36
CA PHE D 173 -31.09 18.06 15.75
C PHE D 173 -31.84 17.22 14.74
N THR D 174 -31.10 16.63 13.81
CA THR D 174 -31.67 15.79 12.76
C THR D 174 -31.31 14.34 13.02
N LEU D 175 -32.07 13.44 12.38
CA LEU D 175 -31.86 12.02 12.58
C LEU D 175 -30.47 11.58 12.14
N GLY D 176 -29.87 12.30 11.20
CA GLY D 176 -28.51 11.96 10.81
C GLY D 176 -27.54 12.06 11.97
N GLU D 177 -27.60 13.18 12.70
CA GLU D 177 -26.71 13.38 13.85
C GLU D 177 -27.01 12.36 14.95
N PHE D 178 -28.29 12.13 15.24
CA PHE D 178 -28.67 11.16 16.26
C PHE D 178 -28.12 9.78 15.94
N LEU D 179 -28.40 9.28 14.74
CA LEU D 179 -28.03 7.91 14.43
C LEU D 179 -26.56 7.76 14.03
N ARG D 180 -25.83 8.84 13.82
CA ARG D 180 -24.38 8.73 13.73
C ARG D 180 -23.71 8.98 15.06
N PHE D 181 -24.47 9.39 16.07
CA PHE D 181 -23.96 9.60 17.42
C PHE D 181 -24.17 8.38 18.31
N MET D 182 -25.40 7.89 18.41
CA MET D 182 -25.68 6.73 19.24
C MET D 182 -24.95 5.50 18.72
N LEU D 183 -24.94 5.28 17.41
CA LEU D 183 -24.33 4.10 16.83
C LEU D 183 -22.90 4.34 16.40
N PHE D 184 -22.16 5.21 17.07
CA PHE D 184 -20.80 5.52 16.66
C PHE D 184 -19.99 4.23 16.59
N MET D 185 -19.39 3.97 15.43
CA MET D 185 -18.82 2.65 15.17
C MET D 185 -17.69 2.26 16.12
N PRO D 186 -16.69 3.09 16.38
CA PRO D 186 -15.60 2.62 17.28
C PRO D 186 -16.06 2.35 18.69
N THR D 187 -16.76 3.29 19.30
CA THR D 187 -17.18 3.15 20.70
C THR D 187 -18.57 2.53 20.79
N PHE D 188 -18.68 1.30 20.29
CA PHE D 188 -19.96 0.62 20.21
C PHE D 188 -20.05 -0.59 21.14
N THR D 189 -19.13 -1.54 21.03
CA THR D 189 -19.26 -2.78 21.79
C THR D 189 -19.24 -2.48 23.28
N SER D 190 -18.10 -2.02 23.80
CA SER D 190 -18.07 -1.44 25.14
C SER D 190 -16.94 -0.41 25.14
N GLY D 191 -17.26 0.82 24.76
CA GLY D 191 -16.26 1.81 24.53
C GLY D 191 -16.52 3.07 25.33
N PRO D 192 -15.73 4.10 25.11
CA PRO D 192 -15.89 5.33 25.88
C PRO D 192 -17.30 5.88 25.73
N ILE D 193 -17.89 6.28 26.85
CA ILE D 193 -19.26 6.75 26.87
C ILE D 193 -19.24 8.26 26.65
N ASP D 194 -19.86 8.71 25.58
CA ASP D 194 -19.78 10.10 25.17
C ASP D 194 -20.98 10.89 25.66
N ARG D 195 -21.08 12.11 25.20
CA ARG D 195 -22.25 12.95 25.39
C ARG D 195 -22.59 13.59 24.05
N PHE D 196 -23.82 14.06 23.91
CA PHE D 196 -24.21 14.59 22.61
C PHE D 196 -23.52 15.90 22.30
N LYS D 197 -23.49 16.84 23.25
CA LYS D 197 -22.96 18.16 22.96
C LYS D 197 -21.51 18.08 22.51
N ARG D 198 -20.67 17.38 23.28
CA ARG D 198 -19.26 17.31 22.96
C ARG D 198 -19.04 16.62 21.62
N PHE D 199 -19.74 15.51 21.38
CA PHE D 199 -19.55 14.79 20.12
C PHE D 199 -19.99 15.62 18.93
N ASN D 200 -21.13 16.30 19.04
CA ASN D 200 -21.59 17.11 17.92
C ASN D 200 -20.64 18.26 17.64
N GLU D 201 -20.14 18.93 18.68
CA GLU D 201 -19.20 20.01 18.46
C GLU D 201 -17.90 19.50 17.84
N ASP D 202 -17.44 18.33 18.28
CA ASP D 202 -16.22 17.78 17.70
C ASP D 202 -16.44 17.23 16.30
N TYR D 203 -17.68 16.96 15.93
CA TYR D 203 -17.97 16.46 14.59
C TYR D 203 -18.13 17.59 13.59
N GLN D 204 -18.80 18.68 13.98
CA GLN D 204 -19.05 19.76 13.05
C GLN D 204 -17.77 20.43 12.60
N SER D 205 -16.93 20.86 13.55
CA SER D 205 -15.74 21.64 13.25
C SER D 205 -14.59 20.70 12.94
N ILE D 206 -14.31 20.52 11.66
CA ILE D 206 -13.21 19.64 11.25
C ILE D 206 -11.88 20.23 11.72
N PRO D 207 -11.00 19.45 12.34
CA PRO D 207 -9.70 19.99 12.75
C PRO D 207 -8.83 20.33 11.56
N ASN D 208 -7.89 21.25 11.79
CA ASN D 208 -6.99 21.70 10.75
C ASN D 208 -5.87 20.69 10.52
N ARG D 209 -4.88 21.05 9.69
CA ARG D 209 -3.90 20.09 9.22
C ARG D 209 -2.99 19.61 10.35
N ASP D 210 -2.45 20.54 11.14
CA ASP D 210 -1.56 20.15 12.23
C ASP D 210 -2.29 19.32 13.26
N GLU D 211 -3.53 19.71 13.59
CA GLU D 211 -4.32 18.94 14.53
C GLU D 211 -4.60 17.53 13.99
N LEU D 212 -4.89 17.43 12.70
CA LEU D 212 -5.13 16.11 12.11
C LEU D 212 -3.88 15.25 12.13
N LEU D 213 -2.72 15.84 11.85
CA LEU D 213 -1.48 15.07 11.93
C LEU D 213 -1.21 14.61 13.36
N ASN D 214 -1.45 15.48 14.34
CA ASN D 214 -1.29 15.09 15.73
C ASN D 214 -2.23 13.94 16.08
N MET D 215 -3.48 14.02 15.63
CA MET D 215 -4.44 12.94 15.88
C MET D 215 -3.99 11.65 15.21
N LEU D 216 -3.42 11.74 14.01
CA LEU D 216 -2.96 10.54 13.33
C LEU D 216 -1.80 9.89 14.09
N GLU D 217 -0.85 10.68 14.56
CA GLU D 217 0.27 10.09 15.29
C GLU D 217 -0.21 9.49 16.61
N GLN D 218 -1.14 10.15 17.29
CA GLN D 218 -1.69 9.57 18.52
C GLN D 218 -2.48 8.30 18.21
N ALA D 219 -3.16 8.26 17.06
CA ALA D 219 -3.90 7.07 16.68
C ALA D 219 -2.97 5.89 16.44
N VAL D 220 -1.84 6.13 15.77
CA VAL D 220 -0.89 5.03 15.55
C VAL D 220 -0.27 4.59 16.88
N LYS D 221 0.06 5.56 17.74
CA LYS D 221 0.55 5.20 19.06
C LYS D 221 -0.45 4.35 19.82
N TYR D 222 -1.73 4.72 19.76
CA TYR D 222 -2.75 3.95 20.44
C TYR D 222 -2.91 2.57 19.81
N ILE D 223 -2.76 2.46 18.49
CA ILE D 223 -2.87 1.16 17.83
C ILE D 223 -1.78 0.22 18.34
N MET D 224 -0.53 0.67 18.33
CA MET D 224 0.55 -0.21 18.77
C MET D 224 0.45 -0.50 20.26
N LEU D 225 0.11 0.50 21.07
CA LEU D 225 -0.07 0.25 22.50
C LEU D 225 -1.20 -0.74 22.74
N GLY D 226 -2.27 -0.65 21.96
CA GLY D 226 -3.35 -1.61 22.09
C GLY D 226 -2.94 -3.01 21.70
N PHE D 227 -2.12 -3.13 20.66
CA PHE D 227 -1.54 -4.44 20.34
C PHE D 227 -0.84 -5.01 21.55
N LEU D 228 0.04 -4.21 22.15
CA LEU D 228 0.78 -4.66 23.32
C LEU D 228 -0.15 -5.01 24.48
N TYR D 229 -1.21 -4.22 24.67
CA TYR D 229 -2.07 -4.38 25.83
C TYR D 229 -2.98 -5.59 25.70
N LYS D 230 -3.53 -5.82 24.52
CA LYS D 230 -4.59 -6.82 24.35
C LYS D 230 -4.10 -8.14 23.79
N PHE D 231 -3.04 -8.15 22.98
CA PHE D 231 -2.59 -9.39 22.38
C PHE D 231 -1.47 -10.07 23.14
N VAL D 232 -0.72 -9.33 23.96
CA VAL D 232 0.42 -9.91 24.65
C VAL D 232 0.15 -9.93 26.15
N LEU D 233 0.03 -8.75 26.76
CA LEU D 233 -0.16 -8.69 28.20
C LEU D 233 -1.50 -9.29 28.61
N ALA D 234 -2.56 -8.97 27.88
CA ALA D 234 -3.88 -9.50 28.23
C ALA D 234 -3.90 -11.02 28.15
N GLN D 235 -3.36 -11.57 27.05
CA GLN D 235 -3.35 -13.02 26.91
C GLN D 235 -2.48 -13.68 27.97
N ILE D 236 -1.32 -13.09 28.27
CA ILE D 236 -0.45 -13.65 29.30
C ILE D 236 -1.16 -13.69 30.64
N PHE D 237 -1.82 -12.59 31.01
CA PHE D 237 -2.44 -12.53 32.33
C PHE D 237 -3.75 -13.30 32.41
N GLY D 238 -4.45 -13.49 31.29
CA GLY D 238 -5.77 -14.09 31.36
C GLY D 238 -5.86 -15.53 30.90
N SER D 239 -5.18 -15.86 29.80
CA SER D 239 -5.24 -17.19 29.23
C SER D 239 -4.13 -18.11 29.73
N MET D 240 -3.19 -17.60 30.51
CA MET D 240 -2.07 -18.39 31.00
C MET D 240 -2.08 -18.56 32.52
N LEU D 241 -2.09 -17.47 33.27
CA LEU D 241 -2.02 -17.57 34.73
C LEU D 241 -3.37 -17.70 35.38
N LEU D 242 -4.40 -17.05 34.82
CA LEU D 242 -5.69 -17.01 35.50
C LEU D 242 -6.34 -18.38 35.70
N PRO D 243 -6.43 -19.25 34.68
CA PRO D 243 -7.14 -20.53 34.89
C PRO D 243 -6.47 -21.42 35.93
N PRO D 244 -5.16 -21.66 35.86
CA PRO D 244 -4.55 -22.52 36.90
C PRO D 244 -4.69 -21.95 38.30
N LEU D 245 -4.57 -20.62 38.45
CA LEU D 245 -4.74 -20.03 39.76
C LEU D 245 -6.17 -20.19 40.25
N LYS D 246 -7.15 -20.03 39.37
CA LYS D 246 -8.54 -20.26 39.76
C LYS D 246 -8.74 -21.70 40.21
N ALA D 247 -8.20 -22.66 39.46
CA ALA D 247 -8.38 -24.06 39.81
C ALA D 247 -7.72 -24.38 41.14
N GLN D 248 -6.49 -23.88 41.36
CA GLN D 248 -5.81 -24.14 42.62
C GLN D 248 -6.54 -23.53 43.80
N ALA D 249 -7.04 -22.29 43.62
CA ALA D 249 -7.78 -21.65 44.69
C ALA D 249 -9.07 -22.41 45.01
N LEU D 250 -9.79 -22.85 43.98
CA LEU D 250 -11.01 -23.60 44.22
C LEU D 250 -10.71 -24.91 44.93
N SER D 251 -9.64 -25.61 44.51
CA SER D 251 -9.31 -26.88 45.14
C SER D 251 -8.90 -26.69 46.60
N GLN D 252 -8.18 -25.61 46.90
CA GLN D 252 -7.73 -25.38 48.27
C GLN D 252 -8.91 -25.23 49.21
N GLY D 253 -9.94 -24.50 48.81
CA GLY D 253 -11.08 -24.29 49.67
C GLY D 253 -10.81 -23.29 50.78
N GLY D 254 -11.73 -23.26 51.74
CA GLY D 254 -11.64 -22.33 52.85
C GLY D 254 -12.14 -20.95 52.47
N ILE D 255 -12.19 -20.09 53.50
CA ILE D 255 -12.67 -18.72 53.28
C ILE D 255 -11.69 -17.94 52.42
N PHE D 256 -10.41 -18.02 52.75
CA PHE D 256 -9.38 -17.32 51.99
C PHE D 256 -8.09 -18.11 52.05
N ASN D 257 -7.25 -17.91 51.04
CA ASN D 257 -6.00 -18.65 50.90
C ASN D 257 -5.10 -17.87 49.96
N LEU D 258 -3.85 -18.31 49.85
CA LEU D 258 -2.92 -17.64 48.94
C LEU D 258 -3.35 -17.71 47.49
N PRO D 259 -3.78 -18.86 46.93
CA PRO D 259 -4.12 -18.88 45.50
C PRO D 259 -5.24 -17.94 45.12
N THR D 260 -6.23 -17.72 46.00
CA THR D 260 -7.27 -16.75 45.65
C THR D 260 -6.73 -15.32 45.70
N LEU D 261 -5.74 -15.06 46.56
CA LEU D 261 -5.07 -13.77 46.51
C LEU D 261 -4.34 -13.59 45.19
N GLY D 262 -3.69 -14.66 44.71
CA GLY D 262 -3.06 -14.60 43.41
C GLY D 262 -4.04 -14.35 42.29
N VAL D 263 -5.19 -15.03 42.34
CA VAL D 263 -6.18 -14.81 41.29
C VAL D 263 -6.74 -13.40 41.37
N MET D 264 -6.88 -12.85 42.59
CA MET D 264 -7.31 -11.47 42.73
C MET D 264 -6.36 -10.55 41.98
N TYR D 265 -5.07 -10.65 42.27
CA TYR D 265 -4.11 -9.73 41.66
C TYR D 265 -4.04 -9.92 40.15
N VAL D 266 -3.93 -11.18 39.70
CA VAL D 266 -3.78 -11.42 38.28
C VAL D 266 -5.03 -11.00 37.52
N TYR D 267 -6.21 -11.27 38.08
CA TYR D 267 -7.43 -10.85 37.40
C TYR D 267 -7.55 -9.34 37.35
N GLY D 268 -7.17 -8.65 38.42
CA GLY D 268 -7.22 -7.20 38.38
C GLY D 268 -6.36 -6.65 37.26
N PHE D 269 -5.12 -7.14 37.16
CA PHE D 269 -4.26 -6.66 36.09
C PHE D 269 -4.78 -7.06 34.72
N ASP D 270 -5.33 -8.27 34.58
CA ASP D 270 -5.84 -8.70 33.29
C ASP D 270 -7.04 -7.87 32.86
N LEU D 271 -7.95 -7.58 33.78
CA LEU D 271 -9.10 -6.74 33.48
C LEU D 271 -8.64 -5.37 33.05
N PHE D 272 -7.72 -4.77 33.80
CA PHE D 272 -7.25 -3.45 33.42
C PHE D 272 -6.60 -3.48 32.04
N PHE D 273 -5.78 -4.49 31.77
CA PHE D 273 -5.05 -4.51 30.51
C PHE D 273 -5.99 -4.72 29.33
N ASP D 274 -6.94 -5.64 29.44
CA ASP D 274 -7.89 -5.84 28.34
C ASP D 274 -8.74 -4.60 28.12
N PHE D 275 -9.24 -4.02 29.20
CA PHE D 275 -10.09 -2.83 29.06
C PHE D 275 -9.31 -1.67 28.47
N ALA D 276 -8.07 -1.46 28.92
CA ALA D 276 -7.27 -0.37 28.39
C ALA D 276 -6.91 -0.62 26.94
N GLY D 277 -6.66 -1.87 26.56
CA GLY D 277 -6.39 -2.16 25.17
C GLY D 277 -7.58 -1.83 24.29
N TYR D 278 -8.77 -2.24 24.72
CA TYR D 278 -9.95 -1.89 23.93
C TYR D 278 -10.15 -0.39 23.86
N SER D 279 -9.97 0.31 24.99
CA SER D 279 -10.17 1.75 24.99
C SER D 279 -9.19 2.43 24.06
N MET D 280 -7.93 1.98 24.05
CA MET D 280 -6.95 2.57 23.15
C MET D 280 -7.30 2.29 21.70
N PHE D 281 -7.78 1.08 21.40
CA PHE D 281 -8.21 0.79 20.04
C PHE D 281 -9.35 1.71 19.62
N ALA D 282 -10.33 1.89 20.50
CA ALA D 282 -11.47 2.74 20.17
C ALA D 282 -11.04 4.18 19.97
N LEU D 283 -10.16 4.68 20.83
CA LEU D 283 -9.67 6.04 20.67
C LEU D 283 -8.90 6.19 19.36
N ALA D 284 -8.09 5.20 19.00
CA ALA D 284 -7.34 5.28 17.76
C ALA D 284 -8.27 5.32 16.56
N VAL D 285 -9.27 4.45 16.52
CA VAL D 285 -10.18 4.43 15.37
C VAL D 285 -11.00 5.71 15.31
N SER D 286 -11.45 6.21 16.46
CA SER D 286 -12.20 7.46 16.48
C SER D 286 -11.35 8.62 16.02
N ASN D 287 -10.07 8.63 16.40
CA ASN D 287 -9.16 9.68 15.93
C ASN D 287 -8.97 9.58 14.43
N LEU D 288 -8.87 8.36 13.89
CA LEU D 288 -8.80 8.21 12.45
C LEU D 288 -10.06 8.74 11.77
N MET D 289 -11.22 8.54 12.38
CA MET D 289 -12.46 9.08 11.84
C MET D 289 -12.60 10.56 12.10
N GLY D 290 -11.74 11.15 12.92
CA GLY D 290 -11.75 12.58 13.15
C GLY D 290 -12.43 13.05 14.42
N ILE D 291 -12.76 12.15 15.34
CA ILE D 291 -13.46 12.50 16.57
C ILE D 291 -12.61 12.07 17.76
N LYS D 292 -12.45 12.96 18.73
CA LYS D 292 -11.70 12.68 19.95
C LYS D 292 -12.65 12.16 21.01
N SER D 293 -12.77 10.83 21.10
CA SER D 293 -13.63 10.23 22.11
C SER D 293 -13.01 10.40 23.50
N PRO D 294 -13.82 10.42 24.55
CA PRO D 294 -13.27 10.61 25.89
C PRO D 294 -12.34 9.47 26.28
N ILE D 295 -11.34 9.81 27.10
CA ILE D 295 -10.39 8.83 27.56
C ILE D 295 -11.04 7.93 28.60
N ASN D 296 -10.45 6.76 28.79
CA ASN D 296 -10.95 5.79 29.75
C ASN D 296 -10.03 5.59 30.95
N PHE D 297 -8.76 5.28 30.72
CA PHE D 297 -7.82 5.01 31.80
C PHE D 297 -6.62 5.93 31.69
N ASP D 298 -6.22 6.51 32.81
CA ASP D 298 -5.03 7.38 32.89
C ASP D 298 -4.30 7.06 34.19
N LYS D 299 -3.43 6.03 34.14
CA LYS D 299 -2.63 5.58 35.28
C LYS D 299 -3.49 5.35 36.51
N PRO D 300 -4.28 4.28 36.56
CA PRO D 300 -5.23 4.11 37.66
C PRO D 300 -4.63 3.46 38.90
N PHE D 301 -3.57 2.68 38.72
CA PHE D 301 -3.01 1.93 39.85
C PHE D 301 -2.03 2.74 40.68
N ILE D 302 -1.59 3.91 40.20
CA ILE D 302 -0.70 4.75 40.97
C ILE D 302 -1.55 5.72 41.78
N SER D 303 -2.86 5.49 41.78
CA SER D 303 -3.78 6.37 42.50
C SER D 303 -3.54 6.24 44.00
N ARG D 304 -3.45 7.38 44.67
CA ARG D 304 -3.13 7.41 46.09
C ARG D 304 -4.36 7.49 46.98
N ASP D 305 -5.55 7.60 46.39
CA ASP D 305 -6.76 7.69 47.19
C ASP D 305 -7.95 7.32 46.32
N MET D 306 -9.01 6.84 46.98
CA MET D 306 -10.17 6.36 46.25
C MET D 306 -10.80 7.47 45.42
N LYS D 307 -10.99 8.65 46.01
CA LYS D 307 -11.51 9.76 45.23
C LYS D 307 -10.61 10.05 44.04
N GLU D 308 -9.30 9.98 44.25
CA GLU D 308 -8.36 10.10 43.15
C GLU D 308 -8.32 8.84 42.30
N PHE D 309 -8.82 7.71 42.81
CA PHE D 309 -8.88 6.52 41.96
C PHE D 309 -9.98 6.65 40.93
N TRP D 310 -11.15 7.14 41.34
CA TRP D 310 -12.28 7.18 40.41
C TRP D 310 -12.13 8.22 39.32
N ASN D 311 -11.14 9.09 39.42
CA ASN D 311 -10.83 9.99 38.32
C ASN D 311 -9.81 9.39 37.37
N ARG D 312 -9.40 8.15 37.59
CA ARG D 312 -8.43 7.50 36.73
C ARG D 312 -8.87 6.13 36.23
N TRP D 313 -9.85 5.49 36.86
CA TRP D 313 -10.30 4.15 36.47
C TRP D 313 -11.64 4.26 35.76
N HIS D 314 -11.69 3.80 34.52
CA HIS D 314 -12.88 3.91 33.69
C HIS D 314 -13.44 5.33 33.75
N MET D 315 -12.65 6.25 33.19
CA MET D 315 -12.97 7.66 33.34
C MET D 315 -14.31 8.00 32.69
N SER D 316 -14.57 7.47 31.50
CA SER D 316 -15.80 7.84 30.80
C SER D 316 -17.02 7.53 31.65
N LEU D 317 -17.11 6.31 32.17
CA LEU D 317 -18.29 5.89 32.92
C LEU D 317 -18.40 6.64 34.25
N SER D 318 -17.28 6.76 34.98
CA SER D 318 -17.35 7.41 36.28
C SER D 318 -17.70 8.88 36.13
N PHE D 319 -17.12 9.55 35.14
CA PHE D 319 -17.47 10.94 34.87
C PHE D 319 -18.92 11.06 34.44
N TRP D 320 -19.42 10.11 33.65
CA TRP D 320 -20.84 10.13 33.28
C TRP D 320 -21.72 10.06 34.51
N PHE D 321 -21.42 9.14 35.41
CA PHE D 321 -22.27 9.00 36.59
C PHE D 321 -22.13 10.19 37.52
N ARG D 322 -20.96 10.84 37.52
CA ARG D 322 -20.81 12.06 38.32
C ARG D 322 -21.62 13.21 37.73
N ASP D 323 -21.64 13.31 36.41
CA ASP D 323 -22.35 14.41 35.76
C ASP D 323 -23.86 14.25 35.86
N PHE D 324 -24.37 13.05 35.62
CA PHE D 324 -25.80 12.85 35.45
C PHE D 324 -26.51 12.14 36.59
N VAL D 325 -25.86 11.20 37.27
CA VAL D 325 -26.52 10.42 38.30
C VAL D 325 -26.08 10.82 39.72
N PHE D 326 -24.87 11.34 39.89
CA PHE D 326 -24.42 11.77 41.20
C PHE D 326 -24.78 13.23 41.48
N MET D 327 -24.41 14.14 40.58
CA MET D 327 -24.65 15.55 40.83
C MET D 327 -26.14 15.85 40.91
N ARG D 328 -26.94 15.28 40.01
CA ARG D 328 -28.38 15.53 40.04
C ARG D 328 -29.00 14.97 41.31
N LEU D 329 -28.48 13.85 41.80
CA LEU D 329 -28.94 13.31 43.07
C LEU D 329 -28.66 14.29 44.21
N VAL D 330 -27.47 14.89 44.23
CA VAL D 330 -27.15 15.85 45.27
C VAL D 330 -28.08 17.05 45.18
N ILE D 331 -28.33 17.53 43.96
CA ILE D 331 -29.19 18.70 43.80
C ILE D 331 -30.59 18.41 44.29
N VAL D 332 -31.15 17.25 43.92
CA VAL D 332 -32.51 16.95 44.32
C VAL D 332 -32.60 16.68 45.81
N LEU D 333 -31.53 16.14 46.42
CA LEU D 333 -31.54 15.93 47.86
C LEU D 333 -31.45 17.25 48.61
N MET D 334 -30.66 18.20 48.11
CA MET D 334 -30.49 19.48 48.78
C MET D 334 -31.63 20.45 48.49
N ARG D 335 -32.41 20.21 47.44
CA ARG D 335 -33.57 21.06 47.19
C ARG D 335 -34.59 20.97 48.32
N ASN D 336 -34.86 19.75 48.79
CA ASN D 336 -35.85 19.52 49.83
C ASN D 336 -35.25 19.60 51.24
N LYS D 337 -33.93 19.68 51.36
CA LYS D 337 -33.25 19.80 52.65
C LYS D 337 -33.66 18.69 53.62
N VAL D 338 -33.75 17.47 53.10
CA VAL D 338 -34.19 16.34 53.92
C VAL D 338 -33.15 15.97 54.97
N PHE D 339 -31.91 16.38 54.80
CA PHE D 339 -30.85 16.09 55.75
C PHE D 339 -30.29 17.39 56.33
N LYS D 340 -30.09 17.40 57.65
CA LYS D 340 -29.64 18.61 58.31
C LYS D 340 -28.24 19.01 57.88
N ASN D 341 -27.34 18.05 57.74
CA ASN D 341 -25.94 18.32 57.42
C ASN D 341 -25.63 17.92 55.99
N ARG D 342 -24.64 18.59 55.41
CA ARG D 342 -24.23 18.26 54.04
C ARG D 342 -23.52 16.92 53.98
N ASN D 343 -22.78 16.55 55.03
CA ASN D 343 -21.99 15.33 55.00
C ASN D 343 -22.86 14.10 54.80
N THR D 344 -23.99 14.03 55.50
CA THR D 344 -24.89 12.89 55.31
C THR D 344 -25.43 12.85 53.89
N THR D 345 -25.74 14.02 53.33
CA THR D 345 -26.21 14.07 51.95
C THR D 345 -25.15 13.52 51.01
N SER D 346 -23.90 13.93 51.19
CA SER D 346 -22.84 13.43 50.33
C SER D 346 -22.66 11.93 50.48
N ASN D 347 -22.71 11.42 51.71
CA ASN D 347 -22.60 9.98 51.92
C ASN D 347 -23.72 9.23 51.21
N VAL D 348 -24.95 9.70 51.37
CA VAL D 348 -26.09 9.05 50.74
C VAL D 348 -25.96 9.09 49.23
N ALA D 349 -25.56 10.24 48.68
CA ALA D 349 -25.42 10.35 47.24
C ALA D 349 -24.34 9.40 46.72
N TYR D 350 -23.21 9.31 47.42
CA TYR D 350 -22.17 8.39 47.01
C TYR D 350 -22.67 6.94 47.02
N ILE D 351 -23.36 6.56 48.10
CA ILE D 351 -23.82 5.17 48.21
C ILE D 351 -24.80 4.86 47.09
N ILE D 352 -25.76 5.76 46.83
CA ILE D 352 -26.75 5.51 45.79
C ILE D 352 -26.09 5.45 44.42
N ASN D 353 -25.16 6.37 44.15
CA ASN D 353 -24.49 6.36 42.85
C ASN D 353 -23.73 5.07 42.63
N MET D 354 -23.00 4.60 43.65
CA MET D 354 -22.22 3.38 43.45
C MET D 354 -23.12 2.14 43.39
N MET D 355 -24.24 2.15 44.13
CA MET D 355 -25.19 1.06 43.99
C MET D 355 -25.76 1.01 42.59
N VAL D 356 -26.07 2.17 42.01
CA VAL D 356 -26.59 2.18 40.65
C VAL D 356 -25.52 1.71 39.67
N MET D 357 -24.27 2.05 39.91
CA MET D 357 -23.19 1.54 39.07
C MET D 357 -23.13 0.01 39.14
N GLY D 358 -23.23 -0.54 40.35
CA GLY D 358 -23.25 -1.98 40.50
C GLY D 358 -24.42 -2.62 39.78
N PHE D 359 -25.61 -2.05 39.94
CA PHE D 359 -26.77 -2.55 39.21
C PHE D 359 -26.50 -2.55 37.72
N TRP D 360 -25.95 -1.46 37.19
CA TRP D 360 -25.67 -1.38 35.77
C TRP D 360 -24.74 -2.50 35.33
N HIS D 361 -23.75 -2.82 36.16
CA HIS D 361 -22.84 -3.90 35.79
C HIS D 361 -23.55 -5.24 35.64
N GLY D 362 -24.70 -5.41 36.31
CA GLY D 362 -25.45 -6.64 36.24
C GLY D 362 -26.01 -7.01 37.59
N ILE D 363 -27.32 -7.20 37.69
CA ILE D 363 -27.94 -7.30 39.00
C ILE D 363 -27.81 -8.73 39.53
N THR D 364 -26.71 -8.99 40.22
CA THR D 364 -26.51 -10.24 40.94
C THR D 364 -26.09 -9.93 42.37
N TRP D 365 -25.57 -10.91 43.10
CA TRP D 365 -25.09 -10.62 44.44
C TRP D 365 -23.75 -9.89 44.40
N TYR D 366 -22.82 -10.35 43.55
CA TYR D 366 -21.46 -9.86 43.66
C TYR D 366 -21.30 -8.46 43.07
N TYR D 367 -22.00 -8.14 41.98
CA TYR D 367 -21.90 -6.79 41.44
C TYR D 367 -22.48 -5.77 42.42
N ILE D 368 -23.59 -6.10 43.06
CA ILE D 368 -24.15 -5.20 44.06
C ILE D 368 -23.22 -5.08 45.26
N ALA D 369 -22.57 -6.18 45.63
CA ALA D 369 -21.58 -6.10 46.70
C ALA D 369 -20.45 -5.16 46.32
N TYR D 370 -19.99 -5.25 45.07
CA TYR D 370 -18.92 -4.37 44.58
C TYR D 370 -19.34 -2.91 44.64
N GLY D 371 -20.55 -2.61 44.18
CA GLY D 371 -21.03 -1.25 44.24
C GLY D 371 -21.12 -0.72 45.66
N ILE D 372 -21.73 -1.50 46.55
CA ILE D 372 -21.87 -1.07 47.95
C ILE D 372 -20.50 -0.89 48.57
N PHE D 373 -19.56 -1.77 48.26
CA PHE D 373 -18.23 -1.70 48.83
C PHE D 373 -17.50 -0.45 48.38
N HIS D 374 -17.58 -0.12 47.09
CA HIS D 374 -16.93 1.10 46.63
C HIS D 374 -17.60 2.34 47.22
N GLY D 375 -18.92 2.31 47.36
CA GLY D 375 -19.58 3.44 48.00
C GLY D 375 -19.14 3.65 49.43
N ILE D 376 -19.05 2.56 50.20
CA ILE D 376 -18.60 2.67 51.57
C ILE D 376 -17.16 3.16 51.61
N GLY D 377 -16.33 2.68 50.70
CA GLY D 377 -14.95 3.14 50.64
C GLY D 377 -14.84 4.62 50.37
N LEU D 378 -15.64 5.13 49.42
CA LEU D 378 -15.61 6.56 49.13
C LEU D 378 -16.09 7.36 50.32
N VAL D 379 -17.13 6.90 51.01
CA VAL D 379 -17.62 7.62 52.19
C VAL D 379 -16.55 7.66 53.26
N ILE D 380 -15.87 6.54 53.49
CA ILE D 380 -14.81 6.50 54.50
C ILE D 380 -13.68 7.44 54.12
N ASN D 381 -13.32 7.47 52.83
CA ASN D 381 -12.28 8.38 52.37
C ASN D 381 -12.68 9.83 52.59
N ASP D 382 -13.94 10.16 52.31
CA ASP D 382 -14.40 11.53 52.53
C ASP D 382 -14.33 11.90 54.00
N ALA D 383 -14.74 10.98 54.88
CA ALA D 383 -14.67 11.26 56.31
C ALA D 383 -13.23 11.45 56.76
N TRP D 384 -12.31 10.62 56.27
CA TRP D 384 -10.91 10.76 56.62
C TRP D 384 -10.34 12.06 56.09
N LEU D 385 -10.77 12.48 54.88
CA LEU D 385 -10.30 13.74 54.34
C LEU D 385 -10.74 14.91 55.21
N ARG D 386 -12.01 14.91 55.64
CA ARG D 386 -12.48 15.98 56.50
C ARG D 386 -11.75 15.96 57.85
N LYS D 387 -11.52 14.77 58.40
CA LYS D 387 -10.79 14.68 59.67
C LYS D 387 -9.37 15.21 59.53
N LYS D 388 -8.68 14.85 58.44
CA LYS D 388 -7.34 15.37 58.21
C LYS D 388 -7.36 16.88 58.03
N LYS D 389 -8.35 17.40 57.30
CA LYS D 389 -8.45 18.84 57.10
C LYS D 389 -8.63 19.57 58.42
N THR D 390 -9.53 19.08 59.26
CA THR D 390 -9.77 19.78 60.53
C THR D 390 -8.58 19.62 61.48
N ILE D 391 -7.92 18.46 61.47
CA ILE D 391 -6.74 18.29 62.30
C ILE D 391 -5.63 19.24 61.86
N ASN D 392 -5.42 19.36 60.55
CA ASN D 392 -4.42 20.27 60.03
C ASN D 392 -4.77 21.71 60.37
N LYS D 393 -6.04 22.08 60.27
CA LYS D 393 -6.45 23.44 60.61
C LYS D 393 -6.20 23.74 62.08
N ASP D 394 -6.57 22.80 62.96
CA ASP D 394 -6.33 23.00 64.38
C ASP D 394 -4.84 23.07 64.70
N ARG D 395 -4.05 22.23 64.03
CA ARG D 395 -2.61 22.24 64.25
C ARG D 395 -2.00 23.57 63.82
N LYS D 396 -2.42 24.09 62.66
CA LYS D 396 -1.92 25.38 62.20
C LYS D 396 -2.36 26.50 63.13
N LYS D 397 -3.61 26.46 63.60
CA LYS D 397 -4.08 27.47 64.56
C LYS D 397 -3.35 27.37 65.88
N ALA D 398 -2.80 26.20 66.21
CA ALA D 398 -2.03 26.02 67.43
C ALA D 398 -0.55 26.36 67.25
N GLY D 399 -0.14 26.75 66.06
CA GLY D 399 1.24 27.12 65.80
C GLY D 399 2.18 25.96 65.52
N LEU D 400 1.68 24.73 65.50
CA LEU D 400 2.52 23.57 65.28
C LEU D 400 2.63 23.25 63.79
N LYS D 401 3.63 22.43 63.46
CA LYS D 401 3.88 22.08 62.07
C LYS D 401 2.77 21.18 61.54
N PRO D 402 2.46 21.29 60.24
CA PRO D 402 1.38 20.47 59.67
C PRO D 402 1.75 19.00 59.56
N LEU D 403 0.81 18.20 59.08
CA LEU D 403 1.05 16.77 58.94
C LEU D 403 2.08 16.50 57.84
N PRO D 404 2.87 15.43 57.99
CA PRO D 404 3.93 15.17 57.01
C PRO D 404 3.38 14.85 55.64
N GLU D 405 4.17 15.17 54.63
CA GLU D 405 3.90 14.86 53.24
C GLU D 405 5.10 14.14 52.62
N ASN D 406 5.73 13.27 53.40
CA ASN D 406 6.92 12.57 52.96
C ASN D 406 6.56 11.51 51.93
N LYS D 407 7.61 10.98 51.26
CA LYS D 407 7.39 9.94 50.27
C LYS D 407 6.84 8.67 50.90
N TRP D 408 7.11 8.45 52.19
CA TRP D 408 6.55 7.29 52.88
C TRP D 408 5.03 7.37 52.95
N THR D 409 4.50 8.56 53.23
CA THR D 409 3.04 8.72 53.29
C THR D 409 2.41 8.42 51.94
N LYS D 410 3.00 8.95 50.86
CA LYS D 410 2.48 8.67 49.53
C LYS D 410 2.57 7.19 49.21
N ALA D 411 3.66 6.54 49.59
CA ALA D 411 3.80 5.11 49.35
C ALA D 411 2.72 4.31 50.09
N LEU D 412 2.48 4.65 51.36
CA LEU D 412 1.45 3.94 52.12
C LEU D 412 0.07 4.17 51.52
N GLY D 413 -0.21 5.40 51.09
CA GLY D 413 -1.50 5.67 50.47
C GLY D 413 -1.69 4.89 49.19
N ILE D 414 -0.66 4.87 48.33
CA ILE D 414 -0.75 4.11 47.09
C ILE D 414 -0.97 2.63 47.39
N PHE D 415 -0.24 2.09 48.37
CA PHE D 415 -0.36 0.66 48.65
C PHE D 415 -1.75 0.32 49.17
N ILE D 416 -2.28 1.12 50.10
CA ILE D 416 -3.58 0.77 50.67
C ILE D 416 -4.69 0.94 49.63
N THR D 417 -4.60 1.99 48.81
CA THR D 417 -5.59 2.15 47.74
C THR D 417 -5.52 1.01 46.76
N PHE D 418 -4.31 0.58 46.38
CA PHE D 418 -4.18 -0.53 45.45
C PHE D 418 -4.74 -1.82 46.03
N ASN D 419 -4.50 -2.07 47.31
CA ASN D 419 -5.06 -3.27 47.92
C ASN D 419 -6.58 -3.23 47.97
N THR D 420 -7.16 -2.09 48.34
CA THR D 420 -8.62 -2.01 48.39
C THR D 420 -9.23 -2.15 47.00
N VAL D 421 -8.60 -1.54 45.99
CA VAL D 421 -9.08 -1.69 44.63
C VAL D 421 -9.02 -3.15 44.19
N MET D 422 -7.93 -3.84 44.54
CA MET D 422 -7.83 -5.24 44.12
C MET D 422 -8.84 -6.12 44.84
N LEU D 423 -9.13 -5.83 46.11
CA LEU D 423 -10.20 -6.56 46.78
C LEU D 423 -11.54 -6.32 46.10
N SER D 424 -11.80 -5.08 45.69
CA SER D 424 -13.03 -4.79 44.95
C SER D 424 -13.07 -5.58 43.65
N PHE D 425 -11.94 -5.67 42.94
CA PHE D 425 -11.94 -6.43 41.70
C PHE D 425 -12.08 -7.91 41.94
N LEU D 426 -11.64 -8.40 43.09
CA LEU D 426 -11.93 -9.77 43.47
C LEU D 426 -13.43 -9.99 43.60
N ILE D 427 -14.11 -9.07 44.29
CA ILE D 427 -15.56 -9.22 44.44
C ILE D 427 -16.26 -9.13 43.09
N PHE D 428 -15.86 -8.16 42.28
CA PHE D 428 -16.48 -7.96 40.97
C PHE D 428 -16.14 -9.08 39.99
N SER D 429 -15.06 -9.82 40.25
CA SER D 429 -14.68 -10.88 39.33
C SER D 429 -15.72 -11.98 39.28
N GLY D 430 -16.49 -12.14 40.36
CA GLY D 430 -17.41 -13.25 40.47
C GLY D 430 -16.77 -14.54 40.92
N PHE D 431 -15.44 -14.55 41.09
CA PHE D 431 -14.79 -15.76 41.60
C PHE D 431 -15.25 -16.08 43.01
N LEU D 432 -15.72 -15.10 43.76
CA LEU D 432 -16.28 -15.38 45.07
C LEU D 432 -17.57 -16.20 44.97
N ASN D 433 -18.24 -16.18 43.82
CA ASN D 433 -19.43 -17.00 43.65
C ASN D 433 -19.08 -18.47 43.48
N ASP D 434 -17.88 -18.77 42.99
CA ASP D 434 -17.45 -20.16 42.82
C ASP D 434 -16.66 -20.67 44.03
N LEU D 435 -15.75 -19.85 44.56
CA LEU D 435 -15.01 -20.26 45.75
C LEU D 435 -15.94 -20.46 46.93
N TRP D 436 -16.95 -19.59 47.06
CA TRP D 436 -17.99 -19.75 48.07
C TRP D 436 -19.24 -20.23 47.35
N PHE D 437 -19.68 -21.45 47.65
CA PHE D 437 -20.97 -21.94 47.17
C PHE D 437 -22.09 -21.34 48.01
N THR D 438 -22.19 -20.02 47.95
CA THR D 438 -23.25 -19.25 48.61
C THR D 438 -24.06 -18.60 47.51
N LYS D 439 -25.10 -19.30 47.05
CA LYS D 439 -25.89 -18.79 45.93
C LYS D 439 -26.59 -17.49 46.28
N LYS D 440 -27.15 -17.40 47.48
CA LYS D 440 -27.88 -16.21 47.89
C LYS D 440 -26.98 -15.27 48.68
N MET E 1 51.69 32.72 38.08
CA MET E 1 50.24 32.59 38.03
C MET E 1 49.76 32.58 36.57
N ASP E 2 50.46 33.31 35.71
CA ASP E 2 50.08 33.39 34.31
C ASP E 2 50.19 32.01 33.65
N VAL E 3 49.14 31.62 32.94
CA VAL E 3 49.09 30.29 32.34
C VAL E 3 50.17 30.12 31.29
N LYS E 4 50.37 31.14 30.45
CA LYS E 4 51.40 31.04 29.41
C LYS E 4 52.79 30.94 30.03
N ALA E 5 53.06 31.75 31.05
CA ALA E 5 54.36 31.67 31.74
C ALA E 5 54.53 30.33 32.43
N GLU E 6 53.45 29.79 32.99
CA GLU E 6 53.52 28.47 33.60
C GLU E 6 53.87 27.40 32.56
N VAL E 7 53.26 27.47 31.38
CA VAL E 7 53.58 26.51 30.32
C VAL E 7 55.03 26.67 29.88
N ILE E 8 55.49 27.91 29.73
CA ILE E 8 56.87 28.15 29.30
C ILE E 8 57.85 27.58 30.32
N GLU E 9 57.58 27.79 31.60
CA GLU E 9 58.45 27.23 32.64
C GLU E 9 58.38 25.71 32.64
N ILE E 10 57.19 25.15 32.45
CA ILE E 10 57.02 23.70 32.55
C ILE E 10 57.75 22.98 31.43
N ILE E 11 57.66 23.50 30.21
CA ILE E 11 58.21 22.77 29.06
C ILE E 11 59.73 22.60 29.18
N ASP E 12 60.40 23.55 29.84
CA ASP E 12 61.85 23.48 29.97
C ASP E 12 62.32 23.20 31.40
N GLU E 13 61.40 22.98 32.34
CA GLU E 13 61.82 22.69 33.71
C GLU E 13 62.58 21.37 33.79
N LEU E 14 62.15 20.35 33.04
CA LEU E 14 62.71 19.01 33.16
C LEU E 14 63.56 18.63 31.96
N PHE E 15 63.00 18.69 30.75
CA PHE E 15 63.74 18.23 29.57
C PHE E 15 64.85 19.19 29.17
N MET E 16 64.64 20.50 29.34
CA MET E 16 65.58 21.52 28.87
C MET E 16 65.90 21.33 27.39
N GLU E 17 64.85 21.24 26.59
CA GLU E 17 64.98 21.07 25.15
C GLU E 17 65.18 22.40 24.42
N ASP E 18 65.15 23.52 25.14
CA ASP E 18 65.32 24.84 24.55
C ASP E 18 64.30 25.09 23.44
N VAL E 19 63.05 24.75 23.74
CA VAL E 19 61.96 24.89 22.78
C VAL E 19 61.22 26.21 22.96
N SER E 20 61.83 27.17 23.66
CA SER E 20 61.20 28.48 23.79
C SER E 20 61.13 29.19 22.45
N ASP E 21 62.20 29.11 21.65
CA ASP E 21 62.18 29.73 20.33
C ASP E 21 61.32 28.94 19.35
N MET E 22 61.27 27.61 19.50
CA MET E 22 60.47 26.76 18.62
C MET E 22 59.13 26.54 19.29
N MET E 23 58.17 27.42 18.99
CA MET E 23 56.82 27.31 19.52
C MET E 23 55.77 27.20 18.43
N ASP E 24 55.90 27.95 17.34
CA ASP E 24 54.94 27.90 16.26
C ASP E 24 55.15 26.70 15.34
N GLU E 25 56.31 26.06 15.41
CA GLU E 25 56.59 24.92 14.56
C GLU E 25 55.88 23.67 15.08
N ASP E 26 55.83 22.64 14.22
CA ASP E 26 55.14 21.40 14.55
C ASP E 26 55.99 20.60 15.54
N LEU E 27 55.46 20.40 16.75
CA LEU E 27 56.18 19.63 17.76
C LEU E 27 56.07 18.13 17.54
N PHE E 28 55.12 17.68 16.74
CA PHE E 28 54.97 16.25 16.49
C PHE E 28 56.21 15.68 15.79
N ASP E 29 56.75 16.41 14.82
CA ASP E 29 57.96 16.00 14.15
C ASP E 29 59.22 16.34 14.93
N ALA E 30 59.10 17.14 15.99
CA ALA E 30 60.24 17.53 16.80
C ALA E 30 60.65 16.46 17.81
N GLY E 31 59.86 15.40 17.97
CA GLY E 31 60.17 14.36 18.93
C GLY E 31 59.81 14.68 20.35
N VAL E 32 59.12 15.78 20.61
CA VAL E 32 58.72 16.15 21.96
C VAL E 32 57.37 15.56 22.33
N LEU E 33 56.40 15.68 21.43
CA LEU E 33 55.04 15.17 21.65
C LEU E 33 54.74 14.07 20.65
N ASP E 34 54.23 12.95 21.15
CA ASP E 34 53.91 11.80 20.31
C ASP E 34 52.59 11.22 20.79
N SER E 35 52.28 9.99 20.33
CA SER E 35 51.03 9.35 20.72
C SER E 35 51.00 8.99 22.19
N MET E 36 52.15 8.93 22.86
CA MET E 36 52.20 8.53 24.25
C MET E 36 52.77 9.59 25.18
N GLY E 37 53.72 10.41 24.70
CA GLY E 37 54.34 11.40 25.56
C GLY E 37 53.44 12.54 25.99
N THR E 38 52.37 12.79 25.22
CA THR E 38 51.48 13.90 25.56
C THR E 38 50.81 13.68 26.92
N VAL E 39 50.57 12.42 27.29
CA VAL E 39 49.96 12.14 28.58
C VAL E 39 50.91 12.54 29.70
N GLU E 40 52.22 12.43 29.48
CA GLU E 40 53.19 12.86 30.48
C GLU E 40 53.07 14.37 30.73
N LEU E 41 52.97 15.16 29.66
CA LEU E 41 52.79 16.59 29.84
C LEU E 41 51.44 16.91 30.48
N ILE E 42 50.40 16.15 30.14
CA ILE E 42 49.08 16.38 30.73
C ILE E 42 49.13 16.15 32.23
N VAL E 43 49.73 15.03 32.66
CA VAL E 43 49.79 14.75 34.09
C VAL E 43 50.75 15.71 34.78
N GLU E 44 51.74 16.24 34.06
CA GLU E 44 52.59 17.27 34.65
C GLU E 44 51.80 18.54 34.91
N LEU E 45 51.00 18.98 33.93
CA LEU E 45 50.16 20.15 34.11
C LEU E 45 49.09 19.94 35.17
N GLU E 46 48.67 18.70 35.39
CA GLU E 46 47.79 18.40 36.52
C GLU E 46 48.47 18.72 37.85
N SER E 47 49.80 18.58 37.90
CA SER E 47 50.52 18.87 39.14
C SER E 47 50.63 20.35 39.42
N ARG E 48 50.33 21.20 38.44
CA ARG E 48 50.35 22.64 38.62
C ARG E 48 48.95 23.24 38.77
N PHE E 49 48.06 22.96 37.82
CA PHE E 49 46.71 23.49 37.89
C PHE E 49 45.83 22.76 38.89
N ASP E 50 46.18 21.52 39.24
CA ASP E 50 45.40 20.69 40.16
C ASP E 50 43.95 20.56 39.70
N ILE E 51 43.78 20.32 38.41
CA ILE E 51 42.46 20.15 37.79
C ILE E 51 42.43 18.81 37.10
N ARG E 52 41.44 17.98 37.44
CA ARG E 52 41.30 16.64 36.89
C ARG E 52 40.60 16.73 35.54
N VAL E 53 41.37 17.03 34.51
CA VAL E 53 40.82 17.16 33.15
C VAL E 53 40.34 15.80 32.66
N PRO E 54 39.14 15.71 32.08
CA PRO E 54 38.66 14.42 31.57
C PRO E 54 39.54 13.90 30.44
N VAL E 55 39.68 12.58 30.39
CA VAL E 55 40.51 11.93 29.39
C VAL E 55 39.68 11.20 28.34
N SER E 56 38.45 10.78 28.66
CA SER E 56 37.58 10.17 27.66
C SER E 56 37.23 11.16 26.56
N GLU E 57 36.94 12.41 26.95
CA GLU E 57 36.60 13.43 25.96
C GLU E 57 37.83 13.94 25.22
N PHE E 58 39.03 13.75 25.77
CA PHE E 58 40.25 14.23 25.14
C PHE E 58 40.40 13.63 23.75
N GLY E 59 40.23 14.48 22.72
CA GLY E 59 40.35 14.02 21.35
C GLY E 59 41.77 14.06 20.83
N ARG E 60 41.94 13.50 19.63
CA ARG E 60 43.27 13.47 19.03
C ARG E 60 43.70 14.87 18.58
N ASP E 61 42.76 15.69 18.11
CA ASP E 61 43.04 17.05 17.69
C ASP E 61 42.66 18.08 18.75
N ASP E 62 42.35 17.63 19.97
CA ASP E 62 41.92 18.55 21.02
C ASP E 62 43.03 19.55 21.36
N TRP E 63 44.25 19.05 21.53
CA TRP E 63 45.35 19.90 21.95
C TRP E 63 46.47 19.89 20.92
N ASN E 64 46.11 20.04 19.64
CA ASN E 64 47.12 20.04 18.59
C ASN E 64 48.09 21.21 18.74
N THR E 65 47.58 22.39 19.08
CA THR E 65 48.40 23.57 19.27
C THR E 65 48.40 23.97 20.74
N ALA E 66 49.49 24.64 21.13
CA ALA E 66 49.62 25.09 22.52
C ALA E 66 48.55 26.12 22.87
N ASN E 67 48.16 26.95 21.90
CA ASN E 67 47.11 27.93 22.13
C ASN E 67 45.79 27.26 22.49
N LYS E 68 45.51 26.08 21.91
CA LYS E 68 44.32 25.35 22.29
C LYS E 68 44.34 24.99 23.76
N ILE E 69 45.49 24.51 24.26
CA ILE E 69 45.60 24.18 25.68
C ILE E 69 45.44 25.43 26.53
N VAL E 70 46.08 26.53 26.12
CA VAL E 70 46.05 27.77 26.90
C VAL E 70 44.62 28.29 27.01
N GLU E 71 43.87 28.24 25.91
CA GLU E 71 42.49 28.72 25.96
C GLU E 71 41.58 27.73 26.70
N GLY E 72 41.84 26.42 26.55
CA GLY E 72 40.98 25.44 27.19
C GLY E 72 41.09 25.44 28.70
N VAL E 73 42.32 25.59 29.22
CA VAL E 73 42.49 25.60 30.68
C VAL E 73 41.77 26.81 31.27
N THR E 74 41.88 27.97 30.64
CA THR E 74 41.16 29.15 31.11
C THR E 74 39.65 28.99 30.97
N GLU E 75 39.20 28.31 29.90
CA GLU E 75 37.78 28.07 29.73
C GLU E 75 37.23 27.19 30.85
N LEU E 76 37.97 26.14 31.22
CA LEU E 76 37.49 25.25 32.28
C LEU E 76 37.71 25.83 33.67
N ARG E 77 38.61 26.81 33.82
CA ARG E 77 38.80 27.43 35.13
C ARG E 77 37.55 28.17 35.59
N ASN E 78 36.93 28.95 34.69
CA ASN E 78 35.75 29.72 35.09
C ASN E 78 34.54 28.83 35.31
N ALA E 79 34.41 27.75 34.54
CA ALA E 79 33.29 26.84 34.69
C ALA E 79 33.65 25.69 35.63
N MET F 1 41.31 22.53 -48.87
CA MET F 1 40.98 21.55 -49.89
C MET F 1 39.49 21.22 -49.87
N ASP F 2 38.78 21.67 -50.89
CA ASP F 2 37.35 21.42 -50.99
C ASP F 2 37.07 19.94 -51.22
N VAL F 3 35.96 19.47 -50.66
CA VAL F 3 35.55 18.07 -50.82
C VAL F 3 34.24 17.92 -51.55
N LYS F 4 33.47 19.00 -51.75
CA LYS F 4 32.21 18.91 -52.46
C LYS F 4 32.41 18.48 -53.91
N ALA F 5 33.41 19.05 -54.58
CA ALA F 5 33.66 18.73 -55.98
C ALA F 5 34.04 17.26 -56.14
N GLU F 6 34.84 16.73 -55.22
CA GLU F 6 35.23 15.32 -55.29
C GLU F 6 34.02 14.41 -55.22
N VAL F 7 33.11 14.69 -54.28
CA VAL F 7 31.90 13.88 -54.14
C VAL F 7 31.02 14.00 -55.39
N ILE F 8 30.88 15.23 -55.90
CA ILE F 8 30.05 15.43 -57.09
C ILE F 8 30.60 14.66 -58.28
N GLU F 9 31.91 14.70 -58.47
CA GLU F 9 32.52 14.01 -59.60
C GLU F 9 32.50 12.49 -59.40
N ILE F 10 32.58 12.02 -58.15
CA ILE F 10 32.66 10.58 -57.91
C ILE F 10 31.29 9.91 -57.90
N ILE F 11 30.21 10.66 -57.65
CA ILE F 11 28.88 10.05 -57.65
C ILE F 11 28.53 9.53 -59.05
N ASP F 12 28.71 10.36 -60.07
CA ASP F 12 28.30 9.99 -61.42
C ASP F 12 29.20 8.94 -62.04
N GLU F 13 30.39 8.70 -61.47
CA GLU F 13 31.27 7.68 -62.01
C GLU F 13 30.69 6.28 -61.85
N LEU F 14 29.82 6.08 -60.87
CA LEU F 14 29.18 4.81 -60.63
C LEU F 14 27.66 4.84 -60.80
N PHE F 15 27.01 5.89 -60.32
CA PHE F 15 25.55 5.97 -60.44
C PHE F 15 25.08 6.34 -61.84
N MET F 16 25.98 6.91 -62.66
CA MET F 16 25.64 7.34 -64.01
C MET F 16 24.43 8.27 -64.01
N GLU F 17 24.42 9.20 -63.05
CA GLU F 17 23.33 10.15 -62.89
C GLU F 17 23.92 11.54 -62.69
N ASP F 18 23.39 12.52 -63.41
CA ASP F 18 23.89 13.89 -63.32
C ASP F 18 23.41 14.50 -62.00
N VAL F 19 24.36 14.81 -61.12
CA VAL F 19 24.07 15.36 -59.80
C VAL F 19 24.79 16.70 -59.59
N SER F 20 25.27 17.32 -60.67
CA SER F 20 25.98 18.59 -60.54
C SER F 20 25.05 19.69 -60.02
N ASP F 21 23.83 19.76 -60.55
CA ASP F 21 22.88 20.78 -60.15
C ASP F 21 21.87 20.29 -59.11
N MET F 22 21.51 19.01 -59.13
CA MET F 22 20.56 18.46 -58.18
C MET F 22 21.35 18.00 -56.95
N MET F 23 21.55 18.93 -56.02
CA MET F 23 22.30 18.67 -54.79
C MET F 23 21.47 18.84 -53.54
N ASP F 24 20.73 19.95 -53.43
CA ASP F 24 19.91 20.19 -52.25
C ASP F 24 18.57 19.46 -52.30
N GLU F 25 18.16 18.97 -53.46
CA GLU F 25 16.90 18.24 -53.56
C GLU F 25 17.01 16.92 -52.81
N ASP F 26 15.90 16.53 -52.17
CA ASP F 26 15.87 15.30 -51.39
C ASP F 26 16.11 14.09 -52.30
N LEU F 27 17.15 13.31 -51.99
CA LEU F 27 17.45 12.14 -52.80
C LEU F 27 16.43 11.03 -52.61
N PHE F 28 15.78 10.98 -51.45
CA PHE F 28 14.80 9.94 -51.19
C PHE F 28 13.62 10.04 -52.15
N ASP F 29 13.12 11.25 -52.39
CA ASP F 29 12.03 11.43 -53.33
C ASP F 29 12.50 11.27 -54.77
N ALA F 30 13.74 11.65 -55.07
CA ALA F 30 14.25 11.54 -56.43
C ALA F 30 14.61 10.11 -56.81
N GLY F 31 14.78 9.23 -55.84
CA GLY F 31 15.15 7.86 -56.14
C GLY F 31 16.61 7.65 -56.48
N VAL F 32 17.44 8.68 -56.35
CA VAL F 32 18.86 8.54 -56.64
C VAL F 32 19.52 7.58 -55.65
N LEU F 33 19.22 7.73 -54.36
CA LEU F 33 19.80 6.92 -53.31
C LEU F 33 18.72 6.02 -52.71
N ASP F 34 18.90 4.71 -52.85
CA ASP F 34 17.92 3.73 -52.35
C ASP F 34 18.31 3.19 -50.97
N SER F 35 18.46 4.09 -50.00
CA SER F 35 18.74 3.74 -48.61
C SER F 35 20.08 3.03 -48.47
N MET F 36 20.16 1.79 -48.94
CA MET F 36 21.41 1.04 -48.85
C MET F 36 22.47 1.57 -49.80
N GLY F 37 22.06 2.28 -50.85
CA GLY F 37 23.01 2.73 -51.86
C GLY F 37 24.17 3.53 -51.30
N THR F 38 23.92 4.27 -50.21
CA THR F 38 24.95 5.10 -49.63
C THR F 38 26.16 4.31 -49.19
N VAL F 39 26.01 3.00 -48.95
CA VAL F 39 27.15 2.18 -48.60
C VAL F 39 28.21 2.23 -49.70
N GLU F 40 27.77 2.19 -50.96
CA GLU F 40 28.73 2.27 -52.07
C GLU F 40 29.47 3.59 -52.06
N LEU F 41 28.85 4.64 -51.51
CA LEU F 41 29.57 5.91 -51.36
C LEU F 41 30.57 5.86 -50.21
N ILE F 42 30.25 5.12 -49.14
CA ILE F 42 31.10 5.12 -47.95
C ILE F 42 32.49 4.60 -48.30
N VAL F 43 32.56 3.49 -49.06
CA VAL F 43 33.85 2.94 -49.44
C VAL F 43 34.65 3.95 -50.27
N GLU F 44 33.95 4.84 -50.99
CA GLU F 44 34.65 5.86 -51.75
C GLU F 44 35.50 6.74 -50.83
N LEU F 45 35.00 7.03 -49.63
CA LEU F 45 35.80 7.78 -48.67
C LEU F 45 37.07 7.01 -48.32
N GLU F 46 36.96 5.69 -48.16
CA GLU F 46 38.14 4.87 -47.91
C GLU F 46 39.01 4.72 -49.15
N SER F 47 38.47 5.03 -50.33
CA SER F 47 39.23 4.84 -51.56
C SER F 47 40.46 5.73 -51.60
N ARG F 48 40.32 6.99 -51.19
CA ARG F 48 41.40 7.96 -51.28
C ARG F 48 41.76 8.59 -49.95
N PHE F 49 40.78 8.90 -49.10
CA PHE F 49 41.04 9.58 -47.84
C PHE F 49 41.50 8.63 -46.74
N ASP F 50 41.35 7.32 -46.92
CA ASP F 50 41.80 6.32 -45.95
C ASP F 50 41.20 6.54 -44.56
N ILE F 51 39.93 6.98 -44.53
CA ILE F 51 39.20 7.17 -43.29
C ILE F 51 37.86 6.47 -43.41
N ARG F 52 37.46 5.77 -42.35
CA ARG F 52 36.23 4.99 -42.35
C ARG F 52 35.24 5.63 -41.37
N VAL F 53 34.08 5.99 -41.88
CA VAL F 53 33.01 6.53 -41.02
C VAL F 53 32.41 5.40 -40.19
N PRO F 54 32.23 5.59 -38.88
CA PRO F 54 31.61 4.53 -38.07
C PRO F 54 30.21 4.21 -38.57
N VAL F 55 29.85 2.94 -38.50
CA VAL F 55 28.55 2.46 -38.95
C VAL F 55 27.87 1.67 -37.84
N SER F 56 28.33 1.89 -36.59
CA SER F 56 27.67 1.27 -35.46
C SER F 56 26.29 1.86 -35.23
N GLU F 57 26.17 3.18 -35.23
CA GLU F 57 24.91 3.87 -35.01
C GLU F 57 24.31 4.43 -36.28
N PHE F 58 24.87 4.09 -37.45
CA PHE F 58 24.46 4.69 -38.71
C PHE F 58 23.06 4.23 -39.07
N GLY F 59 22.07 5.07 -38.77
CA GLY F 59 20.71 4.87 -39.21
C GLY F 59 20.33 5.87 -40.29
N ARG F 60 19.07 5.77 -40.73
CA ARG F 60 18.56 6.66 -41.76
C ARG F 60 17.93 7.92 -41.15
N ASP F 61 18.67 8.55 -40.24
CA ASP F 61 18.25 9.81 -39.64
C ASP F 61 19.36 10.84 -39.49
N ASP F 62 20.63 10.42 -39.50
CA ASP F 62 21.75 11.32 -39.26
C ASP F 62 22.41 11.77 -40.56
N TRP F 63 22.88 10.81 -41.37
CA TRP F 63 23.59 11.11 -42.61
C TRP F 63 22.68 10.96 -43.83
N ASN F 64 21.39 11.26 -43.69
CA ASN F 64 20.45 11.07 -44.78
C ASN F 64 20.76 11.99 -45.95
N THR F 65 21.06 13.26 -45.68
CA THR F 65 21.30 14.23 -46.74
C THR F 65 22.77 14.25 -47.12
N ALA F 66 23.04 14.60 -48.38
CA ALA F 66 24.41 14.68 -48.85
C ALA F 66 25.19 15.79 -48.15
N ASN F 67 24.49 16.84 -47.72
CA ASN F 67 25.16 17.90 -46.96
C ASN F 67 25.75 17.37 -45.66
N LYS F 68 25.00 16.49 -44.98
CA LYS F 68 25.53 15.86 -43.78
C LYS F 68 26.77 15.03 -44.08
N ILE F 69 26.75 14.30 -45.19
CA ILE F 69 27.91 13.50 -45.59
C ILE F 69 29.12 14.41 -45.83
N VAL F 70 28.89 15.53 -46.52
CA VAL F 70 30.00 16.45 -46.81
C VAL F 70 30.55 17.06 -45.52
N GLU F 71 29.68 17.47 -44.60
CA GLU F 71 30.14 18.17 -43.41
C GLU F 71 30.76 17.22 -42.38
N GLY F 72 30.30 15.98 -42.29
CA GLY F 72 30.73 15.12 -41.20
C GLY F 72 32.14 14.58 -41.36
N VAL F 73 32.61 14.46 -42.61
CA VAL F 73 33.94 13.89 -42.83
C VAL F 73 35.02 14.80 -42.26
N THR F 74 34.82 16.12 -42.34
CA THR F 74 35.80 17.05 -41.80
C THR F 74 35.91 16.92 -40.29
N GLU F 75 34.77 16.77 -39.59
CA GLU F 75 34.81 16.61 -38.14
C GLU F 75 35.36 15.24 -37.74
N LEU F 76 35.02 14.20 -38.51
CA LEU F 76 35.41 12.84 -38.15
C LEU F 76 36.93 12.64 -38.20
N ARG F 77 37.67 13.54 -38.85
CA ARG F 77 39.12 13.41 -38.92
C ARG F 77 39.83 14.01 -37.72
N ASN F 78 39.10 14.65 -36.80
CA ASN F 78 39.71 15.27 -35.62
C ASN F 78 39.24 14.64 -34.33
N ALA F 79 37.93 14.46 -34.14
CA ALA F 79 37.39 13.89 -32.91
C ALA F 79 37.73 12.40 -32.80
N MET G 1 -47.51 32.67 -50.77
CA MET G 1 -46.15 32.64 -51.32
C MET G 1 -45.16 33.26 -50.34
N ASP G 2 -45.66 33.76 -49.22
CA ASP G 2 -44.83 34.40 -48.21
C ASP G 2 -44.51 33.39 -47.12
N VAL G 3 -43.22 33.16 -46.87
CA VAL G 3 -42.81 32.20 -45.86
C VAL G 3 -43.13 32.73 -44.46
N LYS G 4 -42.92 34.02 -44.23
CA LYS G 4 -43.22 34.61 -42.92
C LYS G 4 -44.70 34.50 -42.60
N ALA G 5 -45.57 34.81 -43.57
CA ALA G 5 -47.00 34.62 -43.37
C ALA G 5 -47.35 33.14 -43.28
N GLU G 6 -46.60 32.28 -43.98
CA GLU G 6 -46.83 30.85 -43.90
C GLU G 6 -46.59 30.33 -42.48
N VAL G 7 -45.58 30.87 -41.80
CA VAL G 7 -45.28 30.44 -40.44
C VAL G 7 -46.47 30.71 -39.52
N ILE G 8 -47.05 31.91 -39.64
CA ILE G 8 -48.23 32.23 -38.82
C ILE G 8 -49.41 31.38 -39.24
N GLU G 9 -49.60 31.18 -40.54
CA GLU G 9 -50.75 30.40 -41.02
C GLU G 9 -50.67 28.94 -40.61
N ILE G 10 -49.48 28.41 -40.37
CA ILE G 10 -49.32 26.99 -40.06
C ILE G 10 -50.07 26.63 -38.78
N ILE G 11 -49.92 27.45 -37.74
CA ILE G 11 -50.50 27.09 -36.45
C ILE G 11 -52.02 27.10 -36.50
N ASP G 12 -52.61 28.00 -37.29
CA ASP G 12 -54.06 28.10 -37.36
C ASP G 12 -54.67 27.23 -38.46
N GLU G 13 -53.86 26.66 -39.35
CA GLU G 13 -54.41 25.81 -40.40
C GLU G 13 -54.95 24.50 -39.86
N LEU G 14 -54.47 24.04 -38.70
CA LEU G 14 -54.84 22.72 -38.20
C LEU G 14 -55.94 22.79 -37.14
N PHE G 15 -55.71 23.53 -36.06
CA PHE G 15 -56.71 23.61 -34.99
C PHE G 15 -57.83 24.60 -35.29
N MET G 16 -57.57 25.60 -36.15
CA MET G 16 -58.57 26.60 -36.51
C MET G 16 -59.12 27.32 -35.28
N GLU G 17 -58.25 27.57 -34.30
CA GLU G 17 -58.65 28.20 -33.06
C GLU G 17 -58.17 29.64 -32.92
N ASP G 18 -57.49 30.18 -33.94
CA ASP G 18 -57.00 31.56 -33.92
C ASP G 18 -56.08 31.79 -32.70
N VAL G 19 -54.97 31.07 -32.69
CA VAL G 19 -54.00 31.17 -31.61
C VAL G 19 -52.82 32.06 -32.01
N SER G 20 -53.01 32.96 -32.97
CA SER G 20 -51.93 33.85 -33.38
C SER G 20 -51.52 34.77 -32.24
N ASP G 21 -52.48 35.29 -31.48
CA ASP G 21 -52.15 36.16 -30.35
C ASP G 21 -51.36 35.40 -29.29
N MET G 22 -51.74 34.15 -29.01
CA MET G 22 -51.02 33.33 -28.04
C MET G 22 -49.85 32.64 -28.74
N MET G 23 -48.90 33.48 -29.16
CA MET G 23 -47.71 33.02 -29.88
C MET G 23 -46.54 32.79 -28.93
N ASP G 24 -46.13 33.82 -28.19
CA ASP G 24 -45.01 33.73 -27.27
C ASP G 24 -45.44 33.40 -25.84
N GLU G 25 -46.75 33.27 -25.59
CA GLU G 25 -47.25 32.98 -24.26
C GLU G 25 -47.05 31.51 -23.92
N ASP G 26 -47.27 31.19 -22.65
CA ASP G 26 -47.13 29.82 -22.17
C ASP G 26 -48.25 28.96 -22.74
N LEU G 27 -47.90 28.05 -23.66
CA LEU G 27 -48.90 27.17 -24.24
C LEU G 27 -49.46 26.21 -23.19
N PHE G 28 -48.61 25.74 -22.28
CA PHE G 28 -49.08 24.85 -21.22
C PHE G 28 -50.08 25.56 -20.32
N ASP G 29 -49.82 26.82 -19.97
CA ASP G 29 -50.75 27.57 -19.13
C ASP G 29 -52.09 27.75 -19.83
N ALA G 30 -52.07 28.05 -21.14
CA ALA G 30 -53.31 28.20 -21.88
C ALA G 30 -54.03 26.86 -22.01
N GLY G 31 -53.29 25.77 -22.17
CA GLY G 31 -53.88 24.46 -22.33
C GLY G 31 -54.32 24.11 -23.73
N VAL G 32 -54.10 25.01 -24.70
CA VAL G 32 -54.49 24.72 -26.08
C VAL G 32 -53.69 23.53 -26.61
N LEU G 33 -52.39 23.52 -26.35
CA LEU G 33 -51.50 22.46 -26.80
C LEU G 33 -50.76 21.87 -25.62
N ASP G 34 -50.33 20.62 -25.76
CA ASP G 34 -49.70 19.90 -24.66
C ASP G 34 -48.65 18.96 -25.24
N SER G 35 -48.22 17.98 -24.44
CA SER G 35 -47.21 17.02 -24.90
C SER G 35 -47.67 16.20 -26.09
N MET G 36 -48.98 16.02 -26.26
CA MET G 36 -49.53 15.27 -27.36
C MET G 36 -50.16 16.12 -28.44
N GLY G 37 -50.78 17.24 -28.06
CA GLY G 37 -51.41 18.10 -29.05
C GLY G 37 -50.42 18.78 -29.96
N THR G 38 -49.26 19.19 -29.42
CA THR G 38 -48.27 19.91 -30.22
C THR G 38 -47.59 19.01 -31.24
N VAL G 39 -47.65 17.69 -31.07
CA VAL G 39 -47.02 16.79 -32.03
C VAL G 39 -47.68 16.92 -33.40
N GLU G 40 -48.99 17.16 -33.43
CA GLU G 40 -49.67 17.35 -34.71
C GLU G 40 -49.12 18.56 -35.44
N LEU G 41 -48.92 19.67 -34.74
CA LEU G 41 -48.32 20.84 -35.37
C LEU G 41 -46.89 20.56 -35.80
N ILE G 42 -46.15 19.79 -34.99
CA ILE G 42 -44.78 19.46 -35.32
C ILE G 42 -44.72 18.68 -36.64
N VAL G 43 -45.60 17.70 -36.80
CA VAL G 43 -45.58 16.88 -38.01
C VAL G 43 -46.27 17.56 -39.19
N GLU G 44 -47.07 18.60 -38.94
CA GLU G 44 -47.77 19.26 -40.04
C GLU G 44 -46.80 19.91 -41.02
N LEU G 45 -45.74 20.56 -40.51
CA LEU G 45 -44.82 21.27 -41.38
C LEU G 45 -43.92 20.34 -42.18
N GLU G 46 -43.77 19.09 -41.75
CA GLU G 46 -42.91 18.16 -42.49
C GLU G 46 -43.48 17.89 -43.88
N SER G 47 -44.80 17.72 -43.99
CA SER G 47 -45.43 17.42 -45.27
C SER G 47 -45.42 18.60 -46.23
N ARG G 48 -45.11 19.80 -45.76
CA ARG G 48 -45.09 20.99 -46.60
C ARG G 48 -43.69 21.47 -46.92
N PHE G 49 -42.86 21.71 -45.90
CA PHE G 49 -41.52 22.25 -46.11
C PHE G 49 -40.47 21.16 -46.30
N ASP G 50 -40.81 19.89 -46.09
CA ASP G 50 -39.91 18.76 -46.29
C ASP G 50 -38.67 18.89 -45.39
N ILE G 51 -38.91 18.84 -44.09
CA ILE G 51 -37.85 18.78 -43.08
C ILE G 51 -38.06 17.53 -42.26
N ARG G 52 -37.03 16.68 -42.19
CA ARG G 52 -37.07 15.47 -41.38
C ARG G 52 -36.34 15.76 -40.06
N VAL G 53 -37.04 16.47 -39.19
CA VAL G 53 -36.44 16.84 -37.90
C VAL G 53 -36.27 15.59 -37.05
N PRO G 54 -35.10 15.36 -36.47
CA PRO G 54 -34.89 14.16 -35.64
C PRO G 54 -35.74 14.17 -34.38
N VAL G 55 -36.69 13.23 -34.29
CA VAL G 55 -37.53 13.09 -33.11
C VAL G 55 -37.02 12.03 -32.15
N SER G 56 -35.99 11.27 -32.54
CA SER G 56 -35.45 10.25 -31.65
C SER G 56 -34.88 10.85 -30.38
N GLU G 57 -34.20 11.99 -30.50
CA GLU G 57 -33.62 12.67 -29.35
C GLU G 57 -34.51 13.80 -28.83
N PHE G 58 -35.76 13.87 -29.28
CA PHE G 58 -36.65 14.99 -28.97
C PHE G 58 -36.98 14.95 -27.48
N GLY G 59 -36.36 15.85 -26.71
CA GLY G 59 -36.65 16.00 -25.31
C GLY G 59 -37.57 17.19 -25.05
N ARG G 60 -37.88 17.37 -23.78
CA ARG G 60 -38.75 18.48 -23.36
C ARG G 60 -37.94 19.75 -23.10
N ASP G 61 -36.99 20.03 -23.99
CA ASP G 61 -36.17 21.23 -23.91
C ASP G 61 -35.99 21.94 -25.24
N ASP G 62 -36.32 21.32 -26.38
CA ASP G 62 -36.02 21.92 -27.67
C ASP G 62 -37.07 22.94 -28.07
N TRP G 63 -38.33 22.51 -28.18
CA TRP G 63 -39.40 23.35 -28.69
C TRP G 63 -40.27 23.94 -27.59
N ASN G 64 -39.67 24.25 -26.43
CA ASN G 64 -40.43 24.84 -25.34
C ASN G 64 -40.76 26.30 -25.58
N THR G 65 -40.08 26.95 -26.52
CA THR G 65 -40.34 28.33 -26.89
C THR G 65 -40.65 28.41 -28.38
N ALA G 66 -41.68 29.18 -28.72
CA ALA G 66 -42.12 29.29 -30.11
C ALA G 66 -41.12 30.07 -30.97
N ASN G 67 -40.41 31.03 -30.37
CA ASN G 67 -39.46 31.82 -31.15
C ASN G 67 -38.27 30.98 -31.59
N LYS G 68 -37.83 30.04 -30.75
CA LYS G 68 -36.64 29.26 -31.06
C LYS G 68 -36.86 28.32 -32.24
N ILE G 69 -38.07 27.76 -32.35
CA ILE G 69 -38.31 26.76 -33.38
C ILE G 69 -38.26 27.38 -34.76
N VAL G 70 -38.74 28.61 -34.92
CA VAL G 70 -38.74 29.26 -36.23
C VAL G 70 -37.31 29.48 -36.71
N GLU G 71 -36.45 30.05 -35.85
CA GLU G 71 -35.07 30.27 -36.24
C GLU G 71 -34.33 28.96 -36.45
N GLY G 72 -34.63 27.93 -35.64
CA GLY G 72 -33.99 26.64 -35.84
C GLY G 72 -34.34 26.01 -37.18
N VAL G 73 -35.63 26.02 -37.53
CA VAL G 73 -36.04 25.41 -38.80
C VAL G 73 -35.51 26.21 -39.98
N THR G 74 -35.49 27.54 -39.86
CA THR G 74 -34.93 28.35 -40.95
C THR G 74 -33.43 28.11 -41.10
N GLU G 75 -32.72 27.92 -39.98
CA GLU G 75 -31.29 27.63 -40.05
C GLU G 75 -31.03 26.26 -40.66
N LEU G 76 -31.84 25.26 -40.32
CA LEU G 76 -31.63 23.92 -40.84
C LEU G 76 -32.27 23.70 -42.22
N ARG G 77 -33.00 24.69 -42.74
CA ARG G 77 -33.56 24.57 -44.08
C ARG G 77 -32.48 24.34 -45.13
N ASN G 78 -31.43 25.18 -45.11
CA ASN G 78 -30.35 25.05 -46.08
C ASN G 78 -29.25 24.10 -45.62
N ALA G 79 -29.25 23.71 -44.36
CA ALA G 79 -28.24 22.80 -43.83
C ALA G 79 -28.53 21.36 -44.27
N MET H 1 -34.01 44.09 41.13
CA MET H 1 -33.30 43.11 41.93
C MET H 1 -31.82 43.07 41.56
N ASP H 2 -30.94 43.08 42.56
CA ASP H 2 -29.50 43.07 42.37
C ASP H 2 -28.96 41.70 42.74
N VAL H 3 -28.26 41.06 41.80
CA VAL H 3 -27.62 39.77 42.09
C VAL H 3 -26.46 39.97 43.05
N LYS H 4 -25.73 41.08 42.91
CA LYS H 4 -24.55 41.31 43.74
C LYS H 4 -24.92 41.41 45.21
N ALA H 5 -26.04 42.08 45.52
CA ALA H 5 -26.46 42.20 46.91
C ALA H 5 -26.77 40.84 47.52
N GLU H 6 -27.50 40.00 46.77
CA GLU H 6 -27.81 38.66 47.26
C GLU H 6 -26.53 37.85 47.45
N VAL H 7 -25.59 37.95 46.51
CA VAL H 7 -24.35 37.19 46.61
C VAL H 7 -23.56 37.61 47.84
N ILE H 8 -23.43 38.92 48.05
CA ILE H 8 -22.63 39.39 49.18
C ILE H 8 -23.33 39.10 50.50
N GLU H 9 -24.66 39.09 50.53
CA GLU H 9 -25.37 38.79 51.76
C GLU H 9 -25.47 37.30 52.03
N ILE H 10 -25.21 36.46 51.03
CA ILE H 10 -25.29 35.01 51.24
C ILE H 10 -23.90 34.44 51.50
N ILE H 11 -22.86 35.11 50.99
CA ILE H 11 -21.50 34.62 51.19
C ILE H 11 -21.11 34.67 52.66
N ASP H 12 -21.46 35.75 53.34
CA ASP H 12 -21.14 35.89 54.76
C ASP H 12 -22.11 35.17 55.67
N GLU H 13 -23.07 34.44 55.12
CA GLU H 13 -24.05 33.72 55.91
C GLU H 13 -24.00 32.21 55.73
N LEU H 14 -23.71 31.71 54.54
CA LEU H 14 -23.67 30.27 54.33
C LEU H 14 -22.45 29.62 54.98
N PHE H 15 -21.38 30.39 55.20
CA PHE H 15 -20.18 29.88 55.85
C PHE H 15 -20.01 30.38 57.27
N MET H 16 -20.90 31.27 57.73
CA MET H 16 -20.82 31.86 59.08
C MET H 16 -19.50 32.60 59.30
N GLU H 17 -18.88 33.07 58.21
CA GLU H 17 -17.62 33.79 58.28
C GLU H 17 -17.69 35.00 57.36
N ASP H 18 -17.21 36.14 57.86
CA ASP H 18 -17.23 37.38 57.09
C ASP H 18 -16.02 37.37 56.14
N VAL H 19 -16.26 36.99 54.89
CA VAL H 19 -15.20 36.95 53.88
C VAL H 19 -15.62 37.79 52.69
N SER H 20 -16.46 38.81 52.93
CA SER H 20 -16.95 39.65 51.85
C SER H 20 -15.87 40.53 51.24
N ASP H 21 -14.76 40.75 51.97
CA ASP H 21 -13.70 41.61 51.44
C ASP H 21 -12.95 40.94 50.30
N MET H 22 -12.95 39.60 50.26
CA MET H 22 -12.32 38.86 49.17
C MET H 22 -13.41 38.29 48.27
N MET H 23 -13.35 38.63 46.98
CA MET H 23 -14.32 38.13 46.01
C MET H 23 -13.62 37.56 44.79
N ASP H 24 -12.46 38.11 44.44
CA ASP H 24 -11.71 37.67 43.27
C ASP H 24 -10.69 36.58 43.60
N GLU H 25 -10.56 36.20 44.86
CA GLU H 25 -9.61 35.15 45.21
C GLU H 25 -10.08 33.80 44.69
N ASP H 26 -9.12 32.94 44.34
CA ASP H 26 -9.40 31.62 43.82
C ASP H 26 -9.74 30.69 44.98
N LEU H 27 -10.99 30.24 45.03
CA LEU H 27 -11.42 29.33 46.10
C LEU H 27 -10.84 27.93 45.94
N PHE H 28 -10.24 27.61 44.79
CA PHE H 28 -9.59 26.32 44.64
C PHE H 28 -8.43 26.17 45.61
N ASP H 29 -7.65 27.24 45.79
CA ASP H 29 -6.55 27.24 46.76
C ASP H 29 -6.90 27.94 48.07
N ALA H 30 -7.96 28.76 48.08
CA ALA H 30 -8.37 29.43 49.30
C ALA H 30 -8.85 28.43 50.36
N GLY H 31 -9.59 27.42 49.94
CA GLY H 31 -10.11 26.42 50.84
C GLY H 31 -11.38 26.81 51.57
N VAL H 32 -11.94 27.99 51.29
CA VAL H 32 -13.17 28.40 51.94
C VAL H 32 -14.32 27.48 51.54
N LEU H 33 -14.41 27.15 50.25
CA LEU H 33 -15.45 26.27 49.73
C LEU H 33 -14.81 25.14 48.95
N ASP H 34 -15.31 23.92 49.16
CA ASP H 34 -14.80 22.74 48.48
C ASP H 34 -15.36 22.65 47.06
N SER H 35 -14.77 21.74 46.29
CA SER H 35 -15.23 21.54 44.91
C SER H 35 -16.66 21.03 44.86
N MET H 36 -17.00 20.09 45.73
CA MET H 36 -18.35 19.52 45.74
C MET H 36 -19.34 20.39 46.51
N GLY H 37 -18.89 21.42 47.20
CA GLY H 37 -19.78 22.27 47.97
C GLY H 37 -20.48 23.35 47.17
N THR H 38 -20.06 23.58 45.92
CA THR H 38 -20.66 24.65 45.13
C THR H 38 -22.15 24.45 44.94
N VAL H 39 -22.62 23.20 45.03
CA VAL H 39 -24.05 22.93 44.89
C VAL H 39 -24.84 23.68 45.94
N GLU H 40 -24.25 23.90 47.11
CA GLU H 40 -24.94 24.66 48.16
C GLU H 40 -25.38 26.03 47.65
N LEU H 41 -24.56 26.66 46.80
CA LEU H 41 -24.96 27.93 46.23
C LEU H 41 -25.98 27.74 45.11
N ILE H 42 -25.84 26.66 44.34
CA ILE H 42 -26.71 26.46 43.18
C ILE H 42 -28.17 26.37 43.60
N VAL H 43 -28.45 25.60 44.66
CA VAL H 43 -29.80 25.55 45.18
C VAL H 43 -30.20 26.91 45.77
N GLU H 44 -29.24 27.61 46.38
CA GLU H 44 -29.55 28.86 47.08
C GLU H 44 -30.18 29.88 46.14
N LEU H 45 -29.55 30.12 45.00
CA LEU H 45 -30.12 31.07 44.04
C LEU H 45 -31.47 30.59 43.52
N GLU H 46 -31.67 29.27 43.48
CA GLU H 46 -32.98 28.75 43.09
C GLU H 46 -34.07 29.24 44.04
N SER H 47 -33.74 29.40 45.32
CA SER H 47 -34.71 29.94 46.27
C SER H 47 -34.94 31.44 46.04
N ARG H 48 -33.94 32.14 45.51
CA ARG H 48 -34.01 33.59 45.36
C ARG H 48 -34.33 34.01 43.93
N PHE H 49 -33.51 33.58 42.96
CA PHE H 49 -33.70 33.97 41.58
C PHE H 49 -34.69 33.08 40.84
N ASP H 50 -35.06 31.93 41.41
CA ASP H 50 -36.02 31.01 40.80
C ASP H 50 -35.58 30.54 39.42
N ILE H 51 -34.28 30.48 39.19
CA ILE H 51 -33.71 29.97 37.94
C ILE H 51 -32.70 28.89 38.29
N ARG H 52 -32.79 27.75 37.61
CA ARG H 52 -31.96 26.60 37.92
C ARG H 52 -30.82 26.50 36.91
N VAL H 53 -29.59 26.45 37.42
CA VAL H 53 -28.42 26.38 36.56
C VAL H 53 -28.25 24.94 36.06
N PRO H 54 -28.08 24.73 34.76
CA PRO H 54 -27.85 23.37 34.26
C PRO H 54 -26.57 22.77 34.84
N VAL H 55 -26.58 21.46 35.02
CA VAL H 55 -25.41 20.72 35.51
C VAL H 55 -25.13 19.55 34.59
N SER H 56 -25.76 19.56 33.42
CA SER H 56 -25.53 18.49 32.44
C SER H 56 -24.11 18.52 31.92
N GLU H 57 -23.60 19.70 31.58
CA GLU H 57 -22.27 19.84 31.01
C GLU H 57 -21.38 20.81 31.75
N PHE H 58 -21.90 21.55 32.73
CA PHE H 58 -21.12 22.54 33.45
C PHE H 58 -20.32 21.82 34.52
N GLY H 59 -19.10 21.40 34.16
CA GLY H 59 -18.28 20.67 35.10
C GLY H 59 -16.93 21.29 35.40
N ARG H 60 -16.77 21.80 36.62
CA ARG H 60 -15.49 22.15 37.21
C ARG H 60 -14.78 23.32 36.52
N ASP H 61 -15.33 23.80 35.40
CA ASP H 61 -14.72 24.92 34.68
C ASP H 61 -15.71 25.97 34.21
N ASP H 62 -17.00 25.65 34.04
CA ASP H 62 -17.92 26.56 33.38
C ASP H 62 -18.16 27.81 34.21
N TRP H 63 -18.50 27.65 35.49
CA TRP H 63 -18.85 28.77 36.36
C TRP H 63 -18.04 28.72 37.65
N ASN H 64 -16.73 28.54 37.51
CA ASN H 64 -15.87 28.42 38.69
C ASN H 64 -15.77 29.75 39.43
N THR H 65 -15.53 30.84 38.73
CA THR H 65 -15.27 32.12 39.38
C THR H 65 -16.56 32.73 39.92
N ALA H 66 -16.42 33.48 41.02
CA ALA H 66 -17.59 34.09 41.66
C ALA H 66 -18.21 35.16 40.78
N ASN H 67 -17.38 35.95 40.08
CA ASN H 67 -17.91 36.99 39.21
C ASN H 67 -18.74 36.39 38.08
N LYS H 68 -18.29 35.27 37.52
CA LYS H 68 -19.06 34.59 36.50
C LYS H 68 -20.39 34.08 37.05
N ILE H 69 -20.38 33.60 38.29
CA ILE H 69 -21.63 33.21 38.94
C ILE H 69 -22.57 34.40 39.07
N VAL H 70 -22.03 35.55 39.45
CA VAL H 70 -22.85 36.75 39.61
C VAL H 70 -23.46 37.16 38.28
N GLU H 71 -22.67 37.13 37.21
CA GLU H 71 -23.17 37.56 35.90
C GLU H 71 -23.97 36.48 35.18
N GLY H 72 -23.98 35.25 35.68
CA GLY H 72 -24.71 34.18 35.02
C GLY H 72 -26.21 34.44 34.95
N VAL H 73 -26.79 34.97 36.02
CA VAL H 73 -28.22 35.27 36.01
C VAL H 73 -28.53 36.34 34.96
N THR H 74 -27.70 37.38 34.88
CA THR H 74 -27.90 38.42 33.89
C THR H 74 -27.77 37.85 32.48
N GLU H 75 -26.78 36.98 32.26
CA GLU H 75 -26.61 36.38 30.94
C GLU H 75 -27.81 35.51 30.56
N LEU H 76 -28.32 34.73 31.52
CA LEU H 76 -29.47 33.88 31.24
C LEU H 76 -30.77 34.67 31.10
N ARG H 77 -30.82 35.89 31.64
CA ARG H 77 -32.03 36.71 31.50
C ARG H 77 -32.30 37.03 30.03
N ASN H 78 -31.24 37.20 29.24
CA ASN H 78 -31.43 37.46 27.81
C ASN H 78 -32.12 36.28 27.12
N ALA H 79 -31.72 35.06 27.46
CA ALA H 79 -32.29 33.87 26.85
C ALA H 79 -32.88 32.94 27.91
#